data_5WOZ
#
_entry.id   5WOZ
#
_entity_poly.entity_id   1
_entity_poly.type   'polypeptide(L)'
_entity_poly.pdbx_seq_one_letter_code
;SEQFTTKLNTLEDSQESISSASKWLLLQYRDAPKVAEMWKEYMLRPSVNTRRKLLGLYLMNHVVQQAKGQKIIQFQDSFG
KVAAEVLGRINQEFPRDLKKKLSRVVNILKERNIFSKQVVNDIERSLAAALEHHHHHH
;
_entity_poly.pdbx_strand_id   A
#
# COMPACT_ATOMS: atom_id res chain seq x y z
N SER A 1 -14.97 4.05 4.99
CA SER A 1 -15.35 4.68 6.24
C SER A 1 -14.17 4.79 7.19
N GLU A 2 -14.43 5.28 8.40
CA GLU A 2 -13.38 5.48 9.39
C GLU A 2 -12.87 4.15 9.93
N GLN A 3 -13.58 3.07 9.59
CA GLN A 3 -13.20 1.74 10.03
C GLN A 3 -11.81 1.36 9.51
N PHE A 4 -11.43 1.95 8.38
CA PHE A 4 -10.09 1.78 7.85
C PHE A 4 -9.03 2.26 8.85
N THR A 5 -9.21 3.46 9.36
CA THR A 5 -8.26 4.06 10.29
C THR A 5 -8.30 3.36 11.64
N THR A 6 -9.46 2.78 11.96
CA THR A 6 -9.60 1.97 13.17
C THR A 6 -8.70 0.75 13.12
N LYS A 7 -8.69 0.06 11.98
CA LYS A 7 -7.87 -1.14 11.80
C LYS A 7 -6.42 -0.76 11.54
N LEU A 8 -6.21 0.39 10.91
CA LEU A 8 -4.86 0.86 10.61
C LEU A 8 -4.12 1.28 11.87
N ASN A 9 -4.80 2.06 12.71
CA ASN A 9 -4.20 2.55 13.95
C ASN A 9 -3.94 1.41 14.93
N THR A 10 -4.70 0.33 14.79
CA THR A 10 -4.54 -0.84 15.64
C THR A 10 -3.84 -1.97 14.90
N LEU A 11 -3.21 -1.63 13.77
CA LEU A 11 -2.51 -2.62 12.96
C LEU A 11 -1.27 -3.15 13.66
N GLU A 12 -1.23 -4.46 13.88
CA GLU A 12 -0.12 -5.09 14.58
C GLU A 12 0.95 -5.56 13.61
N ASP A 13 2.18 -5.64 14.08
CA ASP A 13 3.31 -6.06 13.25
C ASP A 13 3.36 -7.57 13.10
N SER A 14 2.46 -8.12 12.29
CA SER A 14 2.42 -9.55 12.05
C SER A 14 1.48 -9.89 10.90
N GLN A 15 1.93 -10.77 10.02
CA GLN A 15 1.20 -11.06 8.79
C GLN A 15 -0.20 -11.59 9.09
N GLU A 16 -0.32 -12.34 10.17
CA GLU A 16 -1.61 -12.86 10.61
C GLU A 16 -2.57 -11.74 10.96
N SER A 17 -2.09 -10.80 11.77
CA SER A 17 -2.91 -9.67 12.20
C SER A 17 -3.21 -8.74 11.03
N ILE A 18 -2.24 -8.59 10.14
CA ILE A 18 -2.41 -7.74 8.96
C ILE A 18 -3.50 -8.28 8.05
N SER A 19 -3.44 -9.58 7.77
CA SER A 19 -4.48 -10.24 6.98
C SER A 19 -5.84 -10.15 7.66
N SER A 20 -5.85 -10.31 8.98
CA SER A 20 -7.08 -10.21 9.75
C SER A 20 -7.73 -8.84 9.58
N ALA A 21 -6.92 -7.80 9.58
CA ALA A 21 -7.40 -6.45 9.33
C ALA A 21 -7.94 -6.30 7.91
N SER A 22 -7.14 -6.73 6.94
CA SER A 22 -7.49 -6.55 5.53
C SER A 22 -8.78 -7.29 5.19
N LYS A 23 -9.03 -8.39 5.88
CA LYS A 23 -10.27 -9.14 5.71
C LYS A 23 -11.48 -8.23 5.87
N TRP A 24 -11.42 -7.34 6.85
CA TRP A 24 -12.53 -6.43 7.12
C TRP A 24 -12.48 -5.21 6.22
N LEU A 25 -11.28 -4.85 5.77
CA LEU A 25 -11.10 -3.69 4.92
C LEU A 25 -11.63 -3.94 3.51
N LEU A 26 -11.82 -5.21 3.19
CA LEU A 26 -12.45 -5.59 1.92
C LEU A 26 -13.88 -5.08 1.85
N LEU A 27 -14.46 -4.76 3.00
CA LEU A 27 -15.82 -4.25 3.07
C LEU A 27 -15.86 -2.74 2.89
N GLN A 28 -14.68 -2.14 2.74
CA GLN A 28 -14.58 -0.69 2.60
C GLN A 28 -14.56 -0.29 1.12
N TYR A 29 -14.87 -1.24 0.26
CA TYR A 29 -14.76 -1.03 -1.18
C TYR A 29 -15.62 0.14 -1.63
N ARG A 30 -16.70 0.39 -0.90
CA ARG A 30 -17.63 1.46 -1.24
C ARG A 30 -16.98 2.83 -1.06
N ASP A 31 -16.01 2.91 -0.15
CA ASP A 31 -15.31 4.15 0.11
C ASP A 31 -13.84 4.04 -0.27
N ALA A 32 -13.53 3.09 -1.15
CA ALA A 32 -12.15 2.73 -1.45
C ALA A 32 -11.37 3.94 -1.97
N PRO A 33 -12.01 4.71 -2.83
CA PRO A 33 -11.40 5.92 -3.37
C PRO A 33 -10.87 6.81 -2.25
N LYS A 34 -11.59 6.83 -1.13
CA LYS A 34 -11.22 7.67 0.00
C LYS A 34 -10.25 6.94 0.92
N VAL A 35 -10.40 5.62 1.02
CA VAL A 35 -9.49 4.79 1.79
C VAL A 35 -8.06 4.91 1.28
N ALA A 36 -7.90 4.89 -0.03
CA ALA A 36 -6.60 5.04 -0.66
C ALA A 36 -5.97 6.38 -0.32
N GLU A 37 -6.81 7.41 -0.24
CA GLU A 37 -6.35 8.75 0.13
C GLU A 37 -5.90 8.80 1.58
N MET A 38 -6.65 8.13 2.45
CA MET A 38 -6.28 8.01 3.85
C MET A 38 -4.96 7.24 4.00
N TRP A 39 -4.82 6.16 3.25
CA TRP A 39 -3.58 5.40 3.23
C TRP A 39 -2.41 6.25 2.74
N LYS A 40 -2.65 7.01 1.68
CA LYS A 40 -1.63 7.90 1.14
C LYS A 40 -1.14 8.87 2.22
N GLU A 41 -2.08 9.53 2.90
CA GLU A 41 -1.75 10.48 3.94
C GLU A 41 -0.92 9.82 5.04
N TYR A 42 -1.37 8.65 5.49
CA TYR A 42 -0.64 7.88 6.49
C TYR A 42 0.79 7.62 6.04
N MET A 43 0.95 7.13 4.82
CA MET A 43 2.26 6.78 4.29
C MET A 43 3.14 8.01 4.13
N LEU A 44 2.51 9.16 3.91
CA LEU A 44 3.22 10.41 3.71
C LEU A 44 3.09 11.31 4.94
N ARG A 45 2.83 10.71 6.09
CA ARG A 45 2.77 11.45 7.34
C ARG A 45 4.10 11.39 8.08
N PRO A 46 4.62 12.57 8.42
CA PRO A 46 5.96 12.67 9.01
C PRO A 46 5.95 12.22 10.47
N SER A 47 4.76 12.08 11.02
CA SER A 47 4.62 11.64 12.41
C SER A 47 4.59 10.12 12.51
N VAL A 48 4.72 9.46 11.36
CA VAL A 48 4.74 8.01 11.31
C VAL A 48 6.13 7.48 11.01
N ASN A 49 6.56 6.47 11.75
CA ASN A 49 7.88 5.89 11.57
C ASN A 49 7.96 5.08 10.29
N THR A 50 9.16 4.95 9.74
CA THR A 50 9.35 4.27 8.47
C THR A 50 9.02 2.79 8.57
N ARG A 51 9.23 2.22 9.75
CA ARG A 51 8.79 0.86 10.04
C ARG A 51 7.27 0.76 10.02
N ARG A 52 6.60 1.75 10.61
CA ARG A 52 5.14 1.76 10.68
C ARG A 52 4.53 2.03 9.31
N LYS A 53 5.25 2.78 8.49
CA LYS A 53 4.83 3.03 7.11
C LYS A 53 4.90 1.76 6.27
N LEU A 54 6.01 1.04 6.39
CA LEU A 54 6.17 -0.25 5.72
C LEU A 54 5.10 -1.24 6.19
N LEU A 55 4.82 -1.22 7.49
CA LEU A 55 3.72 -2.01 8.03
C LEU A 55 2.40 -1.67 7.35
N GLY A 56 2.16 -0.38 7.17
CA GLY A 56 0.96 0.08 6.46
C GLY A 56 0.98 -0.39 5.01
N LEU A 57 2.15 -0.37 4.40
CA LEU A 57 2.32 -0.89 3.03
C LEU A 57 1.92 -2.36 2.95
N TYR A 58 2.31 -3.13 3.97
CA TYR A 58 1.96 -4.55 4.03
C TYR A 58 0.45 -4.73 4.06
N LEU A 59 -0.23 -3.89 4.83
CA LEU A 59 -1.68 -3.94 4.94
C LEU A 59 -2.34 -3.71 3.58
N MET A 60 -1.94 -2.64 2.90
CA MET A 60 -2.43 -2.36 1.56
C MET A 60 -2.23 -3.54 0.63
N ASN A 61 -1.03 -4.11 0.66
CA ASN A 61 -0.70 -5.25 -0.19
C ASN A 61 -1.70 -6.39 0.00
N HIS A 62 -2.02 -6.68 1.26
CA HIS A 62 -2.95 -7.76 1.58
C HIS A 62 -4.35 -7.43 1.07
N VAL A 63 -4.75 -6.17 1.19
CA VAL A 63 -6.07 -5.73 0.75
C VAL A 63 -6.23 -5.89 -0.76
N VAL A 64 -5.25 -5.41 -1.51
CA VAL A 64 -5.32 -5.43 -2.96
C VAL A 64 -5.03 -6.82 -3.51
N GLN A 65 -4.27 -7.60 -2.75
CA GLN A 65 -4.03 -9.00 -3.10
C GLN A 65 -5.32 -9.82 -2.98
N GLN A 66 -6.04 -9.60 -1.88
CA GLN A 66 -7.36 -10.21 -1.70
C GLN A 66 -8.36 -9.65 -2.69
N ALA A 67 -8.25 -8.36 -2.97
CA ALA A 67 -9.10 -7.71 -3.97
C ALA A 67 -8.88 -8.32 -5.35
N LYS A 68 -7.63 -8.69 -5.64
CA LYS A 68 -7.32 -9.41 -6.87
C LYS A 68 -8.04 -10.75 -6.93
N GLY A 69 -8.08 -11.45 -5.80
CA GLY A 69 -8.81 -12.71 -5.72
C GLY A 69 -10.31 -12.49 -5.78
N GLN A 70 -10.77 -11.38 -5.19
CA GLN A 70 -12.19 -11.07 -5.15
C GLN A 70 -12.61 -10.24 -6.35
N LYS A 71 -11.64 -9.86 -7.18
CA LYS A 71 -11.90 -9.05 -8.35
C LYS A 71 -12.57 -7.73 -7.98
N ILE A 72 -12.01 -7.05 -7.00
CA ILE A 72 -12.51 -5.75 -6.58
C ILE A 72 -11.62 -4.62 -7.10
N ILE A 73 -12.01 -4.03 -8.21
CA ILE A 73 -11.21 -2.98 -8.85
C ILE A 73 -11.25 -1.69 -8.03
N GLN A 74 -12.19 -1.62 -7.10
CA GLN A 74 -12.30 -0.46 -6.22
C GLN A 74 -11.03 -0.26 -5.40
N PHE A 75 -10.37 -1.35 -5.07
CA PHE A 75 -9.12 -1.30 -4.32
C PHE A 75 -7.91 -1.26 -5.26
N GLN A 76 -7.96 -2.09 -6.30
CA GLN A 76 -6.84 -2.21 -7.23
C GLN A 76 -6.49 -0.87 -7.86
N ASP A 77 -7.52 -0.19 -8.37
CA ASP A 77 -7.32 1.07 -9.08
C ASP A 77 -7.01 2.20 -8.10
N SER A 78 -7.72 2.21 -6.98
CA SER A 78 -7.60 3.30 -6.01
C SER A 78 -6.22 3.30 -5.35
N PHE A 79 -5.81 2.13 -4.86
CA PHE A 79 -4.51 2.01 -4.20
C PHE A 79 -3.37 2.11 -5.20
N GLY A 80 -3.59 1.59 -6.39
CA GLY A 80 -2.60 1.69 -7.47
C GLY A 80 -2.27 3.14 -7.79
N LYS A 81 -3.30 3.97 -7.89
CA LYS A 81 -3.13 5.39 -8.16
C LYS A 81 -2.18 6.04 -7.17
N VAL A 82 -2.49 5.88 -5.87
CA VAL A 82 -1.75 6.57 -4.83
C VAL A 82 -0.41 5.89 -4.57
N ALA A 83 -0.34 4.59 -4.83
CA ALA A 83 0.87 3.81 -4.60
C ALA A 83 2.00 4.30 -5.51
N ALA A 84 1.66 4.64 -6.74
CA ALA A 84 2.64 5.13 -7.71
C ALA A 84 3.42 6.31 -7.15
N GLU A 85 2.73 7.19 -6.43
CA GLU A 85 3.35 8.36 -5.85
C GLU A 85 4.01 8.03 -4.51
N VAL A 86 3.27 7.35 -3.64
CA VAL A 86 3.73 7.07 -2.29
C VAL A 86 5.04 6.29 -2.31
N LEU A 87 5.07 5.21 -3.09
CA LEU A 87 6.20 4.28 -3.08
C LEU A 87 7.49 4.99 -3.44
N GLY A 88 7.40 5.97 -4.34
CA GLY A 88 8.57 6.75 -4.74
C GLY A 88 9.02 7.68 -3.61
N ARG A 89 8.05 8.34 -2.98
CA ARG A 89 8.36 9.35 -1.97
C ARG A 89 8.99 8.71 -0.74
N ILE A 90 8.43 7.60 -0.29
CA ILE A 90 8.79 7.03 1.00
C ILE A 90 10.15 6.33 0.93
N ASN A 91 10.61 6.07 -0.29
CA ASN A 91 11.93 5.49 -0.51
C ASN A 91 13.03 6.52 -0.22
N GLN A 92 12.63 7.78 -0.09
CA GLN A 92 13.56 8.83 0.30
C GLN A 92 13.73 8.88 1.81
N GLU A 93 12.91 8.11 2.52
CA GLU A 93 13.02 8.01 3.97
C GLU A 93 13.48 6.63 4.40
N PHE A 94 13.00 5.61 3.68
CA PHE A 94 13.35 4.22 4.00
C PHE A 94 14.83 3.95 3.78
N PRO A 95 15.45 3.26 4.73
CA PRO A 95 16.80 2.77 4.55
C PRO A 95 16.84 1.61 3.55
N ARG A 96 18.05 1.24 3.14
CA ARG A 96 18.23 0.20 2.13
C ARG A 96 17.49 -1.07 2.52
N ASP A 97 17.51 -1.39 3.81
CA ASP A 97 16.87 -2.61 4.30
C ASP A 97 15.38 -2.61 4.01
N LEU A 98 14.72 -1.50 4.31
CA LEU A 98 13.27 -1.40 4.16
C LEU A 98 12.88 -1.11 2.73
N LYS A 99 13.79 -0.49 1.98
CA LYS A 99 13.59 -0.26 0.56
C LYS A 99 13.54 -1.58 -0.20
N LYS A 100 14.38 -2.53 0.19
CA LYS A 100 14.35 -3.88 -0.37
C LYS A 100 13.03 -4.57 -0.07
N LYS A 101 12.56 -4.44 1.17
CA LYS A 101 11.28 -5.00 1.57
C LYS A 101 10.13 -4.38 0.78
N LEU A 102 10.24 -3.08 0.52
CA LEU A 102 9.27 -2.39 -0.32
C LEU A 102 9.24 -2.97 -1.73
N SER A 103 10.42 -3.16 -2.31
CA SER A 103 10.54 -3.65 -3.67
C SER A 103 9.95 -5.06 -3.79
N ARG A 104 9.99 -5.81 -2.71
CA ARG A 104 9.36 -7.13 -2.66
C ARG A 104 7.85 -7.03 -2.78
N VAL A 105 7.27 -6.04 -2.10
CA VAL A 105 5.85 -5.76 -2.22
C VAL A 105 5.48 -5.38 -3.65
N VAL A 106 6.30 -4.54 -4.26
CA VAL A 106 6.09 -4.13 -5.64
C VAL A 106 6.14 -5.31 -6.59
N ASN A 107 7.11 -6.19 -6.37
CA ASN A 107 7.26 -7.39 -7.19
C ASN A 107 6.02 -8.27 -7.11
N ILE A 108 5.46 -8.38 -5.92
CA ILE A 108 4.21 -9.12 -5.72
C ILE A 108 3.07 -8.49 -6.50
N LEU A 109 2.95 -7.17 -6.41
CA LEU A 109 1.88 -6.44 -7.10
C LEU A 109 1.98 -6.64 -8.60
N LYS A 110 3.20 -6.71 -9.12
CA LYS A 110 3.42 -6.89 -10.56
C LYS A 110 3.22 -8.34 -10.96
N GLU A 111 3.94 -9.24 -10.29
CA GLU A 111 4.00 -10.63 -10.70
C GLU A 111 2.64 -11.31 -10.58
N ARG A 112 1.88 -10.90 -9.56
CA ARG A 112 0.58 -11.49 -9.30
C ARG A 112 -0.51 -10.78 -10.10
N ASN A 113 -0.11 -9.81 -10.91
CA ASN A 113 -1.05 -9.07 -11.75
C ASN A 113 -2.13 -8.41 -10.92
N ILE A 114 -1.74 -7.89 -9.75
CA ILE A 114 -2.69 -7.22 -8.87
C ILE A 114 -2.99 -5.82 -9.35
N PHE A 115 -1.95 -5.06 -9.68
CA PHE A 115 -2.12 -3.74 -10.28
C PHE A 115 -1.94 -3.80 -11.79
N SER A 116 -2.62 -2.90 -12.50
CA SER A 116 -2.60 -2.88 -13.95
C SER A 116 -1.22 -2.47 -14.46
N LYS A 117 -0.96 -2.78 -15.74
CA LYS A 117 0.31 -2.45 -16.36
C LYS A 117 0.58 -0.95 -16.30
N GLN A 118 -0.47 -0.16 -16.45
CA GLN A 118 -0.37 1.29 -16.31
C GLN A 118 0.14 1.68 -14.93
N VAL A 119 -0.48 1.13 -13.90
CA VAL A 119 -0.10 1.41 -12.52
C VAL A 119 1.32 0.96 -12.23
N VAL A 120 1.64 -0.26 -12.66
CA VAL A 120 2.97 -0.83 -12.45
C VAL A 120 4.05 0.02 -13.09
N ASN A 121 3.80 0.45 -14.33
CA ASN A 121 4.74 1.31 -15.05
C ASN A 121 4.91 2.64 -14.33
N ASP A 122 3.82 3.18 -13.80
CA ASP A 122 3.86 4.43 -13.06
C ASP A 122 4.64 4.27 -11.77
N ILE A 123 4.48 3.12 -11.11
CA ILE A 123 5.25 2.80 -9.92
C ILE A 123 6.74 2.70 -10.23
N GLU A 124 7.07 1.91 -11.24
CA GLU A 124 8.47 1.66 -11.59
C GLU A 124 9.18 2.95 -11.97
N ARG A 125 8.46 3.83 -12.66
CA ARG A 125 9.00 5.13 -13.05
C ARG A 125 9.32 5.98 -11.83
N SER A 126 8.39 6.01 -10.88
CA SER A 126 8.57 6.79 -9.67
C SER A 126 9.64 6.19 -8.77
N LEU A 127 9.80 4.87 -8.85
CA LEU A 127 10.87 4.19 -8.12
C LEU A 127 12.23 4.55 -8.70
N ALA A 128 12.32 4.64 -10.02
CA ALA A 128 13.52 5.09 -10.69
C ALA A 128 13.86 6.53 -10.32
N ALA A 129 12.82 7.36 -10.24
CA ALA A 129 12.98 8.75 -9.80
C ALA A 129 13.49 8.82 -8.37
N ALA A 130 12.99 7.93 -7.52
CA ALA A 130 13.45 7.84 -6.14
C ALA A 130 14.92 7.44 -6.07
N LEU A 131 15.33 6.56 -6.97
CA LEU A 131 16.72 6.14 -7.05
C LEU A 131 17.61 7.28 -7.53
N GLU A 132 17.08 8.09 -8.44
CA GLU A 132 17.83 9.21 -8.99
C GLU A 132 17.92 10.35 -7.99
N HIS A 133 16.81 10.64 -7.31
CA HIS A 133 16.77 11.72 -6.33
C HIS A 133 16.19 11.24 -5.00
N SER A 1 -15.20 4.72 7.89
CA SER A 1 -13.78 4.91 7.59
C SER A 1 -12.98 5.23 8.85
N GLU A 2 -13.61 5.97 9.76
CA GLU A 2 -12.96 6.37 11.01
C GLU A 2 -12.77 5.16 11.93
N GLN A 3 -13.60 4.15 11.76
CA GLN A 3 -13.45 2.90 12.50
C GLN A 3 -12.13 2.21 12.15
N PHE A 4 -11.85 2.10 10.87
CA PHE A 4 -10.57 1.57 10.41
C PHE A 4 -9.41 2.43 10.91
N THR A 5 -9.54 3.74 10.75
CA THR A 5 -8.49 4.66 11.18
C THR A 5 -8.11 4.42 12.63
N THR A 6 -9.10 4.27 13.50
CA THR A 6 -8.86 3.98 14.90
C THR A 6 -8.16 2.63 15.07
N LYS A 7 -8.66 1.62 14.38
CA LYS A 7 -8.06 0.29 14.42
C LYS A 7 -6.61 0.34 13.96
N LEU A 8 -6.35 1.08 12.90
CA LEU A 8 -5.00 1.25 12.38
C LEU A 8 -4.07 1.83 13.44
N ASN A 9 -4.54 2.88 14.11
CA ASN A 9 -3.75 3.55 15.13
C ASN A 9 -3.35 2.60 16.24
N THR A 10 -4.24 1.65 16.54
CA THR A 10 -4.00 0.70 17.62
C THR A 10 -3.70 -0.69 17.06
N LEU A 11 -3.38 -0.75 15.78
CA LEU A 11 -3.14 -2.02 15.10
C LEU A 11 -1.79 -2.61 15.51
N GLU A 12 -1.78 -3.89 15.85
CA GLU A 12 -0.56 -4.57 16.24
C GLU A 12 0.21 -5.08 15.01
N ASP A 13 1.53 -5.14 15.13
CA ASP A 13 2.38 -5.57 14.03
C ASP A 13 2.41 -7.09 13.91
N SER A 14 1.37 -7.64 13.28
CA SER A 14 1.32 -9.08 13.02
C SER A 14 0.54 -9.38 11.74
N GLN A 15 0.80 -10.54 11.16
CA GLN A 15 0.14 -10.94 9.92
C GLN A 15 -1.36 -11.13 10.14
N GLU A 16 -1.72 -11.64 11.30
CA GLU A 16 -3.13 -11.76 11.69
C GLU A 16 -3.80 -10.39 11.75
N SER A 17 -3.13 -9.44 12.39
CA SER A 17 -3.65 -8.08 12.49
C SER A 17 -3.81 -7.44 11.12
N ILE A 18 -2.83 -7.68 10.25
CA ILE A 18 -2.88 -7.18 8.89
C ILE A 18 -4.08 -7.75 8.13
N SER A 19 -4.26 -9.07 8.25
CA SER A 19 -5.37 -9.74 7.58
C SER A 19 -6.71 -9.24 8.10
N SER A 20 -6.79 -9.03 9.40
CA SER A 20 -8.02 -8.57 10.04
C SER A 20 -8.41 -7.19 9.54
N ALA A 21 -7.48 -6.25 9.62
CA ALA A 21 -7.73 -4.87 9.18
C ALA A 21 -7.99 -4.82 7.68
N SER A 22 -7.26 -5.64 6.93
CA SER A 22 -7.47 -5.76 5.49
C SER A 22 -8.88 -6.25 5.18
N LYS A 23 -9.33 -7.26 5.93
CA LYS A 23 -10.67 -7.80 5.77
C LYS A 23 -11.72 -6.71 5.90
N TRP A 24 -11.51 -5.80 6.85
CA TRP A 24 -12.38 -4.65 7.03
C TRP A 24 -12.52 -3.86 5.73
N LEU A 25 -11.39 -3.62 5.07
CA LEU A 25 -11.38 -2.90 3.80
C LEU A 25 -12.00 -3.72 2.69
N LEU A 26 -11.77 -5.03 2.72
CA LEU A 26 -12.32 -5.94 1.72
C LEU A 26 -13.83 -6.01 1.81
N LEU A 27 -14.36 -5.94 3.02
CA LEU A 27 -15.80 -5.94 3.24
C LEU A 27 -16.40 -4.56 3.01
N GLN A 28 -15.83 -3.55 3.65
CA GLN A 28 -16.34 -2.20 3.54
C GLN A 28 -15.81 -1.50 2.30
N TYR A 29 -16.26 -1.97 1.14
CA TYR A 29 -15.83 -1.40 -0.14
C TYR A 29 -16.19 0.09 -0.22
N ARG A 30 -17.20 0.49 0.55
CA ARG A 30 -17.70 1.86 0.50
C ARG A 30 -16.66 2.85 1.01
N ASP A 31 -15.75 2.37 1.84
CA ASP A 31 -14.70 3.22 2.41
C ASP A 31 -13.33 2.81 1.91
N ALA A 32 -13.30 2.00 0.85
CA ALA A 32 -12.05 1.48 0.31
C ALA A 32 -11.20 2.61 -0.27
N PRO A 33 -11.83 3.47 -1.06
CA PRO A 33 -11.12 4.58 -1.70
C PRO A 33 -10.93 5.74 -0.73
N LYS A 34 -11.74 5.76 0.33
CA LYS A 34 -11.58 6.74 1.40
C LYS A 34 -10.33 6.47 2.22
N VAL A 35 -10.14 5.20 2.58
CA VAL A 35 -8.94 4.78 3.30
C VAL A 35 -7.72 4.80 2.39
N ALA A 36 -7.94 4.51 1.12
CA ALA A 36 -6.88 4.59 0.12
C ALA A 36 -6.27 5.99 0.07
N GLU A 37 -7.12 7.00 0.18
CA GLU A 37 -6.65 8.38 0.24
C GLU A 37 -5.91 8.67 1.54
N MET A 38 -6.48 8.18 2.65
CA MET A 38 -5.84 8.32 3.95
C MET A 38 -4.58 7.47 4.05
N TRP A 39 -4.59 6.34 3.36
CA TRP A 39 -3.41 5.49 3.28
C TRP A 39 -2.24 6.23 2.64
N LYS A 40 -2.51 6.89 1.52
CA LYS A 40 -1.53 7.76 0.90
C LYS A 40 -0.98 8.79 1.88
N GLU A 41 -1.88 9.56 2.49
CA GLU A 41 -1.50 10.58 3.45
C GLU A 41 -0.69 9.98 4.60
N TYR A 42 -1.16 8.85 5.13
CA TYR A 42 -0.56 8.24 6.30
C TYR A 42 0.93 7.97 6.08
N MET A 43 1.25 7.35 4.95
CA MET A 43 2.61 6.93 4.68
C MET A 43 3.45 8.09 4.15
N LEU A 44 2.78 9.14 3.71
CA LEU A 44 3.46 10.36 3.28
C LEU A 44 3.44 11.41 4.38
N ARG A 45 2.78 11.10 5.49
CA ARG A 45 2.76 11.98 6.65
C ARG A 45 4.10 11.97 7.38
N PRO A 46 4.57 13.15 7.73
CA PRO A 46 5.84 13.29 8.45
C PRO A 46 5.71 12.83 9.89
N SER A 47 6.83 12.51 10.51
CA SER A 47 6.85 12.04 11.89
C SER A 47 6.09 10.73 12.03
N VAL A 48 6.26 9.84 11.05
CA VAL A 48 5.69 8.50 11.13
C VAL A 48 6.78 7.44 11.02
N ASN A 49 6.74 6.47 11.93
CA ASN A 49 7.75 5.41 11.95
C ASN A 49 7.70 4.57 10.69
N THR A 50 8.87 4.28 10.13
CA THR A 50 8.96 3.53 8.88
C THR A 50 8.40 2.11 9.04
N ARG A 51 8.49 1.59 10.25
CA ARG A 51 7.87 0.31 10.59
C ARG A 51 6.36 0.38 10.47
N ARG A 52 5.78 1.49 10.91
CA ARG A 52 4.35 1.72 10.79
C ARG A 52 3.95 1.94 9.34
N LYS A 53 4.84 2.54 8.57
CA LYS A 53 4.63 2.70 7.13
C LYS A 53 4.62 1.35 6.43
N LEU A 54 5.51 0.46 6.85
CA LEU A 54 5.53 -0.91 6.33
C LEU A 54 4.25 -1.64 6.67
N LEU A 55 3.76 -1.44 7.89
CA LEU A 55 2.49 -2.02 8.31
C LEU A 55 1.36 -1.56 7.39
N GLY A 56 1.29 -0.26 7.15
CA GLY A 56 0.32 0.30 6.21
C GLY A 56 0.51 -0.28 4.81
N LEU A 57 1.77 -0.37 4.38
CA LEU A 57 2.09 -0.96 3.09
C LEU A 57 1.54 -2.37 2.97
N TYR A 58 1.74 -3.17 4.01
CA TYR A 58 1.29 -4.56 4.01
C TYR A 58 -0.22 -4.66 3.97
N LEU A 59 -0.89 -3.74 4.65
CA LEU A 59 -2.34 -3.67 4.62
C LEU A 59 -2.86 -3.46 3.20
N MET A 60 -2.27 -2.49 2.50
CA MET A 60 -2.63 -2.24 1.11
C MET A 60 -2.36 -3.46 0.24
N ASN A 61 -1.16 -4.01 0.36
CA ASN A 61 -0.76 -5.16 -0.46
C ASN A 61 -1.76 -6.30 -0.31
N HIS A 62 -2.18 -6.57 0.92
CA HIS A 62 -3.10 -7.66 1.19
C HIS A 62 -4.44 -7.43 0.50
N VAL A 63 -4.97 -6.22 0.63
CA VAL A 63 -6.25 -5.87 0.05
C VAL A 63 -6.24 -6.05 -1.47
N VAL A 64 -5.24 -5.50 -2.12
CA VAL A 64 -5.17 -5.48 -3.58
C VAL A 64 -4.78 -6.84 -4.11
N GLN A 65 -4.05 -7.61 -3.32
CA GLN A 65 -3.75 -9.00 -3.63
C GLN A 65 -5.03 -9.83 -3.68
N GLN A 66 -5.88 -9.65 -2.68
CA GLN A 66 -7.18 -10.30 -2.67
C GLN A 66 -8.08 -9.77 -3.77
N ALA A 67 -7.95 -8.47 -4.05
CA ALA A 67 -8.71 -7.84 -5.12
C ALA A 67 -8.37 -8.45 -6.48
N LYS A 68 -7.10 -8.79 -6.67
CA LYS A 68 -6.65 -9.49 -7.86
C LYS A 68 -7.38 -10.82 -8.02
N GLY A 69 -7.31 -11.65 -6.98
CA GLY A 69 -7.92 -12.97 -7.02
C GLY A 69 -9.44 -12.88 -7.11
N GLN A 70 -10.01 -11.91 -6.40
CA GLN A 70 -11.46 -11.74 -6.36
C GLN A 70 -11.95 -10.86 -7.51
N LYS A 71 -11.00 -10.31 -8.26
CA LYS A 71 -11.33 -9.50 -9.43
C LYS A 71 -12.14 -8.26 -9.03
N ILE A 72 -11.56 -7.45 -8.14
CA ILE A 72 -12.21 -6.21 -7.71
C ILE A 72 -11.45 -5.00 -8.21
N ILE A 73 -11.96 -4.39 -9.29
CA ILE A 73 -11.29 -3.27 -9.92
C ILE A 73 -11.20 -2.08 -8.96
N GLN A 74 -12.27 -1.86 -8.20
CA GLN A 74 -12.34 -0.72 -7.29
C GLN A 74 -11.10 -0.65 -6.41
N PHE A 75 -10.76 -1.76 -5.77
CA PHE A 75 -9.65 -1.80 -4.82
C PHE A 75 -8.32 -1.63 -5.54
N GLN A 76 -8.18 -2.27 -6.70
CA GLN A 76 -6.94 -2.23 -7.45
C GLN A 76 -6.60 -0.81 -7.89
N ASP A 77 -7.61 -0.10 -8.38
CA ASP A 77 -7.42 1.26 -8.85
C ASP A 77 -7.29 2.23 -7.69
N SER A 78 -8.15 2.07 -6.69
CA SER A 78 -8.19 2.98 -5.56
C SER A 78 -6.84 3.07 -4.86
N PHE A 79 -6.23 1.91 -4.64
CA PHE A 79 -4.94 1.84 -3.95
C PHE A 79 -3.79 1.92 -4.94
N GLY A 80 -4.03 1.46 -6.16
CA GLY A 80 -2.99 1.43 -7.19
C GLY A 80 -2.57 2.84 -7.58
N LYS A 81 -3.55 3.71 -7.82
CA LYS A 81 -3.29 5.06 -8.30
C LYS A 81 -2.46 5.85 -7.31
N VAL A 82 -2.71 5.62 -6.02
CA VAL A 82 -2.02 6.34 -4.96
C VAL A 82 -0.73 5.63 -4.56
N ALA A 83 -0.67 4.32 -4.81
CA ALA A 83 0.54 3.55 -4.57
C ALA A 83 1.69 4.03 -5.44
N ALA A 84 1.37 4.41 -6.67
CA ALA A 84 2.37 4.92 -7.60
C ALA A 84 3.13 6.11 -7.00
N GLU A 85 2.42 6.95 -6.27
CA GLU A 85 3.03 8.08 -5.58
C GLU A 85 3.79 7.63 -4.34
N VAL A 86 3.10 6.89 -3.48
CA VAL A 86 3.64 6.54 -2.17
C VAL A 86 4.90 5.70 -2.29
N LEU A 87 4.82 4.65 -3.11
CA LEU A 87 5.91 3.67 -3.21
C LEU A 87 7.23 4.34 -3.60
N GLY A 88 7.13 5.32 -4.48
CA GLY A 88 8.31 6.07 -4.91
C GLY A 88 8.86 6.91 -3.77
N ARG A 89 7.98 7.62 -3.07
CA ARG A 89 8.39 8.53 -2.02
C ARG A 89 9.06 7.79 -0.87
N ILE A 90 8.48 6.66 -0.48
CA ILE A 90 8.98 5.90 0.65
C ILE A 90 10.24 5.12 0.29
N ASN A 91 10.42 4.87 -1.00
CA ASN A 91 11.66 4.29 -1.50
C ASN A 91 12.85 5.19 -1.20
N GLN A 92 12.67 6.50 -1.37
CA GLN A 92 13.68 7.47 -0.99
C GLN A 92 13.86 7.53 0.51
N GLU A 93 12.74 7.53 1.24
CA GLU A 93 12.78 7.66 2.68
C GLU A 93 13.40 6.44 3.34
N PHE A 94 13.07 5.26 2.82
CA PHE A 94 13.50 4.00 3.43
C PHE A 94 15.00 3.79 3.26
N PRO A 95 15.63 3.22 4.29
CA PRO A 95 17.02 2.82 4.19
C PRO A 95 17.19 1.60 3.29
N ARG A 96 18.44 1.23 3.02
CA ARG A 96 18.73 0.16 2.09
C ARG A 96 17.91 -1.09 2.41
N ASP A 97 17.92 -1.49 3.66
CA ASP A 97 17.29 -2.74 4.08
C ASP A 97 15.80 -2.74 3.78
N LEU A 98 15.15 -1.61 4.05
CA LEU A 98 13.71 -1.48 3.83
C LEU A 98 13.39 -1.28 2.36
N LYS A 99 14.32 -0.68 1.63
CA LYS A 99 14.19 -0.52 0.19
C LYS A 99 14.16 -1.87 -0.51
N LYS A 100 14.97 -2.80 -0.03
CA LYS A 100 14.96 -4.17 -0.53
C LYS A 100 13.62 -4.85 -0.26
N LYS A 101 13.14 -4.71 0.97
CA LYS A 101 11.83 -5.25 1.35
C LYS A 101 10.71 -4.59 0.54
N LEU A 102 10.85 -3.29 0.29
CA LEU A 102 9.89 -2.56 -0.53
C LEU A 102 9.85 -3.09 -1.95
N SER A 103 11.04 -3.29 -2.54
CA SER A 103 11.14 -3.75 -3.92
C SER A 103 10.51 -5.13 -4.08
N ARG A 104 10.56 -5.92 -3.02
CA ARG A 104 9.91 -7.23 -3.00
C ARG A 104 8.39 -7.08 -3.11
N VAL A 105 7.83 -6.14 -2.36
CA VAL A 105 6.41 -5.84 -2.42
C VAL A 105 6.02 -5.39 -3.82
N VAL A 106 6.83 -4.50 -4.40
CA VAL A 106 6.57 -3.99 -5.75
C VAL A 106 6.63 -5.12 -6.77
N ASN A 107 7.62 -5.99 -6.64
CA ASN A 107 7.77 -7.12 -7.54
C ASN A 107 6.55 -8.04 -7.49
N ILE A 108 6.00 -8.23 -6.29
CA ILE A 108 4.78 -8.99 -6.12
C ILE A 108 3.62 -8.35 -6.87
N LEU A 109 3.47 -7.04 -6.71
CA LEU A 109 2.38 -6.30 -7.36
C LEU A 109 2.46 -6.44 -8.87
N LYS A 110 3.68 -6.45 -9.40
CA LYS A 110 3.88 -6.59 -10.83
C LYS A 110 3.72 -8.03 -11.29
N GLU A 111 4.49 -8.93 -10.69
CA GLU A 111 4.60 -10.29 -11.17
C GLU A 111 3.28 -11.04 -11.03
N ARG A 112 2.54 -10.71 -9.98
CA ARG A 112 1.27 -11.38 -9.70
C ARG A 112 0.11 -10.70 -10.43
N ASN A 113 0.45 -9.71 -11.26
CA ASN A 113 -0.56 -9.02 -12.05
C ASN A 113 -1.63 -8.39 -11.17
N ILE A 114 -1.21 -7.85 -10.04
CA ILE A 114 -2.14 -7.22 -9.10
C ILE A 114 -2.54 -5.83 -9.57
N PHE A 115 -1.54 -5.03 -9.96
CA PHE A 115 -1.79 -3.71 -10.53
C PHE A 115 -1.63 -3.71 -12.03
N SER A 116 -2.34 -2.81 -12.70
CA SER A 116 -2.30 -2.74 -14.16
C SER A 116 -0.95 -2.26 -14.66
N LYS A 117 -0.68 -2.49 -15.94
CA LYS A 117 0.58 -2.08 -16.54
C LYS A 117 0.80 -0.58 -16.41
N GLN A 118 -0.29 0.18 -16.52
CA GLN A 118 -0.23 1.63 -16.31
C GLN A 118 0.26 1.98 -14.91
N VAL A 119 -0.35 1.35 -13.91
CA VAL A 119 0.01 1.61 -12.52
C VAL A 119 1.44 1.17 -12.23
N VAL A 120 1.79 -0.02 -12.70
CA VAL A 120 3.12 -0.57 -12.50
C VAL A 120 4.19 0.34 -13.10
N ASN A 121 3.94 0.80 -14.32
CA ASN A 121 4.85 1.70 -15.00
C ASN A 121 5.01 3.02 -14.23
N ASP A 122 3.90 3.50 -13.66
CA ASP A 122 3.92 4.72 -12.85
C ASP A 122 4.69 4.49 -11.56
N ILE A 123 4.57 3.29 -11.00
CA ILE A 123 5.34 2.91 -9.82
C ILE A 123 6.83 2.87 -10.13
N GLU A 124 7.19 2.18 -11.20
CA GLU A 124 8.60 2.00 -11.56
C GLU A 124 9.26 3.33 -11.88
N ARG A 125 8.53 4.21 -12.57
CA ARG A 125 9.03 5.54 -12.88
C ARG A 125 9.25 6.35 -11.61
N SER A 126 8.29 6.29 -10.69
CA SER A 126 8.40 6.98 -9.41
C SER A 126 9.57 6.45 -8.59
N LEU A 127 9.76 5.13 -8.63
CA LEU A 127 10.89 4.50 -7.96
C LEU A 127 12.22 4.98 -8.54
N ALA A 128 12.26 5.08 -9.86
CA ALA A 128 13.45 5.56 -10.56
C ALA A 128 13.76 7.01 -10.17
N ALA A 129 12.72 7.82 -10.09
CA ALA A 129 12.87 9.21 -9.67
C ALA A 129 13.45 9.30 -8.26
N ALA A 130 12.96 8.44 -7.38
CA ALA A 130 13.47 8.38 -6.01
C ALA A 130 14.96 8.03 -5.99
N LEU A 131 15.36 7.15 -6.91
CA LEU A 131 16.77 6.79 -7.04
C LEU A 131 17.59 7.96 -7.57
N GLU A 132 16.97 8.76 -8.43
CA GLU A 132 17.62 9.96 -8.96
C GLU A 132 17.82 11.00 -7.88
N HIS A 133 16.87 11.10 -6.96
CA HIS A 133 16.95 12.04 -5.86
C HIS A 133 17.95 11.58 -4.81
N SER A 1 -13.43 5.26 7.22
CA SER A 1 -14.08 5.56 8.50
C SER A 1 -13.06 5.93 9.56
N GLU A 2 -13.53 6.47 10.67
CA GLU A 2 -12.68 6.80 11.80
C GLU A 2 -12.09 5.54 12.43
N GLN A 3 -12.88 4.47 12.44
CA GLN A 3 -12.41 3.17 12.94
C GLN A 3 -11.24 2.66 12.12
N PHE A 4 -11.39 2.67 10.80
CA PHE A 4 -10.34 2.21 9.90
C PHE A 4 -9.10 3.10 10.02
N THR A 5 -9.32 4.39 10.23
CA THR A 5 -8.23 5.32 10.43
C THR A 5 -7.32 4.90 11.58
N THR A 6 -7.93 4.60 12.72
CA THR A 6 -7.18 4.26 13.92
C THR A 6 -6.61 2.86 13.83
N LYS A 7 -7.30 1.98 13.10
CA LYS A 7 -6.82 0.61 12.89
C LYS A 7 -5.57 0.59 12.04
N LEU A 8 -5.52 1.47 11.04
CA LEU A 8 -4.32 1.64 10.23
C LEU A 8 -3.21 2.30 11.03
N ASN A 9 -3.54 3.37 11.75
CA ASN A 9 -2.57 4.12 12.53
C ASN A 9 -1.90 3.21 13.56
N THR A 10 -2.68 2.30 14.14
CA THR A 10 -2.16 1.37 15.14
C THR A 10 -2.17 -0.06 14.61
N LEU A 11 -1.88 -0.21 13.32
CA LEU A 11 -1.83 -1.53 12.70
C LEU A 11 -0.77 -2.41 13.37
N GLU A 12 -1.21 -3.56 13.87
CA GLU A 12 -0.33 -4.43 14.65
C GLU A 12 0.69 -5.12 13.75
N ASP A 13 1.92 -5.23 14.24
CA ASP A 13 2.97 -5.93 13.52
C ASP A 13 2.73 -7.43 13.50
N SER A 14 1.78 -7.87 12.67
CA SER A 14 1.46 -9.28 12.55
C SER A 14 0.63 -9.56 11.30
N GLN A 15 1.04 -10.55 10.53
CA GLN A 15 0.40 -10.85 9.25
C GLN A 15 -1.07 -11.22 9.45
N GLU A 16 -1.35 -11.91 10.55
CA GLU A 16 -2.72 -12.30 10.87
C GLU A 16 -3.60 -11.09 11.15
N SER A 17 -3.03 -10.13 11.87
CA SER A 17 -3.76 -8.91 12.22
C SER A 17 -3.92 -8.01 10.99
N ILE A 18 -2.89 -7.96 10.15
CA ILE A 18 -2.92 -7.18 8.93
C ILE A 18 -3.96 -7.73 7.96
N SER A 19 -3.95 -9.04 7.76
CA SER A 19 -4.89 -9.69 6.86
C SER A 19 -6.32 -9.59 7.39
N SER A 20 -6.45 -9.57 8.71
CA SER A 20 -7.75 -9.33 9.35
C SER A 20 -8.26 -7.93 9.06
N ALA A 21 -7.35 -6.96 9.13
CA ALA A 21 -7.69 -5.58 8.81
C ALA A 21 -8.13 -5.45 7.35
N SER A 22 -7.42 -6.14 6.47
CA SER A 22 -7.73 -6.10 5.05
C SER A 22 -9.12 -6.68 4.77
N LYS A 23 -9.47 -7.74 5.49
CA LYS A 23 -10.79 -8.35 5.37
C LYS A 23 -11.89 -7.37 5.80
N TRP A 24 -11.60 -6.59 6.83
CA TRP A 24 -12.54 -5.58 7.30
C TRP A 24 -12.70 -4.46 6.27
N LEU A 25 -11.60 -4.09 5.64
CA LEU A 25 -11.62 -3.04 4.64
C LEU A 25 -12.44 -3.44 3.42
N LEU A 26 -12.41 -4.73 3.10
CA LEU A 26 -13.14 -5.25 1.94
C LEU A 26 -14.64 -5.09 2.12
N LEU A 27 -15.07 -4.86 3.37
CA LEU A 27 -16.48 -4.76 3.68
C LEU A 27 -17.09 -3.49 3.09
N GLN A 28 -16.23 -2.55 2.72
CA GLN A 28 -16.68 -1.30 2.12
C GLN A 28 -15.89 -0.99 0.85
N TYR A 29 -16.13 -1.78 -0.18
CA TYR A 29 -15.47 -1.57 -1.47
C TYR A 29 -15.85 -0.23 -2.08
N ARG A 30 -17.03 0.27 -1.71
CA ARG A 30 -17.52 1.54 -2.21
C ARG A 30 -16.71 2.70 -1.62
N ASP A 31 -16.03 2.44 -0.52
CA ASP A 31 -15.20 3.45 0.12
C ASP A 31 -13.72 3.16 -0.08
N ALA A 32 -13.42 2.41 -1.14
CA ALA A 32 -12.04 2.04 -1.45
C ALA A 32 -11.17 3.26 -1.68
N PRO A 33 -11.71 4.23 -2.42
CA PRO A 33 -11.01 5.50 -2.64
C PRO A 33 -10.59 6.14 -1.31
N LYS A 34 -11.47 6.05 -0.32
CA LYS A 34 -11.20 6.64 0.99
C LYS A 34 -10.09 5.86 1.71
N VAL A 35 -10.11 4.55 1.58
CA VAL A 35 -9.08 3.70 2.18
C VAL A 35 -7.71 4.01 1.60
N ALA A 36 -7.65 4.15 0.27
CA ALA A 36 -6.40 4.48 -0.40
C ALA A 36 -5.91 5.86 0.00
N GLU A 37 -6.84 6.79 0.21
CA GLU A 37 -6.52 8.13 0.65
C GLU A 37 -5.90 8.12 2.04
N MET A 38 -6.49 7.34 2.94
CA MET A 38 -5.95 7.17 4.27
C MET A 38 -4.59 6.48 4.24
N TRP A 39 -4.45 5.50 3.34
CA TRP A 39 -3.18 4.81 3.16
C TRP A 39 -2.09 5.77 2.71
N LYS A 40 -2.43 6.62 1.74
CA LYS A 40 -1.49 7.62 1.24
C LYS A 40 -0.99 8.52 2.36
N GLU A 41 -1.92 9.08 3.13
CA GLU A 41 -1.58 9.96 4.24
C GLU A 41 -0.76 9.22 5.30
N TYR A 42 -1.18 7.99 5.61
CA TYR A 42 -0.47 7.17 6.59
C TYR A 42 0.97 6.93 6.17
N MET A 43 1.15 6.47 4.93
CA MET A 43 2.48 6.14 4.42
C MET A 43 3.35 7.40 4.32
N LEU A 44 2.70 8.55 4.13
CA LEU A 44 3.42 9.81 3.99
C LEU A 44 3.28 10.66 5.25
N ARG A 45 3.01 9.99 6.37
CA ARG A 45 2.87 10.68 7.65
C ARG A 45 4.20 10.71 8.40
N PRO A 46 4.64 11.91 8.76
CA PRO A 46 5.94 12.08 9.41
C PRO A 46 5.91 11.63 10.85
N SER A 47 4.70 11.50 11.39
CA SER A 47 4.52 11.05 12.78
C SER A 47 4.55 9.53 12.87
N VAL A 48 4.60 8.88 11.71
CA VAL A 48 4.60 7.41 11.66
C VAL A 48 6.00 6.89 11.34
N ASN A 49 6.42 5.86 12.07
CA ASN A 49 7.74 5.28 11.88
C ASN A 49 7.80 4.47 10.60
N THR A 50 9.00 4.32 10.05
CA THR A 50 9.19 3.65 8.77
C THR A 50 8.85 2.16 8.89
N ARG A 51 9.06 1.61 10.08
CA ARG A 51 8.61 0.25 10.38
C ARG A 51 7.09 0.13 10.30
N ARG A 52 6.41 1.12 10.88
CA ARG A 52 4.95 1.14 10.86
C ARG A 52 4.41 1.39 9.46
N LYS A 53 5.16 2.18 8.68
CA LYS A 53 4.82 2.40 7.28
C LYS A 53 4.92 1.10 6.49
N LEU A 54 5.96 0.33 6.75
CA LEU A 54 6.14 -0.98 6.12
C LEU A 54 4.91 -1.86 6.35
N LEU A 55 4.36 -1.80 7.55
CA LEU A 55 3.16 -2.55 7.88
C LEU A 55 1.98 -2.12 7.02
N GLY A 56 1.85 -0.81 6.83
CA GLY A 56 0.81 -0.25 5.97
C GLY A 56 1.00 -0.70 4.53
N LEU A 57 2.25 -0.75 4.09
CA LEU A 57 2.58 -1.28 2.77
C LEU A 57 2.10 -2.71 2.61
N TYR A 58 2.37 -3.53 3.63
CA TYR A 58 1.93 -4.93 3.62
C TYR A 58 0.42 -5.02 3.51
N LEU A 59 -0.28 -4.13 4.21
CA LEU A 59 -1.74 -4.13 4.22
C LEU A 59 -2.29 -3.96 2.82
N MET A 60 -1.82 -2.93 2.12
CA MET A 60 -2.26 -2.65 0.76
C MET A 60 -2.19 -3.91 -0.11
N ASN A 61 -1.05 -4.59 -0.06
CA ASN A 61 -0.84 -5.81 -0.84
C ASN A 61 -1.94 -6.82 -0.54
N HIS A 62 -2.26 -6.99 0.74
CA HIS A 62 -3.26 -7.95 1.16
C HIS A 62 -4.66 -7.53 0.71
N VAL A 63 -4.94 -6.24 0.83
CA VAL A 63 -6.26 -5.71 0.50
C VAL A 63 -6.59 -5.92 -0.97
N VAL A 64 -5.68 -5.49 -1.84
CA VAL A 64 -5.92 -5.51 -3.28
C VAL A 64 -5.91 -6.93 -3.82
N GLN A 65 -4.98 -7.73 -3.33
CA GLN A 65 -4.90 -9.14 -3.71
C GLN A 65 -6.19 -9.88 -3.36
N GLN A 66 -6.66 -9.68 -2.14
CA GLN A 66 -7.92 -10.28 -1.70
C GLN A 66 -9.11 -9.69 -2.46
N ALA A 67 -9.04 -8.39 -2.74
CA ALA A 67 -10.08 -7.72 -3.51
C ALA A 67 -10.27 -8.38 -4.87
N LYS A 68 -9.16 -8.76 -5.50
CA LYS A 68 -9.21 -9.49 -6.76
C LYS A 68 -10.00 -10.78 -6.60
N GLY A 69 -9.77 -11.49 -5.51
CA GLY A 69 -10.49 -12.72 -5.21
C GLY A 69 -11.97 -12.45 -4.94
N GLN A 70 -12.26 -11.22 -4.51
CA GLN A 70 -13.64 -10.82 -4.24
C GLN A 70 -14.27 -10.18 -5.47
N LYS A 71 -13.54 -10.19 -6.58
CA LYS A 71 -14.01 -9.58 -7.82
C LYS A 71 -14.20 -8.08 -7.65
N ILE A 72 -13.30 -7.46 -6.88
CA ILE A 72 -13.36 -6.02 -6.65
C ILE A 72 -12.17 -5.33 -7.30
N ILE A 73 -12.46 -4.41 -8.23
CA ILE A 73 -11.42 -3.65 -8.90
C ILE A 73 -11.31 -2.24 -8.34
N GLN A 74 -12.17 -1.92 -7.39
CA GLN A 74 -12.22 -0.58 -6.82
C GLN A 74 -10.96 -0.27 -6.02
N PHE A 75 -10.48 -1.27 -5.30
CA PHE A 75 -9.26 -1.12 -4.50
C PHE A 75 -8.03 -1.06 -5.38
N GLN A 76 -8.02 -1.86 -6.45
CA GLN A 76 -6.91 -1.88 -7.39
C GLN A 76 -6.68 -0.48 -7.98
N ASP A 77 -7.73 0.14 -8.47
CA ASP A 77 -7.64 1.47 -9.07
C ASP A 77 -7.37 2.52 -8.01
N SER A 78 -8.05 2.41 -6.88
CA SER A 78 -7.93 3.40 -5.81
C SER A 78 -6.51 3.45 -5.26
N PHE A 79 -5.93 2.28 -5.02
CA PHE A 79 -4.57 2.19 -4.51
C PHE A 79 -3.55 2.49 -5.61
N GLY A 80 -3.80 1.96 -6.80
CA GLY A 80 -2.88 2.15 -7.92
C GLY A 80 -2.72 3.63 -8.26
N LYS A 81 -3.80 4.39 -8.06
CA LYS A 81 -3.77 5.83 -8.31
C LYS A 81 -2.68 6.51 -7.49
N VAL A 82 -2.50 6.03 -6.26
CA VAL A 82 -1.63 6.72 -5.29
C VAL A 82 -0.38 5.89 -5.01
N ALA A 83 -0.40 4.63 -5.42
CA ALA A 83 0.70 3.72 -5.15
C ALA A 83 2.00 4.24 -5.75
N ALA A 84 1.96 4.66 -7.00
CA ALA A 84 3.13 5.13 -7.71
C ALA A 84 3.81 6.26 -6.94
N GLU A 85 3.04 7.26 -6.55
CA GLU A 85 3.57 8.42 -5.84
C GLU A 85 4.13 8.02 -4.48
N VAL A 86 3.32 7.33 -3.69
CA VAL A 86 3.70 6.97 -2.33
C VAL A 86 4.94 6.10 -2.31
N LEU A 87 4.94 5.06 -3.15
CA LEU A 87 6.05 4.11 -3.18
C LEU A 87 7.36 4.79 -3.51
N GLY A 88 7.30 5.76 -4.41
CA GLY A 88 8.47 6.57 -4.75
C GLY A 88 8.93 7.39 -3.56
N ARG A 89 7.98 8.04 -2.89
CA ARG A 89 8.30 8.95 -1.79
C ARG A 89 8.93 8.19 -0.62
N ILE A 90 8.35 7.04 -0.29
CA ILE A 90 8.82 6.25 0.85
C ILE A 90 10.12 5.52 0.52
N ASN A 91 10.38 5.33 -0.77
CA ASN A 91 11.67 4.83 -1.23
C ASN A 91 12.80 5.76 -0.81
N GLN A 92 12.54 7.06 -0.89
CA GLN A 92 13.50 8.06 -0.41
C GLN A 92 13.56 8.08 1.12
N GLU A 93 12.40 8.00 1.75
CA GLU A 93 12.31 8.09 3.21
C GLU A 93 12.95 6.87 3.86
N PHE A 94 12.74 5.70 3.26
CA PHE A 94 13.20 4.44 3.85
C PHE A 94 14.72 4.32 3.78
N PRO A 95 15.30 3.73 4.81
CA PRO A 95 16.72 3.37 4.79
C PRO A 95 16.97 2.22 3.83
N ARG A 96 18.24 1.94 3.56
CA ARG A 96 18.63 0.92 2.59
C ARG A 96 17.96 -0.41 2.90
N ASP A 97 17.87 -0.73 4.18
CA ASP A 97 17.29 -2.00 4.61
C ASP A 97 15.83 -2.12 4.17
N LEU A 98 15.06 -1.06 4.40
CA LEU A 98 13.64 -1.07 4.09
C LEU A 98 13.38 -0.78 2.63
N LYS A 99 14.34 -0.12 1.98
CA LYS A 99 14.29 0.09 0.54
C LYS A 99 14.39 -1.24 -0.20
N LYS A 100 15.23 -2.14 0.30
CA LYS A 100 15.31 -3.49 -0.23
C LYS A 100 14.00 -4.24 -0.06
N LYS A 101 13.44 -4.17 1.14
CA LYS A 101 12.14 -4.79 1.42
C LYS A 101 11.05 -4.16 0.58
N LEU A 102 11.13 -2.85 0.38
CA LEU A 102 10.17 -2.13 -0.47
C LEU A 102 10.20 -2.67 -1.90
N SER A 103 11.39 -2.78 -2.46
CA SER A 103 11.54 -3.23 -3.83
C SER A 103 11.05 -4.67 -4.00
N ARG A 104 11.17 -5.45 -2.93
CA ARG A 104 10.65 -6.82 -2.92
C ARG A 104 9.13 -6.83 -3.02
N VAL A 105 8.49 -5.95 -2.25
CA VAL A 105 7.05 -5.81 -2.30
C VAL A 105 6.57 -5.36 -3.67
N VAL A 106 7.27 -4.40 -4.25
CA VAL A 106 6.96 -3.91 -5.58
C VAL A 106 7.04 -5.03 -6.62
N ASN A 107 8.09 -5.85 -6.50
CA ASN A 107 8.23 -7.01 -7.36
C ASN A 107 7.07 -7.99 -7.18
N ILE A 108 6.65 -8.16 -5.93
CA ILE A 108 5.49 -8.99 -5.63
C ILE A 108 4.23 -8.42 -6.25
N LEU A 109 4.04 -7.12 -6.14
CA LEU A 109 2.89 -6.44 -6.71
C LEU A 109 2.83 -6.64 -8.22
N LYS A 110 3.99 -6.60 -8.87
CA LYS A 110 4.07 -6.82 -10.30
C LYS A 110 3.86 -8.29 -10.65
N GLU A 111 4.54 -9.17 -9.92
CA GLU A 111 4.56 -10.58 -10.25
C GLU A 111 3.18 -11.21 -10.08
N ARG A 112 2.47 -10.79 -9.02
CA ARG A 112 1.16 -11.34 -8.71
C ARG A 112 0.06 -10.58 -9.45
N ASN A 113 0.46 -9.66 -10.32
CA ASN A 113 -0.49 -8.89 -11.10
C ASN A 113 -1.50 -8.17 -10.20
N ILE A 114 -0.99 -7.55 -9.14
CA ILE A 114 -1.84 -6.88 -8.17
C ILE A 114 -2.44 -5.60 -8.75
N PHE A 115 -1.63 -4.86 -9.51
CA PHE A 115 -2.10 -3.66 -10.19
C PHE A 115 -1.97 -3.78 -11.70
N SER A 116 -2.61 -2.87 -12.42
CA SER A 116 -2.57 -2.90 -13.88
C SER A 116 -1.17 -2.56 -14.40
N LYS A 117 -0.93 -2.89 -15.66
CA LYS A 117 0.39 -2.68 -16.27
C LYS A 117 0.76 -1.20 -16.24
N GLN A 118 -0.22 -0.34 -16.42
CA GLN A 118 0.00 1.11 -16.41
C GLN A 118 0.44 1.57 -15.02
N VAL A 119 -0.22 1.07 -13.99
CA VAL A 119 0.12 1.42 -12.62
C VAL A 119 1.52 0.94 -12.27
N VAL A 120 1.84 -0.29 -12.66
CA VAL A 120 3.16 -0.85 -12.44
C VAL A 120 4.24 0.00 -13.10
N ASN A 121 3.99 0.40 -14.34
CA ASN A 121 4.91 1.27 -15.06
C ASN A 121 5.08 2.61 -14.36
N ASP A 122 3.97 3.15 -13.86
CA ASP A 122 4.00 4.39 -13.11
C ASP A 122 4.82 4.26 -11.83
N ILE A 123 4.67 3.11 -11.17
CA ILE A 123 5.43 2.82 -9.96
C ILE A 123 6.93 2.75 -10.25
N GLU A 124 7.28 2.00 -11.29
CA GLU A 124 8.68 1.79 -11.63
C GLU A 124 9.37 3.11 -11.99
N ARG A 125 8.67 3.95 -12.73
CA ARG A 125 9.20 5.24 -13.13
C ARG A 125 9.29 6.19 -11.94
N SER A 126 8.32 6.09 -11.04
CA SER A 126 8.32 6.90 -9.82
C SER A 126 9.48 6.50 -8.91
N LEU A 127 9.74 5.20 -8.81
CA LEU A 127 10.87 4.71 -8.04
C LEU A 127 12.19 5.16 -8.64
N ALA A 128 12.28 5.14 -9.96
CA ALA A 128 13.47 5.61 -10.66
C ALA A 128 13.71 7.10 -10.40
N ALA A 129 12.63 7.87 -10.41
CA ALA A 129 12.71 9.30 -10.10
C ALA A 129 13.22 9.53 -8.69
N ALA A 130 12.76 8.70 -7.76
CA ALA A 130 13.21 8.77 -6.37
C ALA A 130 14.71 8.45 -6.27
N LEU A 131 15.16 7.51 -7.09
CA LEU A 131 16.58 7.15 -7.13
C LEU A 131 17.40 8.29 -7.73
N GLU A 132 16.83 8.99 -8.70
CA GLU A 132 17.51 10.11 -9.34
C GLU A 132 17.60 11.30 -8.40
N HIS A 133 16.50 11.59 -7.71
CA HIS A 133 16.44 12.73 -6.80
C HIS A 133 15.79 12.34 -5.48
N SER A 1 -13.49 4.54 11.11
CA SER A 1 -13.95 4.71 12.48
C SER A 1 -12.79 5.05 13.41
N GLU A 2 -13.11 5.57 14.59
CA GLU A 2 -12.10 5.89 15.58
C GLU A 2 -11.51 4.62 16.20
N GLN A 3 -12.32 3.58 16.29
CA GLN A 3 -11.87 2.29 16.81
C GLN A 3 -10.81 1.67 15.89
N PHE A 4 -11.09 1.70 14.59
CA PHE A 4 -10.12 1.24 13.60
C PHE A 4 -8.86 2.09 13.63
N THR A 5 -9.04 3.41 13.64
CA THR A 5 -7.92 4.34 13.70
C THR A 5 -6.96 3.97 14.83
N THR A 6 -7.52 3.68 16.00
CA THR A 6 -6.72 3.27 17.14
C THR A 6 -5.98 1.97 16.86
N LYS A 7 -6.70 1.00 16.29
CA LYS A 7 -6.10 -0.28 15.95
C LYS A 7 -4.99 -0.14 14.91
N LEU A 8 -5.17 0.81 14.00
CA LEU A 8 -4.16 1.11 12.99
C LEU A 8 -2.93 1.74 13.62
N ASN A 9 -3.15 2.74 14.47
CA ASN A 9 -2.07 3.42 15.15
C ASN A 9 -1.29 2.48 16.06
N THR A 10 -1.99 1.49 16.61
CA THR A 10 -1.36 0.49 17.46
C THR A 10 -1.31 -0.87 16.77
N LEU A 11 -1.20 -0.85 15.45
CA LEU A 11 -1.12 -2.08 14.66
C LEU A 11 0.13 -2.88 15.03
N GLU A 12 -0.06 -4.17 15.24
CA GLU A 12 1.05 -5.06 15.62
C GLU A 12 1.81 -5.53 14.39
N ASP A 13 2.95 -6.18 14.62
CA ASP A 13 3.70 -6.82 13.55
C ASP A 13 3.18 -8.21 13.26
N SER A 14 2.24 -8.67 14.08
CA SER A 14 1.64 -9.98 13.89
C SER A 14 0.70 -10.00 12.70
N GLN A 15 0.56 -11.16 12.07
CA GLN A 15 -0.28 -11.31 10.89
C GLN A 15 -1.76 -11.26 11.26
N GLU A 16 -2.07 -11.70 12.49
CA GLU A 16 -3.43 -11.61 13.00
C GLU A 16 -3.92 -10.17 13.04
N SER A 17 -3.11 -9.30 13.64
CA SER A 17 -3.47 -7.89 13.73
C SER A 17 -3.54 -7.24 12.36
N ILE A 18 -2.54 -7.51 11.52
CA ILE A 18 -2.45 -6.91 10.20
C ILE A 18 -3.63 -7.34 9.34
N SER A 19 -3.90 -8.64 9.30
CA SER A 19 -4.94 -9.18 8.45
C SER A 19 -6.32 -8.76 8.91
N SER A 20 -6.46 -8.53 10.21
CA SER A 20 -7.71 -8.03 10.78
C SER A 20 -7.99 -6.61 10.32
N ALA A 21 -6.97 -5.77 10.35
CA ALA A 21 -7.09 -4.39 9.88
C ALA A 21 -7.33 -4.33 8.38
N SER A 22 -6.59 -5.15 7.63
CA SER A 22 -6.70 -5.17 6.17
C SER A 22 -8.03 -5.75 5.73
N LYS A 23 -8.58 -6.65 6.55
CA LYS A 23 -9.93 -7.17 6.33
C LYS A 23 -10.96 -6.05 6.32
N TRP A 24 -10.92 -5.21 7.34
CA TRP A 24 -11.81 -4.06 7.44
C TRP A 24 -11.67 -3.16 6.21
N LEU A 25 -10.43 -2.90 5.82
CA LEU A 25 -10.15 -2.06 4.67
C LEU A 25 -10.72 -2.67 3.40
N LEU A 26 -10.63 -3.99 3.28
CA LEU A 26 -11.22 -4.71 2.15
C LEU A 26 -12.74 -4.61 2.18
N LEU A 27 -13.32 -4.78 3.36
CA LEU A 27 -14.78 -4.77 3.51
C LEU A 27 -15.36 -3.44 3.06
N GLN A 28 -14.62 -2.37 3.29
CA GLN A 28 -15.05 -1.03 2.87
C GLN A 28 -14.87 -0.84 1.37
N TYR A 29 -15.65 -1.57 0.59
CA TYR A 29 -15.59 -1.48 -0.87
C TYR A 29 -16.30 -0.23 -1.37
N ARG A 30 -17.27 0.25 -0.59
CA ARG A 30 -17.96 1.48 -0.90
C ARG A 30 -17.08 2.70 -0.66
N ASP A 31 -16.13 2.55 0.26
CA ASP A 31 -15.14 3.60 0.52
C ASP A 31 -13.77 3.21 0.00
N ALA A 32 -13.74 2.62 -1.20
CA ALA A 32 -12.51 2.06 -1.74
C ALA A 32 -11.46 3.14 -1.95
N PRO A 33 -11.88 4.26 -2.53
CA PRO A 33 -10.96 5.35 -2.85
C PRO A 33 -10.66 6.19 -1.60
N LYS A 34 -11.46 6.00 -0.57
CA LYS A 34 -11.18 6.60 0.74
C LYS A 34 -10.20 5.76 1.54
N VAL A 35 -10.26 4.45 1.35
CA VAL A 35 -9.21 3.56 1.86
C VAL A 35 -7.87 3.88 1.23
N ALA A 36 -7.85 4.09 -0.07
CA ALA A 36 -6.64 4.47 -0.78
C ALA A 36 -6.13 5.82 -0.28
N GLU A 37 -7.05 6.75 -0.05
CA GLU A 37 -6.71 8.05 0.51
C GLU A 37 -6.07 7.91 1.89
N MET A 38 -6.72 7.12 2.75
CA MET A 38 -6.19 6.85 4.08
C MET A 38 -4.80 6.21 4.01
N TRP A 39 -4.66 5.24 3.11
CA TRP A 39 -3.38 4.57 2.91
C TRP A 39 -2.31 5.56 2.45
N LYS A 40 -2.67 6.41 1.50
CA LYS A 40 -1.75 7.43 1.00
C LYS A 40 -1.23 8.31 2.14
N GLU A 41 -2.15 8.87 2.92
CA GLU A 41 -1.78 9.73 4.05
C GLU A 41 -0.99 8.94 5.08
N TYR A 42 -1.43 7.73 5.36
CA TYR A 42 -0.75 6.87 6.33
C TYR A 42 0.72 6.68 5.96
N MET A 43 0.96 6.45 4.68
CA MET A 43 2.30 6.10 4.21
C MET A 43 3.20 7.32 4.13
N LEU A 44 2.60 8.48 3.88
CA LEU A 44 3.37 9.67 3.54
C LEU A 44 3.60 10.54 4.78
N ARG A 45 2.63 10.55 5.68
CA ARG A 45 2.71 11.36 6.89
C ARG A 45 3.89 10.95 7.76
N PRO A 46 4.66 11.94 8.22
CA PRO A 46 5.85 11.66 9.01
C PRO A 46 5.48 11.25 10.43
N SER A 47 4.22 11.43 10.79
CA SER A 47 3.72 11.02 12.09
C SER A 47 3.72 9.50 12.22
N VAL A 48 3.78 8.82 11.07
CA VAL A 48 3.83 7.36 11.05
C VAL A 48 5.27 6.86 10.94
N ASN A 49 5.64 5.93 11.81
CA ASN A 49 6.97 5.35 11.80
C ASN A 49 7.21 4.55 10.53
N THR A 50 8.46 4.53 10.07
CA THR A 50 8.81 3.86 8.82
C THR A 50 8.58 2.36 8.92
N ARG A 51 8.69 1.83 10.13
CA ARG A 51 8.31 0.44 10.40
C ARG A 51 6.80 0.26 10.27
N ARG A 52 6.04 1.23 10.73
CA ARG A 52 4.59 1.20 10.62
C ARG A 52 4.15 1.43 9.18
N LYS A 53 4.97 2.16 8.42
CA LYS A 53 4.73 2.33 6.99
C LYS A 53 4.86 1.00 6.25
N LEU A 54 5.87 0.22 6.62
CA LEU A 54 6.00 -1.14 6.10
C LEU A 54 4.76 -1.97 6.38
N LEU A 55 4.20 -1.82 7.59
CA LEU A 55 2.94 -2.45 7.93
C LEU A 55 1.82 -1.96 7.03
N GLY A 56 1.86 -0.69 6.68
CA GLY A 56 0.90 -0.11 5.74
C GLY A 56 0.95 -0.82 4.39
N LEU A 57 2.17 -1.13 3.94
CA LEU A 57 2.36 -1.88 2.71
C LEU A 57 1.75 -3.27 2.81
N TYR A 58 1.86 -3.88 3.99
CA TYR A 58 1.28 -5.18 4.24
C TYR A 58 -0.25 -5.12 4.20
N LEU A 59 -0.80 -4.05 4.75
CA LEU A 59 -2.24 -3.82 4.72
C LEU A 59 -2.75 -3.72 3.28
N MET A 60 -2.04 -2.95 2.46
CA MET A 60 -2.36 -2.85 1.04
C MET A 60 -2.31 -4.22 0.36
N ASN A 61 -1.20 -4.92 0.56
CA ASN A 61 -0.98 -6.21 -0.11
C ASN A 61 -2.17 -7.13 0.07
N HIS A 62 -2.69 -7.20 1.30
CA HIS A 62 -3.82 -8.06 1.60
C HIS A 62 -5.06 -7.66 0.82
N VAL A 63 -5.32 -6.35 0.78
CA VAL A 63 -6.53 -5.83 0.15
C VAL A 63 -6.48 -5.99 -1.36
N VAL A 64 -5.35 -5.62 -1.96
CA VAL A 64 -5.21 -5.62 -3.40
C VAL A 64 -5.07 -7.03 -3.96
N GLN A 65 -4.55 -7.93 -3.12
CA GLN A 65 -4.49 -9.34 -3.46
C GLN A 65 -5.89 -9.96 -3.52
N GLN A 66 -6.74 -9.56 -2.58
CA GLN A 66 -8.14 -9.98 -2.59
C GLN A 66 -8.91 -9.30 -3.69
N ALA A 67 -8.53 -8.05 -4.00
CA ALA A 67 -9.10 -7.33 -5.14
C ALA A 67 -8.75 -8.02 -6.45
N LYS A 68 -7.55 -8.59 -6.51
CA LYS A 68 -7.12 -9.36 -7.67
C LYS A 68 -7.92 -10.65 -7.79
N GLY A 69 -8.05 -11.37 -6.67
CA GLY A 69 -8.74 -12.65 -6.66
C GLY A 69 -10.23 -12.48 -6.87
N GLN A 70 -10.81 -11.48 -6.22
CA GLN A 70 -12.24 -11.24 -6.29
C GLN A 70 -12.59 -10.34 -7.47
N LYS A 71 -11.56 -9.83 -8.15
CA LYS A 71 -11.76 -8.96 -9.30
C LYS A 71 -12.50 -7.69 -8.90
N ILE A 72 -11.93 -6.94 -7.97
CA ILE A 72 -12.51 -5.68 -7.52
C ILE A 72 -11.75 -4.49 -8.09
N ILE A 73 -12.26 -3.93 -9.18
CA ILE A 73 -11.60 -2.82 -9.85
C ILE A 73 -11.58 -1.57 -8.98
N GLN A 74 -12.53 -1.50 -8.05
CA GLN A 74 -12.63 -0.36 -7.15
C GLN A 74 -11.32 -0.16 -6.38
N PHE A 75 -10.79 -1.23 -5.83
CA PHE A 75 -9.56 -1.17 -5.06
C PHE A 75 -8.33 -1.10 -5.97
N GLN A 76 -8.38 -1.88 -7.05
CA GLN A 76 -7.26 -1.94 -7.99
C GLN A 76 -7.00 -0.56 -8.62
N ASP A 77 -8.07 0.12 -9.00
CA ASP A 77 -7.96 1.47 -9.54
C ASP A 77 -7.54 2.46 -8.47
N SER A 78 -8.21 2.41 -7.32
CA SER A 78 -7.95 3.36 -6.25
C SER A 78 -6.51 3.27 -5.76
N PHE A 79 -6.07 2.06 -5.45
CA PHE A 79 -4.72 1.84 -4.93
C PHE A 79 -3.67 2.08 -6.02
N GLY A 80 -4.00 1.69 -7.24
CA GLY A 80 -3.09 1.86 -8.37
C GLY A 80 -2.68 3.32 -8.54
N LYS A 81 -3.67 4.21 -8.44
CA LYS A 81 -3.43 5.63 -8.64
C LYS A 81 -2.50 6.20 -7.58
N VAL A 82 -2.78 5.87 -6.32
CA VAL A 82 -2.04 6.41 -5.20
C VAL A 82 -0.70 5.71 -5.02
N ALA A 83 -0.64 4.44 -5.43
CA ALA A 83 0.57 3.64 -5.31
C ALA A 83 1.70 4.21 -6.17
N ALA A 84 1.35 4.64 -7.38
CA ALA A 84 2.34 5.20 -8.29
C ALA A 84 3.10 6.35 -7.65
N GLU A 85 2.39 7.16 -6.88
CA GLU A 85 3.00 8.30 -6.20
C GLU A 85 3.67 7.88 -4.90
N VAL A 86 2.90 7.20 -4.04
CA VAL A 86 3.35 6.91 -2.68
C VAL A 86 4.60 6.05 -2.69
N LEU A 87 4.57 4.98 -3.48
CA LEU A 87 5.65 3.99 -3.48
C LEU A 87 6.98 4.64 -3.82
N GLY A 88 6.94 5.61 -4.72
CA GLY A 88 8.14 6.38 -5.07
C GLY A 88 8.60 7.24 -3.91
N ARG A 89 7.66 7.94 -3.28
CA ARG A 89 7.96 8.86 -2.19
C ARG A 89 8.58 8.13 -1.01
N ILE A 90 8.00 6.99 -0.65
CA ILE A 90 8.42 6.24 0.52
C ILE A 90 9.73 5.49 0.25
N ASN A 91 9.99 5.23 -1.03
CA ASN A 91 11.28 4.69 -1.45
C ASN A 91 12.42 5.60 -1.04
N GLN A 92 12.25 6.90 -1.30
CA GLN A 92 13.24 7.89 -0.88
C GLN A 92 13.31 7.98 0.64
N GLU A 93 12.16 7.94 1.29
CA GLU A 93 12.09 8.06 2.74
C GLU A 93 12.74 6.87 3.43
N PHE A 94 12.53 5.68 2.86
CA PHE A 94 13.00 4.44 3.47
C PHE A 94 14.52 4.34 3.41
N PRO A 95 15.11 3.84 4.49
CA PRO A 95 16.52 3.45 4.47
C PRO A 95 16.76 2.24 3.58
N ARG A 96 18.01 1.81 3.50
CA ARG A 96 18.38 0.70 2.62
C ARG A 96 17.59 -0.55 2.94
N ASP A 97 17.41 -0.81 4.23
CA ASP A 97 16.75 -2.03 4.69
C ASP A 97 15.30 -2.06 4.21
N LEU A 98 14.57 -0.99 4.47
CA LEU A 98 13.15 -0.91 4.13
C LEU A 98 12.95 -0.67 2.64
N LYS A 99 13.94 -0.05 2.01
CA LYS A 99 13.93 0.14 0.56
C LYS A 99 13.96 -1.20 -0.16
N LYS A 100 14.78 -2.11 0.33
CA LYS A 100 14.84 -3.46 -0.21
C LYS A 100 13.51 -4.19 -0.01
N LYS A 101 12.96 -4.09 1.20
CA LYS A 101 11.68 -4.70 1.51
C LYS A 101 10.56 -4.10 0.66
N LEU A 102 10.63 -2.80 0.44
CA LEU A 102 9.69 -2.13 -0.45
C LEU A 102 9.74 -2.70 -1.86
N SER A 103 10.95 -2.83 -2.39
CA SER A 103 11.13 -3.33 -3.75
C SER A 103 10.59 -4.74 -3.90
N ARG A 104 10.64 -5.50 -2.81
CA ARG A 104 10.04 -6.83 -2.78
C ARG A 104 8.52 -6.75 -2.90
N VAL A 105 7.93 -5.82 -2.15
CA VAL A 105 6.49 -5.58 -2.24
C VAL A 105 6.08 -5.20 -3.66
N VAL A 106 6.85 -4.31 -4.27
CA VAL A 106 6.56 -3.87 -5.63
C VAL A 106 6.67 -5.01 -6.63
N ASN A 107 7.70 -5.83 -6.47
CA ASN A 107 7.90 -6.99 -7.33
C ASN A 107 6.72 -7.95 -7.22
N ILE A 108 6.22 -8.14 -6.00
CA ILE A 108 5.05 -8.98 -5.77
C ILE A 108 3.84 -8.45 -6.53
N LEU A 109 3.63 -7.14 -6.44
CA LEU A 109 2.51 -6.49 -7.11
C LEU A 109 2.59 -6.67 -8.62
N LYS A 110 3.80 -6.56 -9.16
CA LYS A 110 4.02 -6.70 -10.59
C LYS A 110 3.86 -8.15 -11.03
N GLU A 111 4.55 -9.05 -10.34
CA GLU A 111 4.60 -10.46 -10.76
C GLU A 111 3.22 -11.09 -10.69
N ARG A 112 2.43 -10.68 -9.71
CA ARG A 112 1.09 -11.24 -9.52
C ARG A 112 0.06 -10.48 -10.33
N ASN A 113 0.52 -9.51 -11.11
CA ASN A 113 -0.35 -8.75 -11.99
C ASN A 113 -1.50 -8.11 -11.20
N ILE A 114 -1.17 -7.53 -10.06
CA ILE A 114 -2.18 -6.93 -9.20
C ILE A 114 -2.78 -5.68 -9.84
N PHE A 115 -1.92 -4.85 -10.43
CA PHE A 115 -2.36 -3.64 -11.10
C PHE A 115 -2.10 -3.72 -12.61
N SER A 116 -2.63 -2.76 -13.34
CA SER A 116 -2.44 -2.69 -14.79
C SER A 116 -1.00 -2.33 -15.14
N LYS A 117 -0.60 -2.60 -16.37
CA LYS A 117 0.74 -2.29 -16.84
C LYS A 117 1.02 -0.80 -16.75
N GLN A 118 -0.02 0.01 -17.00
CA GLN A 118 0.09 1.45 -16.86
C GLN A 118 0.49 1.84 -15.43
N VAL A 119 -0.21 1.28 -14.45
CA VAL A 119 0.09 1.55 -13.05
C VAL A 119 1.49 1.10 -12.67
N VAL A 120 1.85 -0.10 -13.09
CA VAL A 120 3.17 -0.66 -12.80
C VAL A 120 4.28 0.22 -13.35
N ASN A 121 4.12 0.65 -14.59
CA ASN A 121 5.10 1.53 -15.23
C ASN A 121 5.22 2.85 -14.49
N ASP A 122 4.09 3.38 -14.05
CA ASP A 122 4.06 4.63 -13.30
C ASP A 122 4.75 4.47 -11.95
N ILE A 123 4.55 3.32 -11.32
CA ILE A 123 5.23 3.00 -10.07
C ILE A 123 6.74 2.94 -10.26
N GLU A 124 7.17 2.20 -11.28
CA GLU A 124 8.59 2.00 -11.52
C GLU A 124 9.29 3.31 -11.83
N ARG A 125 8.59 4.19 -12.54
CA ARG A 125 9.15 5.50 -12.89
C ARG A 125 9.41 6.34 -11.65
N SER A 126 8.43 6.36 -10.75
CA SER A 126 8.55 7.14 -9.52
C SER A 126 9.59 6.54 -8.59
N LEU A 127 9.73 5.22 -8.63
CA LEU A 127 10.77 4.53 -7.87
C LEU A 127 12.16 4.90 -8.39
N ALA A 128 12.31 4.95 -9.71
CA ALA A 128 13.57 5.34 -10.32
C ALA A 128 13.95 6.77 -9.95
N ALA A 129 12.96 7.64 -9.93
CA ALA A 129 13.18 9.03 -9.52
C ALA A 129 13.67 9.11 -8.09
N ALA A 130 13.11 8.27 -7.23
CA ALA A 130 13.54 8.20 -5.83
C ALA A 130 14.96 7.65 -5.73
N LEU A 131 15.26 6.65 -6.55
CA LEU A 131 16.59 6.04 -6.56
C LEU A 131 17.64 7.04 -7.03
N GLU A 132 17.25 7.94 -7.90
CA GLU A 132 18.14 9.00 -8.37
C GLU A 132 18.40 10.01 -7.26
N HIS A 133 19.32 9.66 -6.36
CA HIS A 133 19.68 10.53 -5.25
C HIS A 133 20.72 11.56 -5.66
N SER A 1 -15.93 3.39 6.48
CA SER A 1 -14.79 2.54 6.77
C SER A 1 -14.02 3.05 7.98
N GLU A 2 -14.74 3.59 8.96
CA GLU A 2 -14.12 4.13 10.16
C GLU A 2 -13.52 3.03 11.02
N GLN A 3 -14.02 1.81 10.85
CA GLN A 3 -13.45 0.66 11.54
C GLN A 3 -12.05 0.36 11.07
N PHE A 4 -11.84 0.40 9.75
CA PHE A 4 -10.51 0.29 9.18
C PHE A 4 -9.63 1.48 9.56
N THR A 5 -10.17 2.68 9.40
CA THR A 5 -9.44 3.90 9.70
C THR A 5 -8.75 3.82 11.05
N THR A 6 -9.51 3.41 12.06
CA THR A 6 -8.97 3.27 13.41
C THR A 6 -7.88 2.20 13.47
N LYS A 7 -8.15 1.06 12.85
CA LYS A 7 -7.22 -0.07 12.87
C LYS A 7 -5.93 0.28 12.14
N LEU A 8 -6.04 1.05 11.06
CA LEU A 8 -4.88 1.51 10.31
C LEU A 8 -4.04 2.46 11.15
N ASN A 9 -4.69 3.44 11.75
CA ASN A 9 -4.00 4.42 12.59
C ASN A 9 -3.30 3.75 13.76
N THR A 10 -3.91 2.69 14.28
CA THR A 10 -3.33 1.95 15.40
C THR A 10 -2.88 0.56 14.96
N LEU A 11 -2.43 0.45 13.72
CA LEU A 11 -1.93 -0.82 13.19
C LEU A 11 -0.72 -1.31 13.96
N GLU A 12 -0.82 -2.52 14.51
CA GLU A 12 0.23 -3.06 15.36
C GLU A 12 1.17 -3.95 14.58
N ASP A 13 2.37 -4.16 15.12
CA ASP A 13 3.39 -4.93 14.42
C ASP A 13 3.15 -6.42 14.57
N SER A 14 2.22 -6.94 13.78
CA SER A 14 1.94 -8.37 13.75
C SER A 14 1.13 -8.75 12.52
N GLN A 15 1.19 -10.03 12.15
CA GLN A 15 0.44 -10.52 11.01
C GLN A 15 -1.05 -10.59 11.31
N GLU A 16 -1.38 -10.83 12.58
CA GLU A 16 -2.77 -10.86 13.01
C GLU A 16 -3.42 -9.48 12.95
N SER A 17 -2.65 -8.47 13.33
CA SER A 17 -3.12 -7.09 13.26
C SER A 17 -3.36 -6.67 11.82
N ILE A 18 -2.40 -6.96 10.95
CA ILE A 18 -2.53 -6.65 9.52
C ILE A 18 -3.70 -7.41 8.90
N SER A 19 -3.81 -8.70 9.23
CA SER A 19 -4.90 -9.51 8.74
C SER A 19 -6.25 -8.94 9.12
N SER A 20 -6.37 -8.51 10.38
CA SER A 20 -7.60 -7.91 10.88
C SER A 20 -7.90 -6.60 10.16
N ALA A 21 -6.86 -5.80 9.94
CA ALA A 21 -7.00 -4.54 9.22
C ALA A 21 -7.47 -4.77 7.79
N SER A 22 -6.87 -5.76 7.12
CA SER A 22 -7.22 -6.09 5.75
C SER A 22 -8.66 -6.58 5.66
N LYS A 23 -9.10 -7.27 6.70
CA LYS A 23 -10.50 -7.72 6.79
C LYS A 23 -11.45 -6.53 6.80
N TRP A 24 -11.15 -5.55 7.65
CA TRP A 24 -12.00 -4.37 7.79
C TRP A 24 -12.13 -3.63 6.47
N LEU A 25 -11.02 -3.54 5.74
CA LEU A 25 -11.00 -2.83 4.46
C LEU A 25 -11.75 -3.60 3.38
N LEU A 26 -11.49 -4.91 3.33
CA LEU A 26 -12.14 -5.77 2.33
C LEU A 26 -13.65 -5.78 2.52
N LEU A 27 -14.09 -5.63 3.77
CA LEU A 27 -15.52 -5.57 4.07
C LEU A 27 -16.06 -4.16 3.84
N GLN A 28 -15.17 -3.23 3.54
CA GLN A 28 -15.57 -1.85 3.27
C GLN A 28 -15.05 -1.37 1.93
N TYR A 29 -15.07 -2.26 0.94
CA TYR A 29 -14.53 -1.95 -0.38
C TYR A 29 -15.26 -0.77 -1.02
N ARG A 30 -16.50 -0.55 -0.59
CA ARG A 30 -17.33 0.51 -1.16
C ARG A 30 -16.82 1.88 -0.74
N ASP A 31 -16.02 1.91 0.32
CA ASP A 31 -15.44 3.17 0.79
C ASP A 31 -13.99 3.30 0.35
N ALA A 32 -13.57 2.42 -0.55
CA ALA A 32 -12.18 2.36 -0.96
C ALA A 32 -11.71 3.69 -1.55
N PRO A 33 -12.58 4.31 -2.35
CA PRO A 33 -12.28 5.60 -2.96
C PRO A 33 -11.81 6.60 -1.90
N LYS A 34 -12.38 6.51 -0.71
CA LYS A 34 -12.01 7.39 0.40
C LYS A 34 -10.76 6.87 1.11
N VAL A 35 -10.65 5.56 1.19
CA VAL A 35 -9.48 4.94 1.82
C VAL A 35 -8.21 5.25 1.06
N ALA A 36 -8.35 5.48 -0.24
CA ALA A 36 -7.22 5.92 -1.07
C ALA A 36 -6.47 7.07 -0.40
N GLU A 37 -7.21 8.07 0.06
CA GLU A 37 -6.62 9.21 0.74
C GLU A 37 -6.14 8.84 2.14
N MET A 38 -6.89 7.98 2.81
CA MET A 38 -6.53 7.52 4.14
C MET A 38 -5.17 6.82 4.14
N TRP A 39 -5.00 5.85 3.24
CA TRP A 39 -3.75 5.11 3.14
C TRP A 39 -2.61 6.01 2.72
N LYS A 40 -2.85 6.85 1.72
CA LYS A 40 -1.86 7.82 1.26
C LYS A 40 -1.38 8.69 2.41
N GLU A 41 -2.32 9.29 3.13
CA GLU A 41 -2.00 10.16 4.26
C GLU A 41 -1.21 9.40 5.32
N TYR A 42 -1.69 8.22 5.70
CA TYR A 42 -1.03 7.40 6.69
C TYR A 42 0.42 7.12 6.30
N MET A 43 0.61 6.65 5.07
CA MET A 43 1.94 6.29 4.58
C MET A 43 2.85 7.52 4.49
N LEU A 44 2.23 8.68 4.28
CA LEU A 44 2.98 9.94 4.16
C LEU A 44 2.79 10.80 5.39
N ARG A 45 2.38 10.18 6.50
CA ARG A 45 2.18 10.91 7.75
C ARG A 45 3.48 11.04 8.53
N PRO A 46 3.79 12.26 8.96
CA PRO A 46 5.06 12.55 9.60
C PRO A 46 5.11 12.01 11.02
N SER A 47 3.95 11.65 11.55
CA SER A 47 3.85 11.07 12.88
C SER A 47 4.00 9.55 12.83
N VAL A 48 4.21 9.03 11.62
CA VAL A 48 4.38 7.59 11.44
C VAL A 48 5.80 7.26 11.02
N ASN A 49 6.39 6.24 11.65
CA ASN A 49 7.75 5.84 11.37
C ASN A 49 7.81 4.78 10.28
N THR A 50 9.03 4.42 9.87
CA THR A 50 9.23 3.56 8.71
C THR A 50 8.76 2.15 9.01
N ARG A 51 8.82 1.74 10.27
CA ARG A 51 8.35 0.44 10.68
C ARG A 51 6.85 0.30 10.50
N ARG A 52 6.11 1.33 10.91
CA ARG A 52 4.66 1.34 10.78
C ARG A 52 4.24 1.52 9.32
N LYS A 53 5.05 2.24 8.56
CA LYS A 53 4.85 2.37 7.13
C LYS A 53 5.05 1.02 6.43
N LEU A 54 6.06 0.29 6.85
CA LEU A 54 6.29 -1.06 6.34
C LEU A 54 5.09 -1.96 6.59
N LEU A 55 4.49 -1.82 7.76
CA LEU A 55 3.26 -2.55 8.09
C LEU A 55 2.13 -2.18 7.13
N GLY A 56 2.02 -0.90 6.84
CA GLY A 56 0.99 -0.41 5.91
C GLY A 56 1.29 -0.87 4.49
N LEU A 57 2.56 -1.01 4.16
CA LEU A 57 2.97 -1.53 2.85
C LEU A 57 2.48 -2.96 2.66
N TYR A 58 2.77 -3.82 3.64
CA TYR A 58 2.35 -5.21 3.58
C TYR A 58 0.84 -5.34 3.72
N LEU A 59 0.24 -4.43 4.48
CA LEU A 59 -1.22 -4.37 4.59
C LEU A 59 -1.86 -4.20 3.22
N MET A 60 -1.39 -3.22 2.46
CA MET A 60 -1.83 -3.04 1.08
C MET A 60 -1.64 -4.32 0.28
N ASN A 61 -0.42 -4.86 0.30
CA ASN A 61 -0.09 -6.04 -0.48
C ASN A 61 -1.12 -7.15 -0.30
N HIS A 62 -1.52 -7.36 0.95
CA HIS A 62 -2.47 -8.42 1.27
C HIS A 62 -3.85 -8.10 0.71
N VAL A 63 -4.25 -6.84 0.80
CA VAL A 63 -5.57 -6.42 0.36
C VAL A 63 -5.69 -6.48 -1.16
N VAL A 64 -4.68 -5.96 -1.84
CA VAL A 64 -4.70 -5.86 -3.30
C VAL A 64 -4.53 -7.24 -3.94
N GLN A 65 -3.88 -8.15 -3.21
CA GLN A 65 -3.82 -9.55 -3.61
C GLN A 65 -5.19 -10.20 -3.56
N GLN A 66 -5.96 -9.87 -2.52
CA GLN A 66 -7.34 -10.33 -2.43
C GLN A 66 -8.22 -9.64 -3.46
N ALA A 67 -7.91 -8.37 -3.75
CA ALA A 67 -8.60 -7.63 -4.79
C ALA A 67 -8.38 -8.26 -6.16
N LYS A 68 -7.18 -8.80 -6.36
CA LYS A 68 -6.86 -9.50 -7.61
C LYS A 68 -7.66 -10.79 -7.72
N GLY A 69 -7.69 -11.57 -6.64
CA GLY A 69 -8.41 -12.83 -6.62
C GLY A 69 -9.91 -12.62 -6.69
N GLN A 70 -10.39 -11.62 -5.94
CA GLN A 70 -11.82 -11.34 -5.88
C GLN A 70 -12.25 -10.39 -6.99
N LYS A 71 -11.28 -9.86 -7.71
CA LYS A 71 -11.56 -8.96 -8.82
C LYS A 71 -12.29 -7.71 -8.37
N ILE A 72 -11.67 -6.97 -7.45
CA ILE A 72 -12.25 -5.74 -6.93
C ILE A 72 -11.54 -4.51 -7.50
N ILE A 73 -12.16 -3.89 -8.49
CA ILE A 73 -11.53 -2.75 -9.18
C ILE A 73 -11.49 -1.53 -8.28
N GLN A 74 -12.27 -1.55 -7.21
CA GLN A 74 -12.29 -0.44 -6.26
C GLN A 74 -10.94 -0.27 -5.58
N PHE A 75 -10.24 -1.37 -5.38
CA PHE A 75 -8.93 -1.35 -4.72
C PHE A 75 -7.81 -1.13 -5.73
N GLN A 76 -8.02 -1.60 -6.95
CA GLN A 76 -7.08 -1.34 -8.04
C GLN A 76 -6.99 0.16 -8.33
N ASP A 77 -8.11 0.85 -8.21
CA ASP A 77 -8.13 2.31 -8.33
C ASP A 77 -7.67 2.98 -7.05
N SER A 78 -8.29 2.60 -5.93
CA SER A 78 -8.00 3.22 -4.65
C SER A 78 -6.49 3.27 -4.38
N PHE A 79 -5.85 2.11 -4.48
CA PHE A 79 -4.41 2.02 -4.19
C PHE A 79 -3.58 2.44 -5.40
N GLY A 80 -4.01 2.01 -6.58
CA GLY A 80 -3.24 2.22 -7.80
C GLY A 80 -2.97 3.69 -8.04
N LYS A 81 -3.97 4.53 -7.76
CA LYS A 81 -3.89 5.95 -8.07
C LYS A 81 -2.89 6.66 -7.15
N VAL A 82 -2.65 6.07 -5.99
CA VAL A 82 -1.81 6.70 -4.97
C VAL A 82 -0.52 5.93 -4.77
N ALA A 83 -0.50 4.69 -5.22
CA ALA A 83 0.66 3.82 -5.02
C ALA A 83 1.89 4.37 -5.75
N ALA A 84 1.68 4.85 -6.97
CA ALA A 84 2.77 5.35 -7.80
C ALA A 84 3.51 6.49 -7.10
N GLU A 85 2.77 7.33 -6.38
CA GLU A 85 3.36 8.44 -5.66
C GLU A 85 3.92 7.99 -4.31
N VAL A 86 3.07 7.34 -3.52
CA VAL A 86 3.42 7.00 -2.15
C VAL A 86 4.65 6.10 -2.10
N LEU A 87 4.64 5.05 -2.91
CA LEU A 87 5.69 4.03 -2.87
C LEU A 87 7.04 4.63 -3.23
N GLY A 88 7.04 5.60 -4.13
CA GLY A 88 8.26 6.31 -4.51
C GLY A 88 8.77 7.17 -3.36
N ARG A 89 7.86 7.87 -2.70
CA ARG A 89 8.22 8.76 -1.59
C ARG A 89 8.84 7.98 -0.44
N ILE A 90 8.21 6.86 -0.09
CA ILE A 90 8.65 6.05 1.04
C ILE A 90 9.91 5.27 0.70
N ASN A 91 10.14 5.07 -0.59
CA ASN A 91 11.37 4.45 -1.06
C ASN A 91 12.59 5.24 -0.60
N GLN A 92 12.52 6.55 -0.73
CA GLN A 92 13.58 7.43 -0.25
C GLN A 92 13.64 7.45 1.28
N GLU A 93 12.46 7.46 1.90
CA GLU A 93 12.38 7.53 3.35
C GLU A 93 12.88 6.24 4.01
N PHE A 94 12.63 5.11 3.34
CA PHE A 94 12.99 3.81 3.89
C PHE A 94 14.49 3.61 3.89
N PRO A 95 15.00 2.96 4.93
CA PRO A 95 16.40 2.54 4.97
C PRO A 95 16.67 1.40 3.99
N ARG A 96 17.93 1.05 3.85
CA ARG A 96 18.34 0.03 2.87
C ARG A 96 17.47 -1.22 2.98
N ASP A 97 17.32 -1.72 4.20
CA ASP A 97 16.63 -2.99 4.42
C ASP A 97 15.19 -2.92 3.94
N LEU A 98 14.51 -1.81 4.24
CA LEU A 98 13.12 -1.64 3.89
C LEU A 98 12.95 -1.29 2.42
N LYS A 99 13.98 -0.68 1.84
CA LYS A 99 14.01 -0.42 0.41
C LYS A 99 14.04 -1.72 -0.39
N LYS A 100 14.78 -2.69 0.12
CA LYS A 100 14.81 -4.02 -0.48
C LYS A 100 13.46 -4.71 -0.36
N LYS A 101 12.86 -4.62 0.83
CA LYS A 101 11.54 -5.19 1.06
C LYS A 101 10.48 -4.51 0.19
N LEU A 102 10.56 -3.19 0.09
CA LEU A 102 9.66 -2.43 -0.78
C LEU A 102 9.82 -2.87 -2.23
N SER A 103 11.06 -2.96 -2.69
CA SER A 103 11.34 -3.39 -4.05
C SER A 103 10.69 -4.74 -4.35
N ARG A 104 10.76 -5.65 -3.38
CA ARG A 104 10.17 -6.97 -3.53
C ARG A 104 8.66 -6.88 -3.68
N VAL A 105 8.03 -6.03 -2.85
CA VAL A 105 6.59 -5.84 -2.92
C VAL A 105 6.16 -5.31 -4.29
N VAL A 106 6.90 -4.32 -4.79
CA VAL A 106 6.63 -3.76 -6.11
C VAL A 106 6.78 -4.81 -7.20
N ASN A 107 7.81 -5.63 -7.09
CA ASN A 107 8.04 -6.71 -8.03
C ASN A 107 6.88 -7.70 -8.01
N ILE A 108 6.37 -7.98 -6.83
CA ILE A 108 5.21 -8.86 -6.67
C ILE A 108 3.98 -8.27 -7.36
N LEU A 109 3.76 -6.97 -7.15
CA LEU A 109 2.64 -6.28 -7.77
C LEU A 109 2.70 -6.36 -9.29
N LYS A 110 3.92 -6.26 -9.83
CA LYS A 110 4.13 -6.37 -11.27
C LYS A 110 3.91 -7.79 -11.75
N GLU A 111 4.61 -8.74 -11.12
CA GLU A 111 4.60 -10.12 -11.58
C GLU A 111 3.22 -10.74 -11.47
N ARG A 112 2.48 -10.34 -10.43
CA ARG A 112 1.15 -10.89 -10.19
C ARG A 112 0.08 -10.10 -10.91
N ASN A 113 0.51 -9.07 -11.65
CA ASN A 113 -0.42 -8.25 -12.42
C ASN A 113 -1.55 -7.72 -11.54
N ILE A 114 -1.20 -7.20 -10.37
CA ILE A 114 -2.18 -6.73 -9.40
C ILE A 114 -2.89 -5.48 -9.91
N PHE A 115 -2.12 -4.54 -10.43
CA PHE A 115 -2.68 -3.31 -10.99
C PHE A 115 -2.58 -3.31 -12.51
N SER A 116 -3.19 -2.31 -13.14
CA SER A 116 -3.11 -2.14 -14.58
C SER A 116 -1.70 -1.84 -15.03
N LYS A 117 -1.42 -2.06 -16.31
CA LYS A 117 -0.09 -1.84 -16.86
C LYS A 117 0.34 -0.38 -16.66
N GLN A 118 -0.60 0.54 -16.79
CA GLN A 118 -0.34 1.95 -16.52
C GLN A 118 0.17 2.16 -15.11
N VAL A 119 -0.57 1.64 -14.13
CA VAL A 119 -0.23 1.85 -12.73
C VAL A 119 1.09 1.18 -12.37
N VAL A 120 1.26 -0.06 -12.80
CA VAL A 120 2.45 -0.84 -12.48
C VAL A 120 3.70 -0.16 -13.03
N ASN A 121 3.63 0.29 -14.28
CA ASN A 121 4.76 0.97 -14.91
C ASN A 121 5.09 2.28 -14.19
N ASP A 122 4.05 3.00 -13.78
CA ASP A 122 4.23 4.26 -13.06
C ASP A 122 4.90 4.03 -11.72
N ILE A 123 4.50 2.96 -11.03
CA ILE A 123 5.10 2.61 -9.75
C ILE A 123 6.58 2.29 -9.89
N GLU A 124 6.90 1.39 -10.82
CA GLU A 124 8.28 0.97 -11.04
C GLU A 124 9.17 2.15 -11.38
N ARG A 125 8.69 3.01 -12.29
CA ARG A 125 9.48 4.13 -12.77
C ARG A 125 9.56 5.24 -11.71
N SER A 126 8.55 5.29 -10.86
CA SER A 126 8.53 6.24 -9.75
C SER A 126 9.68 5.98 -8.79
N LEU A 127 9.87 4.71 -8.44
CA LEU A 127 10.94 4.32 -7.52
C LEU A 127 12.30 4.42 -8.18
N ALA A 128 12.35 4.12 -9.48
CA ALA A 128 13.57 4.31 -10.25
C ALA A 128 13.99 5.77 -10.28
N ALA A 129 13.02 6.66 -10.49
CA ALA A 129 13.26 8.09 -10.43
C ALA A 129 13.66 8.54 -9.04
N ALA A 130 13.04 7.92 -8.04
CA ALA A 130 13.35 8.22 -6.64
C ALA A 130 14.80 7.86 -6.31
N LEU A 131 15.28 6.78 -6.91
CA LEU A 131 16.67 6.36 -6.75
C LEU A 131 17.61 7.36 -7.42
N GLU A 132 17.21 7.87 -8.57
CA GLU A 132 17.98 8.88 -9.28
C GLU A 132 17.95 10.22 -8.56
N HIS A 133 16.80 10.53 -7.96
CA HIS A 133 16.63 11.79 -7.25
C HIS A 133 17.37 11.77 -5.92
N SER A 1 -15.26 4.64 5.37
CA SER A 1 -14.73 3.51 6.12
C SER A 1 -13.72 3.97 7.17
N GLU A 2 -14.25 4.49 8.28
CA GLU A 2 -13.41 4.99 9.36
C GLU A 2 -12.69 3.85 10.07
N GLN A 3 -13.13 2.63 9.82
CA GLN A 3 -12.50 1.44 10.39
C GLN A 3 -11.05 1.32 9.94
N PHE A 4 -10.77 1.79 8.72
CA PHE A 4 -9.42 1.71 8.17
C PHE A 4 -8.48 2.65 8.91
N THR A 5 -8.94 3.86 9.18
CA THR A 5 -8.18 4.81 9.98
C THR A 5 -7.82 4.23 11.34
N THR A 6 -8.80 3.59 11.98
CA THR A 6 -8.58 2.94 13.25
C THR A 6 -7.52 1.84 13.14
N LYS A 7 -7.61 1.05 12.08
CA LYS A 7 -6.65 -0.02 11.85
C LYS A 7 -5.25 0.53 11.65
N LEU A 8 -5.15 1.64 10.92
CA LEU A 8 -3.86 2.29 10.70
C LEU A 8 -3.28 2.84 12.00
N ASN A 9 -4.16 3.39 12.85
CA ASN A 9 -3.74 3.94 14.13
C ASN A 9 -3.32 2.84 15.09
N THR A 10 -3.90 1.66 14.92
CA THR A 10 -3.63 0.54 15.82
C THR A 10 -3.13 -0.68 15.06
N LEU A 11 -2.16 -0.46 14.17
CA LEU A 11 -1.52 -1.55 13.45
C LEU A 11 -0.69 -2.42 14.38
N GLU A 12 -0.84 -3.73 14.25
CA GLU A 12 0.00 -4.68 14.97
C GLU A 12 0.91 -5.45 14.01
N ASP A 13 2.15 -5.68 14.44
CA ASP A 13 3.10 -6.42 13.64
C ASP A 13 2.74 -7.89 13.56
N SER A 14 1.72 -8.21 12.76
CA SER A 14 1.26 -9.59 12.60
C SER A 14 0.43 -9.75 11.34
N GLN A 15 0.37 -10.98 10.83
CA GLN A 15 -0.42 -11.26 9.64
C GLN A 15 -1.92 -11.12 9.91
N GLU A 16 -2.32 -11.48 11.12
CA GLU A 16 -3.73 -11.39 11.51
C GLU A 16 -4.22 -9.95 11.49
N SER A 17 -3.37 -9.04 11.97
CA SER A 17 -3.68 -7.62 11.95
C SER A 17 -3.90 -7.11 10.53
N ILE A 18 -2.99 -7.47 9.63
CA ILE A 18 -3.09 -7.06 8.24
C ILE A 18 -4.35 -7.61 7.58
N SER A 19 -4.68 -8.86 7.90
CA SER A 19 -5.87 -9.51 7.35
C SER A 19 -7.14 -8.88 7.90
N SER A 20 -7.11 -8.53 9.18
CA SER A 20 -8.28 -7.95 9.85
C SER A 20 -8.60 -6.57 9.27
N ALA A 21 -7.58 -5.90 8.76
CA ALA A 21 -7.77 -4.65 8.02
C ALA A 21 -8.43 -4.90 6.68
N SER A 22 -7.99 -5.94 5.98
CA SER A 22 -8.53 -6.28 4.67
C SER A 22 -10.00 -6.67 4.78
N LYS A 23 -10.38 -7.21 5.93
CA LYS A 23 -11.78 -7.55 6.18
C LYS A 23 -12.70 -6.38 5.86
N TRP A 24 -12.37 -5.21 6.40
CA TRP A 24 -13.22 -4.04 6.25
C TRP A 24 -13.02 -3.38 4.90
N LEU A 25 -11.81 -3.47 4.37
CA LEU A 25 -11.47 -2.84 3.09
C LEU A 25 -12.09 -3.59 1.93
N LEU A 26 -12.18 -4.91 2.06
CA LEU A 26 -12.86 -5.74 1.06
C LEU A 26 -14.36 -5.64 1.19
N LEU A 27 -14.85 -5.53 2.43
CA LEU A 27 -16.27 -5.37 2.68
C LEU A 27 -16.77 -4.02 2.16
N GLN A 28 -16.09 -2.96 2.54
CA GLN A 28 -16.48 -1.60 2.15
C GLN A 28 -15.53 -1.02 1.13
N TYR A 29 -15.31 -1.74 0.03
CA TYR A 29 -14.43 -1.29 -1.03
C TYR A 29 -15.00 -0.08 -1.76
N ARG A 30 -16.26 0.22 -1.48
CA ARG A 30 -16.93 1.36 -2.11
C ARG A 30 -16.32 2.68 -1.65
N ASP A 31 -15.58 2.62 -0.55
CA ASP A 31 -14.90 3.81 -0.04
C ASP A 31 -13.42 3.82 -0.43
N ALA A 32 -13.10 3.11 -1.51
CA ALA A 32 -11.73 2.97 -1.96
C ALA A 32 -11.09 4.34 -2.18
N PRO A 33 -11.84 5.25 -2.79
CA PRO A 33 -11.35 6.61 -3.02
C PRO A 33 -10.84 7.23 -1.73
N LYS A 34 -11.48 6.90 -0.62
CA LYS A 34 -11.11 7.46 0.68
C LYS A 34 -10.02 6.63 1.35
N VAL A 35 -10.05 5.32 1.10
CA VAL A 35 -9.01 4.43 1.59
C VAL A 35 -7.63 4.84 1.06
N ALA A 36 -7.58 5.17 -0.22
CA ALA A 36 -6.35 5.64 -0.84
C ALA A 36 -5.82 6.89 -0.15
N GLU A 37 -6.73 7.80 0.17
CA GLU A 37 -6.36 9.04 0.86
C GLU A 37 -5.84 8.77 2.26
N MET A 38 -6.53 7.89 2.98
CA MET A 38 -6.13 7.53 4.34
C MET A 38 -4.76 6.85 4.34
N TRP A 39 -4.59 5.88 3.46
CA TRP A 39 -3.34 5.13 3.38
C TRP A 39 -2.17 6.05 3.01
N LYS A 40 -2.40 6.90 2.01
CA LYS A 40 -1.38 7.86 1.59
C LYS A 40 -0.95 8.76 2.74
N GLU A 41 -1.93 9.36 3.41
CA GLU A 41 -1.65 10.25 4.52
C GLU A 41 -0.82 9.55 5.60
N TYR A 42 -1.24 8.35 5.96
CA TYR A 42 -0.55 7.57 6.99
C TYR A 42 0.89 7.27 6.59
N MET A 43 1.07 6.81 5.36
CA MET A 43 2.39 6.48 4.84
C MET A 43 3.27 7.72 4.78
N LEU A 44 2.66 8.88 4.58
CA LEU A 44 3.38 10.14 4.49
C LEU A 44 3.20 10.98 5.75
N ARG A 45 2.91 10.31 6.87
CA ARG A 45 2.76 10.98 8.15
C ARG A 45 4.05 10.95 8.94
N PRO A 46 4.52 12.13 9.35
CA PRO A 46 5.80 12.25 10.05
C PRO A 46 5.84 11.37 11.29
N SER A 47 4.68 11.21 11.92
CA SER A 47 4.59 10.51 13.20
C SER A 47 4.68 9.00 13.00
N VAL A 48 4.66 8.57 11.75
CA VAL A 48 4.73 7.14 11.42
C VAL A 48 6.16 6.74 11.07
N ASN A 49 6.64 5.67 11.69
CA ASN A 49 8.01 5.21 11.48
C ASN A 49 8.07 4.17 10.37
N THR A 50 9.27 3.74 10.03
CA THR A 50 9.50 2.90 8.87
C THR A 50 8.92 1.50 9.06
N ARG A 51 8.86 1.07 10.32
CA ARG A 51 8.27 -0.22 10.65
C ARG A 51 6.77 -0.24 10.40
N ARG A 52 6.11 0.85 10.76
CA ARG A 52 4.68 1.00 10.52
C ARG A 52 4.40 1.23 9.03
N LYS A 53 5.34 1.88 8.35
CA LYS A 53 5.26 2.04 6.91
C LYS A 53 5.40 0.70 6.19
N LEU A 54 6.24 -0.17 6.75
CA LEU A 54 6.38 -1.53 6.24
C LEU A 54 5.08 -2.30 6.39
N LEU A 55 4.40 -2.10 7.52
CA LEU A 55 3.07 -2.66 7.71
C LEU A 55 2.08 -2.09 6.70
N GLY A 56 2.27 -0.83 6.35
CA GLY A 56 1.51 -0.21 5.26
C GLY A 56 1.76 -0.93 3.94
N LEU A 57 3.01 -1.31 3.71
CA LEU A 57 3.37 -2.09 2.54
C LEU A 57 2.73 -3.48 2.56
N TYR A 58 2.60 -4.03 3.77
CA TYR A 58 1.93 -5.31 3.94
C TYR A 58 0.44 -5.21 3.64
N LEU A 59 -0.13 -4.05 3.95
CA LEU A 59 -1.54 -3.81 3.64
C LEU A 59 -1.77 -3.72 2.14
N MET A 60 -0.99 -2.89 1.47
CA MET A 60 -1.15 -2.67 0.03
C MET A 60 -0.85 -3.94 -0.75
N ASN A 61 -0.09 -4.83 -0.15
CA ASN A 61 0.16 -6.15 -0.74
C ASN A 61 -0.98 -7.10 -0.45
N HIS A 62 -1.23 -7.37 0.82
CA HIS A 62 -2.20 -8.38 1.23
C HIS A 62 -3.61 -8.00 0.82
N VAL A 63 -4.02 -6.78 1.18
CA VAL A 63 -5.38 -6.33 0.94
C VAL A 63 -5.73 -6.38 -0.54
N VAL A 64 -4.88 -5.78 -1.36
CA VAL A 64 -5.15 -5.64 -2.79
C VAL A 64 -5.03 -6.99 -3.50
N GLN A 65 -4.13 -7.84 -3.00
CA GLN A 65 -4.00 -9.20 -3.51
C GLN A 65 -5.31 -9.96 -3.36
N GLN A 66 -5.95 -9.81 -2.21
CA GLN A 66 -7.27 -10.41 -1.98
C GLN A 66 -8.32 -9.76 -2.86
N ALA A 67 -8.20 -8.45 -3.06
CA ALA A 67 -9.08 -7.72 -3.96
C ALA A 67 -8.97 -8.26 -5.39
N LYS A 68 -7.75 -8.65 -5.77
CA LYS A 68 -7.53 -9.30 -7.06
C LYS A 68 -8.28 -10.63 -7.13
N GLY A 69 -8.25 -11.38 -6.04
CA GLY A 69 -8.98 -12.63 -5.95
C GLY A 69 -10.48 -12.39 -5.97
N GLN A 70 -10.91 -11.26 -5.40
CA GLN A 70 -12.32 -10.89 -5.38
C GLN A 70 -12.69 -10.11 -6.63
N LYS A 71 -11.70 -9.83 -7.47
CA LYS A 71 -11.93 -9.12 -8.73
C LYS A 71 -12.56 -7.75 -8.47
N ILE A 72 -12.02 -7.04 -7.48
CA ILE A 72 -12.50 -5.69 -7.17
C ILE A 72 -11.62 -4.65 -7.84
N ILE A 73 -11.96 -4.29 -9.08
CA ILE A 73 -11.13 -3.40 -9.87
C ILE A 73 -11.11 -2.00 -9.26
N GLN A 74 -12.26 -1.53 -8.83
CA GLN A 74 -12.38 -0.18 -8.26
C GLN A 74 -11.33 0.05 -7.18
N PHE A 75 -11.25 -0.87 -6.23
CA PHE A 75 -10.32 -0.74 -5.11
C PHE A 75 -8.88 -0.79 -5.59
N GLN A 76 -8.59 -1.73 -6.47
CA GLN A 76 -7.23 -1.91 -6.98
C GLN A 76 -6.68 -0.63 -7.59
N ASP A 77 -7.43 -0.06 -8.51
CA ASP A 77 -6.98 1.12 -9.25
C ASP A 77 -7.02 2.37 -8.39
N SER A 78 -8.09 2.50 -7.60
CA SER A 78 -8.24 3.64 -6.71
C SER A 78 -7.12 3.68 -5.66
N PHE A 79 -6.76 2.51 -5.15
CA PHE A 79 -5.64 2.40 -4.23
C PHE A 79 -4.31 2.65 -4.94
N GLY A 80 -4.17 2.09 -6.13
CA GLY A 80 -2.96 2.23 -6.91
C GLY A 80 -2.70 3.69 -7.27
N LYS A 81 -3.77 4.48 -7.34
CA LYS A 81 -3.67 5.90 -7.65
C LYS A 81 -2.62 6.57 -6.78
N VAL A 82 -2.57 6.20 -5.51
CA VAL A 82 -1.66 6.82 -4.55
C VAL A 82 -0.46 5.93 -4.28
N ALA A 83 -0.62 4.63 -4.55
CA ALA A 83 0.47 3.68 -4.36
C ALA A 83 1.73 4.12 -5.09
N ALA A 84 1.59 4.47 -6.37
CA ALA A 84 2.72 4.87 -7.18
C ALA A 84 3.49 6.03 -6.53
N GLU A 85 2.75 7.06 -6.13
CA GLU A 85 3.36 8.25 -5.56
C GLU A 85 4.06 7.91 -4.24
N VAL A 86 3.33 7.26 -3.34
CA VAL A 86 3.86 6.96 -2.01
C VAL A 86 5.11 6.11 -2.09
N LEU A 87 5.07 5.08 -2.92
CA LEU A 87 6.19 4.16 -3.08
C LEU A 87 7.46 4.91 -3.50
N GLY A 88 7.29 5.87 -4.41
CA GLY A 88 8.41 6.70 -4.85
C GLY A 88 8.95 7.54 -3.69
N ARG A 89 8.05 8.11 -2.91
CA ARG A 89 8.43 9.00 -1.82
C ARG A 89 9.18 8.26 -0.73
N ILE A 90 8.63 7.11 -0.32
CA ILE A 90 9.19 6.35 0.80
C ILE A 90 10.47 5.64 0.40
N ASN A 91 10.67 5.49 -0.91
CA ASN A 91 11.92 4.96 -1.44
C ASN A 91 13.10 5.86 -1.08
N GLN A 92 12.80 7.14 -0.87
CA GLN A 92 13.84 8.11 -0.53
C GLN A 92 13.96 8.27 0.98
N GLU A 93 13.11 7.57 1.72
CA GLU A 93 13.06 7.71 3.17
C GLU A 93 13.65 6.48 3.86
N PHE A 94 13.39 5.31 3.28
CA PHE A 94 13.80 4.05 3.89
C PHE A 94 15.31 3.89 3.89
N PRO A 95 15.85 3.38 4.99
CA PRO A 95 17.24 2.96 5.04
C PRO A 95 17.49 1.75 4.13
N ARG A 96 18.74 1.30 4.08
CA ARG A 96 19.13 0.23 3.18
C ARG A 96 18.21 -0.98 3.33
N ASP A 97 18.02 -1.41 4.57
CA ASP A 97 17.31 -2.67 4.84
C ASP A 97 15.84 -2.57 4.45
N LEU A 98 15.22 -1.44 4.78
CA LEU A 98 13.80 -1.24 4.50
C LEU A 98 13.57 -0.96 3.02
N LYS A 99 14.55 -0.31 2.39
CA LYS A 99 14.51 -0.09 0.95
C LYS A 99 14.51 -1.41 0.18
N LYS A 100 15.34 -2.34 0.64
CA LYS A 100 15.33 -3.70 0.10
C LYS A 100 13.95 -4.34 0.26
N LYS A 101 13.40 -4.25 1.46
CA LYS A 101 12.07 -4.79 1.74
C LYS A 101 11.02 -4.13 0.87
N LEU A 102 11.16 -2.83 0.67
CA LEU A 102 10.25 -2.08 -0.22
C LEU A 102 10.28 -2.66 -1.63
N SER A 103 11.48 -2.81 -2.18
CA SER A 103 11.64 -3.31 -3.55
C SER A 103 11.11 -4.72 -3.68
N ARG A 104 11.21 -5.49 -2.60
CA ARG A 104 10.64 -6.83 -2.56
C ARG A 104 9.13 -6.79 -2.72
N VAL A 105 8.48 -5.93 -1.96
CA VAL A 105 7.03 -5.76 -2.04
C VAL A 105 6.59 -5.34 -3.43
N VAL A 106 7.29 -4.35 -3.99
CA VAL A 106 6.97 -3.84 -5.31
C VAL A 106 7.05 -4.94 -6.37
N ASN A 107 8.11 -5.74 -6.29
CA ASN A 107 8.28 -6.85 -7.21
C ASN A 107 7.13 -7.85 -7.09
N ILE A 108 6.71 -8.11 -5.86
CA ILE A 108 5.59 -9.00 -5.60
C ILE A 108 4.30 -8.45 -6.20
N LEU A 109 4.09 -7.14 -6.03
CA LEU A 109 2.89 -6.49 -6.55
C LEU A 109 2.77 -6.67 -8.05
N LYS A 110 3.91 -6.63 -8.74
CA LYS A 110 3.95 -6.83 -10.18
C LYS A 110 3.80 -8.30 -10.53
N GLU A 111 4.67 -9.13 -9.97
CA GLU A 111 4.78 -10.52 -10.38
C GLU A 111 3.50 -11.29 -10.10
N ARG A 112 2.84 -10.95 -8.99
CA ARG A 112 1.63 -11.65 -8.57
C ARG A 112 0.38 -11.01 -9.17
N ASN A 113 0.59 -10.02 -10.01
CA ASN A 113 -0.51 -9.34 -10.69
C ASN A 113 -1.49 -8.76 -9.66
N ILE A 114 -0.96 -8.18 -8.59
CA ILE A 114 -1.78 -7.64 -7.52
C ILE A 114 -2.38 -6.30 -7.93
N PHE A 115 -1.56 -5.43 -8.50
CA PHE A 115 -2.05 -4.20 -9.10
C PHE A 115 -2.15 -4.32 -10.62
N SER A 116 -2.99 -3.49 -11.22
CA SER A 116 -3.18 -3.51 -12.67
C SER A 116 -1.94 -3.01 -13.40
N LYS A 117 -1.84 -3.35 -14.68
CA LYS A 117 -0.68 -2.98 -15.48
C LYS A 117 -0.48 -1.47 -15.50
N GLN A 118 -1.59 -0.74 -15.54
CA GLN A 118 -1.54 0.72 -15.49
C GLN A 118 -0.86 1.20 -14.21
N VAL A 119 -1.30 0.67 -13.07
CA VAL A 119 -0.76 1.06 -11.78
C VAL A 119 0.71 0.67 -11.66
N VAL A 120 1.02 -0.55 -12.07
CA VAL A 120 2.38 -1.06 -11.99
C VAL A 120 3.35 -0.18 -12.79
N ASN A 121 2.94 0.18 -14.00
CA ASN A 121 3.73 1.07 -14.84
C ASN A 121 3.94 2.43 -14.18
N ASP A 122 2.88 2.93 -13.52
CA ASP A 122 2.96 4.19 -12.80
C ASP A 122 3.88 4.09 -11.60
N ILE A 123 3.86 2.94 -10.95
CA ILE A 123 4.76 2.68 -9.82
C ILE A 123 6.22 2.68 -10.27
N GLU A 124 6.50 1.95 -11.35
CA GLU A 124 7.86 1.85 -11.86
C GLU A 124 8.40 3.20 -12.28
N ARG A 125 7.56 4.00 -12.93
CA ARG A 125 7.95 5.33 -13.36
C ARG A 125 8.21 6.23 -12.16
N SER A 126 7.34 6.15 -11.15
CA SER A 126 7.49 6.96 -9.95
C SER A 126 8.77 6.60 -9.20
N LEU A 127 9.06 5.30 -9.12
CA LEU A 127 10.28 4.83 -8.48
C LEU A 127 11.52 5.27 -9.25
N ALA A 128 11.44 5.22 -10.57
CA ALA A 128 12.52 5.69 -11.43
C ALA A 128 12.78 7.18 -11.22
N ALA A 129 11.70 7.95 -11.14
CA ALA A 129 11.82 9.38 -10.89
C ALA A 129 12.47 9.65 -9.53
N ALA A 130 12.12 8.84 -8.54
CA ALA A 130 12.73 8.94 -7.22
C ALA A 130 14.22 8.68 -7.27
N LEU A 131 14.63 7.75 -8.14
CA LEU A 131 16.04 7.43 -8.32
C LEU A 131 16.76 8.55 -9.08
N GLU A 132 16.05 9.16 -10.02
CA GLU A 132 16.62 10.23 -10.82
C GLU A 132 16.80 11.50 -10.01
N HIS A 133 15.78 11.85 -9.23
CA HIS A 133 15.81 13.07 -8.43
C HIS A 133 15.32 12.80 -7.01
N SER A 1 -15.71 3.40 6.82
CA SER A 1 -14.30 3.62 6.53
C SER A 1 -13.46 3.61 7.80
N GLU A 2 -14.06 4.05 8.90
CA GLU A 2 -13.35 4.18 10.17
C GLU A 2 -12.95 2.82 10.72
N GLN A 3 -13.66 1.78 10.29
CA GLN A 3 -13.34 0.42 10.68
C GLN A 3 -11.94 0.02 10.23
N PHE A 4 -11.51 0.61 9.11
CA PHE A 4 -10.14 0.39 8.63
C PHE A 4 -9.20 1.47 9.16
N THR A 5 -9.65 2.72 9.10
CA THR A 5 -8.79 3.86 9.40
C THR A 5 -8.22 3.76 10.82
N THR A 6 -9.08 3.41 11.77
CA THR A 6 -8.67 3.31 13.16
C THR A 6 -7.74 2.13 13.40
N LYS A 7 -7.83 1.13 12.53
CA LYS A 7 -6.96 -0.03 12.59
C LYS A 7 -5.64 0.23 11.89
N LEU A 8 -5.68 1.07 10.85
CA LEU A 8 -4.47 1.52 10.19
C LEU A 8 -3.62 2.39 11.11
N ASN A 9 -4.27 3.35 11.77
CA ASN A 9 -3.57 4.24 12.69
C ASN A 9 -2.95 3.47 13.84
N THR A 10 -3.56 2.34 14.20
CA THR A 10 -3.06 1.50 15.28
C THR A 10 -2.54 0.17 14.75
N LEU A 11 -2.07 0.17 13.51
CA LEU A 11 -1.52 -1.03 12.90
C LEU A 11 -0.20 -1.42 13.54
N GLU A 12 -0.17 -2.60 14.14
CA GLU A 12 1.03 -3.09 14.81
C GLU A 12 1.65 -4.26 14.05
N ASP A 13 2.89 -4.59 14.41
CA ASP A 13 3.63 -5.62 13.70
C ASP A 13 3.11 -7.02 14.06
N SER A 14 1.99 -7.40 13.48
CA SER A 14 1.45 -8.75 13.63
C SER A 14 0.51 -9.11 12.49
N GLN A 15 0.48 -10.38 12.13
CA GLN A 15 -0.40 -10.87 11.07
C GLN A 15 -1.86 -10.73 11.49
N GLU A 16 -2.13 -10.91 12.77
CA GLU A 16 -3.48 -10.78 13.30
C GLU A 16 -4.05 -9.39 13.04
N SER A 17 -3.29 -8.37 13.44
CA SER A 17 -3.75 -6.99 13.32
C SER A 17 -3.86 -6.57 11.86
N ILE A 18 -2.98 -7.11 11.03
CA ILE A 18 -3.02 -6.86 9.59
C ILE A 18 -4.27 -7.47 8.96
N SER A 19 -4.51 -8.75 9.26
CA SER A 19 -5.64 -9.47 8.69
C SER A 19 -6.96 -8.90 9.20
N SER A 20 -6.95 -8.37 10.41
CA SER A 20 -8.13 -7.73 10.99
C SER A 20 -8.49 -6.46 10.22
N ALA A 21 -7.52 -5.57 10.07
CA ALA A 21 -7.73 -4.32 9.35
C ALA A 21 -8.16 -4.57 7.91
N SER A 22 -7.45 -5.48 7.25
CA SER A 22 -7.71 -5.77 5.84
C SER A 22 -9.11 -6.34 5.65
N LYS A 23 -9.57 -7.12 6.62
CA LYS A 23 -10.93 -7.65 6.60
C LYS A 23 -11.96 -6.52 6.59
N TRP A 24 -11.76 -5.55 7.48
CA TRP A 24 -12.71 -4.43 7.60
C TRP A 24 -12.81 -3.66 6.31
N LEU A 25 -11.68 -3.47 5.63
CA LEU A 25 -11.64 -2.73 4.38
C LEU A 25 -12.33 -3.51 3.26
N LEU A 26 -12.08 -4.81 3.21
CA LEU A 26 -12.74 -5.68 2.26
C LEU A 26 -14.25 -5.68 2.45
N LEU A 27 -14.67 -5.56 3.71
CA LEU A 27 -16.09 -5.43 4.04
C LEU A 27 -16.61 -4.05 3.64
N GLN A 28 -15.77 -3.04 3.78
CA GLN A 28 -16.15 -1.67 3.44
C GLN A 28 -15.55 -1.25 2.11
N TYR A 29 -15.71 -2.10 1.10
CA TYR A 29 -15.15 -1.83 -0.22
C TYR A 29 -15.72 -0.54 -0.81
N ARG A 30 -16.90 -0.16 -0.36
CA ARG A 30 -17.61 0.99 -0.91
C ARG A 30 -16.92 2.28 -0.52
N ASP A 31 -16.12 2.23 0.54
CA ASP A 31 -15.40 3.40 1.03
C ASP A 31 -13.96 3.41 0.54
N ALA A 32 -13.61 2.44 -0.28
CA ALA A 32 -12.22 2.20 -0.65
C ALA A 32 -11.62 3.43 -1.32
N PRO A 33 -12.39 4.06 -2.21
CA PRO A 33 -11.93 5.26 -2.89
C PRO A 33 -11.41 6.30 -1.92
N LYS A 34 -12.06 6.39 -0.76
CA LYS A 34 -11.68 7.37 0.25
C LYS A 34 -10.55 6.84 1.13
N VAL A 35 -10.56 5.53 1.37
CA VAL A 35 -9.54 4.90 2.19
C VAL A 35 -8.17 5.03 1.56
N ALA A 36 -8.11 4.88 0.24
CA ALA A 36 -6.85 5.00 -0.49
C ALA A 36 -6.19 6.35 -0.24
N GLU A 37 -7.00 7.39 -0.14
CA GLU A 37 -6.50 8.73 0.15
C GLU A 37 -6.00 8.83 1.59
N MET A 38 -6.73 8.22 2.51
CA MET A 38 -6.32 8.17 3.91
C MET A 38 -5.11 7.26 4.09
N TRP A 39 -5.01 6.24 3.25
CA TRP A 39 -3.89 5.31 3.31
C TRP A 39 -2.58 5.98 2.94
N LYS A 40 -2.59 6.72 1.83
CA LYS A 40 -1.40 7.42 1.37
C LYS A 40 -1.03 8.54 2.31
N GLU A 41 -2.02 9.09 3.01
CA GLU A 41 -1.77 10.05 4.07
C GLU A 41 -1.00 9.42 5.22
N TYR A 42 -1.49 8.26 5.68
CA TYR A 42 -0.78 7.51 6.71
C TYR A 42 0.63 7.14 6.25
N MET A 43 0.74 6.64 5.03
CA MET A 43 2.03 6.24 4.48
C MET A 43 2.97 7.42 4.38
N LEU A 44 2.42 8.61 4.13
CA LEU A 44 3.21 9.83 4.02
C LEU A 44 3.01 10.72 5.23
N ARG A 45 2.70 10.12 6.37
CA ARG A 45 2.53 10.86 7.61
C ARG A 45 3.84 10.95 8.38
N PRO A 46 4.19 12.16 8.80
CA PRO A 46 5.48 12.41 9.43
C PRO A 46 5.52 11.86 10.85
N SER A 47 4.35 11.54 11.39
CA SER A 47 4.25 10.95 12.72
C SER A 47 4.37 9.44 12.66
N VAL A 48 4.55 8.91 11.46
CA VAL A 48 4.68 7.47 11.26
C VAL A 48 6.09 7.10 10.83
N ASN A 49 6.64 6.05 11.44
CA ASN A 49 8.00 5.62 11.17
C ASN A 49 8.04 4.62 10.01
N THR A 50 9.24 4.25 9.59
CA THR A 50 9.42 3.46 8.38
C THR A 50 8.93 2.04 8.57
N ARG A 51 9.00 1.55 9.81
CA ARG A 51 8.53 0.22 10.14
C ARG A 51 7.02 0.10 9.98
N ARG A 52 6.31 1.11 10.45
CA ARG A 52 4.85 1.14 10.34
C ARG A 52 4.41 1.38 8.90
N LYS A 53 5.22 2.13 8.16
CA LYS A 53 4.98 2.32 6.73
C LYS A 53 5.12 1.02 5.97
N LEU A 54 6.14 0.24 6.31
CA LEU A 54 6.33 -1.08 5.74
C LEU A 54 5.14 -1.99 6.04
N LEU A 55 4.65 -1.92 7.27
CA LEU A 55 3.44 -2.64 7.67
C LEU A 55 2.24 -2.18 6.85
N GLY A 56 2.18 -0.88 6.57
CA GLY A 56 1.13 -0.33 5.73
C GLY A 56 1.14 -0.98 4.35
N LEU A 57 2.34 -1.20 3.81
CA LEU A 57 2.49 -1.88 2.54
C LEU A 57 1.98 -3.32 2.61
N TYR A 58 2.34 -4.01 3.70
CA TYR A 58 1.91 -5.39 3.91
C TYR A 58 0.40 -5.47 4.07
N LEU A 59 -0.18 -4.48 4.75
CA LEU A 59 -1.62 -4.40 4.92
C LEU A 59 -2.33 -4.23 3.58
N MET A 60 -1.83 -3.30 2.78
CA MET A 60 -2.33 -3.13 1.42
C MET A 60 -2.21 -4.42 0.61
N ASN A 61 -1.04 -5.04 0.67
CA ASN A 61 -0.76 -6.23 -0.13
C ASN A 61 -1.85 -7.28 0.05
N HIS A 62 -2.25 -7.52 1.29
CA HIS A 62 -3.29 -8.48 1.60
C HIS A 62 -4.60 -8.10 0.92
N VAL A 63 -4.96 -6.83 1.03
CA VAL A 63 -6.23 -6.35 0.49
C VAL A 63 -6.27 -6.47 -1.04
N VAL A 64 -5.21 -5.99 -1.68
CA VAL A 64 -5.16 -5.97 -3.14
C VAL A 64 -4.92 -7.36 -3.72
N GLN A 65 -4.31 -8.22 -2.91
CA GLN A 65 -4.21 -9.64 -3.25
C GLN A 65 -5.59 -10.28 -3.34
N GLN A 66 -6.44 -10.01 -2.35
CA GLN A 66 -7.81 -10.46 -2.38
C GLN A 66 -8.59 -9.80 -3.51
N ALA A 67 -8.27 -8.55 -3.80
CA ALA A 67 -8.89 -7.82 -4.90
C ALA A 67 -8.55 -8.48 -6.24
N LYS A 68 -7.33 -8.99 -6.34
CA LYS A 68 -6.91 -9.71 -7.53
C LYS A 68 -7.68 -11.02 -7.70
N GLY A 69 -7.80 -11.76 -6.60
CA GLY A 69 -8.50 -13.04 -6.61
C GLY A 69 -10.00 -12.84 -6.83
N GLN A 70 -10.55 -11.82 -6.18
CA GLN A 70 -11.98 -11.57 -6.22
C GLN A 70 -12.35 -10.60 -7.33
N LYS A 71 -11.33 -10.07 -7.99
CA LYS A 71 -11.54 -9.14 -9.10
C LYS A 71 -12.28 -7.89 -8.66
N ILE A 72 -11.68 -7.17 -7.70
CA ILE A 72 -12.30 -5.97 -7.16
C ILE A 72 -11.51 -4.72 -7.55
N ILE A 73 -12.03 -3.97 -8.50
CA ILE A 73 -11.35 -2.78 -9.01
C ILE A 73 -11.37 -1.66 -7.98
N GLN A 74 -12.20 -1.81 -6.96
CA GLN A 74 -12.33 -0.80 -5.92
C GLN A 74 -11.06 -0.69 -5.09
N PHE A 75 -10.20 -1.69 -5.21
CA PHE A 75 -8.92 -1.69 -4.51
C PHE A 75 -7.76 -1.64 -5.50
N GLN A 76 -7.92 -2.29 -6.64
CA GLN A 76 -6.88 -2.35 -7.66
C GLN A 76 -6.61 -0.98 -8.25
N ASP A 77 -7.69 -0.23 -8.49
CA ASP A 77 -7.56 1.11 -9.05
C ASP A 77 -7.30 2.14 -7.96
N SER A 78 -7.98 1.98 -6.83
CA SER A 78 -7.92 2.95 -5.74
C SER A 78 -6.50 3.03 -5.17
N PHE A 79 -5.92 1.87 -4.90
CA PHE A 79 -4.56 1.81 -4.37
C PHE A 79 -3.53 1.98 -5.48
N GLY A 80 -3.89 1.57 -6.69
CA GLY A 80 -3.00 1.69 -7.83
C GLY A 80 -2.65 3.14 -8.12
N LYS A 81 -3.66 4.01 -8.06
CA LYS A 81 -3.47 5.43 -8.37
C LYS A 81 -2.53 6.09 -7.38
N VAL A 82 -2.57 5.65 -6.13
CA VAL A 82 -1.81 6.27 -5.07
C VAL A 82 -0.52 5.52 -4.80
N ALA A 83 -0.43 4.30 -5.32
CA ALA A 83 0.75 3.46 -5.12
C ALA A 83 2.01 4.14 -5.65
N ALA A 84 1.93 4.65 -6.87
CA ALA A 84 3.08 5.28 -7.51
C ALA A 84 3.59 6.45 -6.68
N GLU A 85 2.67 7.25 -6.15
CA GLU A 85 3.03 8.42 -5.37
C GLU A 85 3.72 8.03 -4.06
N VAL A 86 3.13 7.07 -3.35
CA VAL A 86 3.65 6.64 -2.06
C VAL A 86 4.96 5.87 -2.22
N LEU A 87 4.93 4.85 -3.09
CA LEU A 87 6.04 3.92 -3.19
C LEU A 87 7.34 4.64 -3.57
N GLY A 88 7.23 5.63 -4.43
CA GLY A 88 8.38 6.44 -4.82
C GLY A 88 8.94 7.21 -3.64
N ARG A 89 8.07 7.91 -2.92
CA ARG A 89 8.49 8.78 -1.84
C ARG A 89 9.14 7.99 -0.71
N ILE A 90 8.53 6.86 -0.36
CA ILE A 90 9.00 6.05 0.76
C ILE A 90 10.25 5.26 0.38
N ASN A 91 10.48 5.10 -0.92
CA ASN A 91 11.72 4.52 -1.41
C ASN A 91 12.92 5.34 -0.97
N GLN A 92 12.80 6.65 -1.08
CA GLN A 92 13.86 7.56 -0.61
C GLN A 92 13.93 7.56 0.91
N GLU A 93 12.78 7.54 1.56
CA GLU A 93 12.70 7.61 3.01
C GLU A 93 13.25 6.34 3.66
N PHE A 94 12.98 5.20 3.03
CA PHE A 94 13.35 3.90 3.58
C PHE A 94 14.86 3.70 3.54
N PRO A 95 15.40 3.08 4.58
CA PRO A 95 16.80 2.66 4.59
C PRO A 95 17.02 1.49 3.64
N ARG A 96 18.29 1.16 3.42
CA ARG A 96 18.65 0.12 2.45
C ARG A 96 17.80 -1.13 2.64
N ASP A 97 17.73 -1.60 3.89
CA ASP A 97 17.07 -2.88 4.18
C ASP A 97 15.61 -2.85 3.78
N LEU A 98 14.93 -1.73 4.07
CA LEU A 98 13.51 -1.60 3.79
C LEU A 98 13.26 -1.27 2.33
N LYS A 99 14.26 -0.68 1.68
CA LYS A 99 14.21 -0.46 0.24
C LYS A 99 14.22 -1.78 -0.53
N LYS A 100 14.98 -2.75 -0.02
CA LYS A 100 14.96 -4.10 -0.56
C LYS A 100 13.60 -4.76 -0.36
N LYS A 101 13.06 -4.61 0.84
CA LYS A 101 11.73 -5.13 1.15
C LYS A 101 10.66 -4.40 0.34
N LEU A 102 10.88 -3.11 0.11
CA LEU A 102 9.97 -2.32 -0.72
C LEU A 102 9.91 -2.86 -2.13
N SER A 103 11.07 -3.16 -2.71
CA SER A 103 11.15 -3.68 -4.06
C SER A 103 10.43 -5.02 -4.17
N ARG A 104 10.42 -5.77 -3.08
CA ARG A 104 9.67 -7.02 -3.00
C ARG A 104 8.18 -6.77 -3.04
N VAL A 105 7.74 -5.74 -2.32
CA VAL A 105 6.33 -5.32 -2.36
C VAL A 105 5.91 -4.95 -3.77
N VAL A 106 6.76 -4.21 -4.46
CA VAL A 106 6.48 -3.81 -5.84
C VAL A 106 6.45 -5.03 -6.76
N ASN A 107 7.40 -5.95 -6.56
CA ASN A 107 7.46 -7.16 -7.36
C ASN A 107 6.21 -7.99 -7.21
N ILE A 108 5.66 -8.03 -5.99
CA ILE A 108 4.40 -8.71 -5.72
C ILE A 108 3.27 -8.10 -6.55
N LEU A 109 3.18 -6.78 -6.53
CA LEU A 109 2.12 -6.07 -7.26
C LEU A 109 2.25 -6.29 -8.76
N LYS A 110 3.48 -6.36 -9.24
CA LYS A 110 3.74 -6.50 -10.67
C LYS A 110 3.59 -7.96 -11.12
N GLU A 111 4.31 -8.85 -10.46
CA GLU A 111 4.42 -10.23 -10.91
C GLU A 111 3.09 -10.94 -10.84
N ARG A 112 2.29 -10.60 -9.83
CA ARG A 112 0.98 -11.22 -9.64
C ARG A 112 -0.09 -10.49 -10.43
N ASN A 113 0.32 -9.48 -11.19
CA ASN A 113 -0.61 -8.73 -12.04
C ASN A 113 -1.74 -8.14 -11.22
N ILE A 114 -1.41 -7.64 -10.04
CA ILE A 114 -2.40 -7.04 -9.15
C ILE A 114 -2.80 -5.65 -9.64
N PHE A 115 -1.80 -4.83 -9.93
CA PHE A 115 -2.04 -3.51 -10.52
C PHE A 115 -1.81 -3.52 -12.02
N SER A 116 -2.44 -2.59 -12.72
CA SER A 116 -2.35 -2.52 -14.17
C SER A 116 -0.95 -2.13 -14.62
N LYS A 117 -0.64 -2.40 -15.88
CA LYS A 117 0.67 -2.08 -16.44
C LYS A 117 0.94 -0.58 -16.37
N GLN A 118 -0.11 0.21 -16.55
CA GLN A 118 -0.02 1.66 -16.40
C GLN A 118 0.46 2.04 -15.01
N VAL A 119 -0.18 1.46 -13.99
CA VAL A 119 0.19 1.72 -12.60
C VAL A 119 1.62 1.28 -12.32
N VAL A 120 1.96 0.07 -12.77
CA VAL A 120 3.29 -0.48 -12.55
C VAL A 120 4.36 0.42 -13.15
N ASN A 121 4.13 0.88 -14.38
CA ASN A 121 5.06 1.77 -15.06
C ASN A 121 5.21 3.08 -14.30
N ASP A 122 4.11 3.59 -13.78
CA ASP A 122 4.12 4.82 -13.00
C ASP A 122 4.87 4.63 -11.69
N ILE A 123 4.73 3.45 -11.10
CA ILE A 123 5.47 3.11 -9.89
C ILE A 123 6.97 3.07 -10.15
N GLU A 124 7.37 2.35 -11.19
CA GLU A 124 8.78 2.16 -11.50
C GLU A 124 9.45 3.48 -11.84
N ARG A 125 8.73 4.34 -12.56
CA ARG A 125 9.22 5.68 -12.88
C ARG A 125 9.38 6.51 -11.62
N SER A 126 8.40 6.45 -10.74
CA SER A 126 8.44 7.18 -9.47
C SER A 126 9.61 6.71 -8.61
N LEU A 127 9.85 5.40 -8.62
CA LEU A 127 10.97 4.83 -7.88
C LEU A 127 12.30 5.34 -8.42
N ALA A 128 12.41 5.40 -9.74
CA ALA A 128 13.61 5.92 -10.38
C ALA A 128 13.81 7.40 -10.05
N ALA A 129 12.72 8.15 -10.02
CA ALA A 129 12.77 9.56 -9.66
C ALA A 129 13.29 9.75 -8.25
N ALA A 130 12.88 8.87 -7.34
CA ALA A 130 13.38 8.88 -5.97
C ALA A 130 14.87 8.57 -5.93
N LEU A 131 15.29 7.60 -6.73
CA LEU A 131 16.70 7.22 -6.80
C LEU A 131 17.55 8.36 -7.34
N GLU A 132 16.97 9.17 -8.22
CA GLU A 132 17.69 10.28 -8.81
C GLU A 132 17.26 11.60 -8.18
N HIS A 133 16.62 11.51 -7.02
CA HIS A 133 16.16 12.70 -6.31
C HIS A 133 17.31 13.39 -5.58
N SER A 1 -13.63 3.75 6.24
CA SER A 1 -13.71 2.75 7.29
C SER A 1 -12.94 3.17 8.53
N GLU A 2 -13.67 3.53 9.58
CA GLU A 2 -13.04 3.92 10.84
C GLU A 2 -12.27 2.76 11.46
N GLN A 3 -12.78 1.54 11.26
CA GLN A 3 -12.14 0.35 11.79
C GLN A 3 -10.80 0.09 11.13
N PHE A 4 -10.75 0.28 9.81
CA PHE A 4 -9.51 0.14 9.06
C PHE A 4 -8.45 1.11 9.56
N THR A 5 -8.80 2.38 9.64
CA THR A 5 -7.85 3.43 9.99
C THR A 5 -7.41 3.32 11.45
N THR A 6 -8.29 2.77 12.28
CA THR A 6 -7.95 2.46 13.66
C THR A 6 -6.90 1.37 13.74
N LYS A 7 -7.12 0.29 12.98
CA LYS A 7 -6.19 -0.83 12.96
C LYS A 7 -4.94 -0.49 12.14
N LEU A 8 -5.07 0.48 11.23
CA LEU A 8 -3.94 0.98 10.47
C LEU A 8 -2.97 1.73 11.38
N ASN A 9 -3.50 2.67 12.15
CA ASN A 9 -2.69 3.47 13.07
C ASN A 9 -2.06 2.59 14.15
N THR A 10 -2.78 1.52 14.52
CA THR A 10 -2.27 0.58 15.50
C THR A 10 -1.93 -0.76 14.85
N LEU A 11 -1.49 -0.71 13.60
CA LEU A 11 -1.14 -1.92 12.87
C LEU A 11 0.15 -2.54 13.39
N GLU A 12 0.05 -3.76 13.91
CA GLU A 12 1.21 -4.45 14.46
C GLU A 12 1.77 -5.45 13.46
N ASP A 13 3.01 -5.87 13.69
CA ASP A 13 3.68 -6.81 12.79
C ASP A 13 3.14 -8.22 12.95
N SER A 14 1.96 -8.46 12.38
CA SER A 14 1.36 -9.79 12.39
C SER A 14 0.31 -9.93 11.32
N GLN A 15 0.11 -11.16 10.84
CA GLN A 15 -0.91 -11.44 9.83
C GLN A 15 -2.31 -11.32 10.42
N GLU A 16 -2.42 -11.57 11.71
CA GLU A 16 -3.70 -11.41 12.42
C GLU A 16 -4.18 -9.97 12.34
N SER A 17 -3.32 -9.03 12.70
CA SER A 17 -3.70 -7.62 12.74
C SER A 17 -3.87 -7.05 11.34
N ILE A 18 -3.06 -7.54 10.40
CA ILE A 18 -3.16 -7.11 9.02
C ILE A 18 -4.44 -7.60 8.37
N SER A 19 -4.74 -8.88 8.54
CA SER A 19 -5.93 -9.49 7.95
C SER A 19 -7.19 -8.96 8.60
N SER A 20 -7.08 -8.54 9.86
CA SER A 20 -8.19 -7.91 10.56
C SER A 20 -8.57 -6.59 9.93
N ALA A 21 -7.58 -5.71 9.77
CA ALA A 21 -7.79 -4.42 9.11
C ALA A 21 -8.26 -4.62 7.67
N SER A 22 -7.64 -5.57 6.97
CA SER A 22 -8.00 -5.86 5.60
C SER A 22 -9.47 -6.26 5.48
N LYS A 23 -9.91 -7.15 6.36
CA LYS A 23 -11.30 -7.59 6.36
C LYS A 23 -12.26 -6.42 6.39
N TRP A 24 -12.03 -5.50 7.33
CA TRP A 24 -12.92 -4.35 7.52
C TRP A 24 -13.04 -3.55 6.23
N LEU A 25 -11.92 -3.34 5.56
CA LEU A 25 -11.89 -2.56 4.32
C LEU A 25 -12.55 -3.32 3.18
N LEU A 26 -12.25 -4.62 3.09
CA LEU A 26 -12.82 -5.47 2.06
C LEU A 26 -14.35 -5.51 2.16
N LEU A 27 -14.85 -5.43 3.39
CA LEU A 27 -16.28 -5.36 3.63
C LEU A 27 -16.87 -4.06 3.12
N GLN A 28 -16.13 -2.97 3.31
CA GLN A 28 -16.59 -1.64 2.92
C GLN A 28 -15.79 -1.10 1.75
N TYR A 29 -16.17 -1.51 0.54
CA TYR A 29 -15.50 -1.06 -0.67
C TYR A 29 -16.10 0.24 -1.19
N ARG A 30 -17.17 0.68 -0.55
CA ARG A 30 -17.91 1.86 -1.01
C ARG A 30 -17.10 3.12 -0.79
N ASP A 31 -16.17 3.07 0.16
CA ASP A 31 -15.24 4.17 0.38
C ASP A 31 -13.80 3.73 0.11
N ALA A 32 -13.62 2.89 -0.91
CA ALA A 32 -12.32 2.31 -1.21
C ALA A 32 -11.30 3.40 -1.52
N PRO A 33 -11.69 4.34 -2.38
CA PRO A 33 -10.79 5.38 -2.84
C PRO A 33 -10.62 6.48 -1.79
N LYS A 34 -11.58 6.56 -0.88
CA LYS A 34 -11.46 7.45 0.27
C LYS A 34 -10.44 6.93 1.27
N VAL A 35 -10.46 5.62 1.49
CA VAL A 35 -9.48 4.97 2.35
C VAL A 35 -8.10 4.99 1.71
N ALA A 36 -8.06 4.82 0.40
CA ALA A 36 -6.80 4.87 -0.34
C ALA A 36 -6.10 6.21 -0.16
N GLU A 37 -6.88 7.28 -0.13
CA GLU A 37 -6.34 8.62 0.09
C GLU A 37 -5.83 8.78 1.52
N MET A 38 -6.57 8.21 2.47
CA MET A 38 -6.15 8.22 3.87
C MET A 38 -4.92 7.35 4.08
N TRP A 39 -4.86 6.24 3.37
CA TRP A 39 -3.68 5.37 3.38
C TRP A 39 -2.47 6.10 2.82
N LYS A 40 -2.66 6.81 1.72
CA LYS A 40 -1.62 7.64 1.15
C LYS A 40 -1.06 8.61 2.18
N GLU A 41 -1.94 9.37 2.81
CA GLU A 41 -1.54 10.32 3.84
C GLU A 41 -0.79 9.63 4.96
N TYR A 42 -1.32 8.51 5.43
CA TYR A 42 -0.66 7.70 6.45
C TYR A 42 0.77 7.36 6.04
N MET A 43 0.93 6.87 4.82
CA MET A 43 2.23 6.45 4.31
C MET A 43 3.16 7.66 4.14
N LEU A 44 2.56 8.81 3.88
CA LEU A 44 3.33 10.03 3.67
C LEU A 44 3.27 10.94 4.88
N ARG A 45 2.95 10.36 6.03
CA ARG A 45 2.94 11.10 7.29
C ARG A 45 4.25 10.94 8.04
N PRO A 46 4.88 12.06 8.37
CA PRO A 46 6.22 12.03 8.98
C PRO A 46 6.16 11.60 10.44
N SER A 47 4.95 11.59 11.00
CA SER A 47 4.74 11.15 12.38
C SER A 47 4.65 9.64 12.47
N VAL A 48 4.64 8.98 11.32
CA VAL A 48 4.57 7.52 11.27
C VAL A 48 5.95 6.90 11.04
N ASN A 49 6.26 5.88 11.82
CA ASN A 49 7.55 5.20 11.70
C ASN A 49 7.64 4.41 10.40
N THR A 50 8.85 4.31 9.85
CA THR A 50 9.06 3.63 8.58
C THR A 50 8.75 2.14 8.70
N ARG A 51 8.89 1.61 9.91
CA ARG A 51 8.50 0.23 10.19
C ARG A 51 6.99 0.05 10.07
N ARG A 52 6.25 1.03 10.58
CA ARG A 52 4.79 1.01 10.50
C ARG A 52 4.31 1.26 9.08
N LYS A 53 5.07 2.06 8.34
CA LYS A 53 4.79 2.28 6.92
C LYS A 53 5.00 1.01 6.11
N LEU A 54 6.07 0.29 6.42
CA LEU A 54 6.33 -1.00 5.79
C LEU A 54 5.16 -1.95 5.99
N LEU A 55 4.63 -1.97 7.21
CA LEU A 55 3.44 -2.76 7.52
C LEU A 55 2.24 -2.30 6.71
N GLY A 56 2.14 -0.99 6.51
CA GLY A 56 1.08 -0.41 5.69
C GLY A 56 1.11 -0.96 4.27
N LEU A 57 2.33 -1.14 3.76
CA LEU A 57 2.51 -1.72 2.42
C LEU A 57 1.97 -3.15 2.37
N TYR A 58 2.24 -3.92 3.41
CA TYR A 58 1.77 -5.30 3.47
C TYR A 58 0.26 -5.37 3.65
N LEU A 59 -0.29 -4.39 4.35
CA LEU A 59 -1.74 -4.29 4.52
C LEU A 59 -2.43 -4.01 3.19
N MET A 60 -1.92 -3.02 2.46
CA MET A 60 -2.39 -2.75 1.10
C MET A 60 -2.26 -3.99 0.22
N ASN A 61 -1.09 -4.61 0.25
CA ASN A 61 -0.85 -5.81 -0.55
C ASN A 61 -1.91 -6.87 -0.29
N HIS A 62 -2.23 -7.08 0.98
CA HIS A 62 -3.23 -8.08 1.36
C HIS A 62 -4.60 -7.72 0.81
N VAL A 63 -5.03 -6.48 1.05
CA VAL A 63 -6.33 -6.02 0.62
C VAL A 63 -6.50 -6.18 -0.89
N VAL A 64 -5.54 -5.67 -1.64
CA VAL A 64 -5.64 -5.62 -3.10
C VAL A 64 -5.45 -7.00 -3.72
N GLN A 65 -4.59 -7.80 -3.10
CA GLN A 65 -4.40 -9.18 -3.52
C GLN A 65 -5.68 -9.99 -3.38
N GLN A 66 -6.40 -9.74 -2.29
CA GLN A 66 -7.73 -10.31 -2.12
C GLN A 66 -8.71 -9.76 -3.14
N ALA A 67 -8.58 -8.48 -3.45
CA ALA A 67 -9.39 -7.85 -4.50
C ALA A 67 -9.07 -8.44 -5.87
N LYS A 68 -7.83 -8.86 -6.04
CA LYS A 68 -7.42 -9.54 -7.28
C LYS A 68 -8.21 -10.82 -7.48
N GLY A 69 -8.28 -11.63 -6.43
CA GLY A 69 -9.03 -12.88 -6.49
C GLY A 69 -10.53 -12.62 -6.55
N GLN A 70 -10.97 -11.59 -5.83
CA GLN A 70 -12.40 -11.25 -5.79
C GLN A 70 -12.78 -10.39 -6.98
N LYS A 71 -11.78 -9.93 -7.73
CA LYS A 71 -12.02 -9.10 -8.90
C LYS A 71 -12.72 -7.79 -8.52
N ILE A 72 -12.10 -7.05 -7.60
CA ILE A 72 -12.66 -5.77 -7.17
C ILE A 72 -11.76 -4.61 -7.58
N ILE A 73 -12.14 -3.94 -8.67
CA ILE A 73 -11.34 -2.83 -9.19
C ILE A 73 -11.31 -1.66 -8.22
N GLN A 74 -12.31 -1.60 -7.34
CA GLN A 74 -12.42 -0.51 -6.38
C GLN A 74 -11.17 -0.36 -5.56
N PHE A 75 -10.49 -1.49 -5.31
CA PHE A 75 -9.28 -1.50 -4.50
C PHE A 75 -8.03 -1.44 -5.37
N GLN A 76 -8.04 -2.21 -6.45
CA GLN A 76 -6.87 -2.30 -7.33
C GLN A 76 -6.55 -0.96 -7.96
N ASP A 77 -7.58 -0.28 -8.45
CA ASP A 77 -7.41 1.02 -9.09
C ASP A 77 -7.07 2.09 -8.06
N SER A 78 -7.83 2.12 -6.97
CA SER A 78 -7.67 3.17 -5.97
C SER A 78 -6.29 3.14 -5.34
N PHE A 79 -5.88 1.96 -4.89
CA PHE A 79 -4.59 1.82 -4.22
C PHE A 79 -3.43 1.89 -5.22
N GLY A 80 -3.69 1.47 -6.44
CA GLY A 80 -2.71 1.56 -7.52
C GLY A 80 -2.30 3.01 -7.77
N LYS A 81 -3.29 3.89 -7.82
CA LYS A 81 -3.05 5.30 -8.12
C LYS A 81 -2.18 5.95 -7.04
N VAL A 82 -2.51 5.68 -5.79
CA VAL A 82 -1.80 6.29 -4.66
C VAL A 82 -0.47 5.59 -4.42
N ALA A 83 -0.40 4.31 -4.81
CA ALA A 83 0.83 3.53 -4.65
C ALA A 83 1.98 4.15 -5.42
N ALA A 84 1.71 4.60 -6.64
CA ALA A 84 2.72 5.25 -7.46
C ALA A 84 3.29 6.48 -6.76
N GLU A 85 2.42 7.21 -6.05
CA GLU A 85 2.82 8.44 -5.38
C GLU A 85 3.52 8.14 -4.07
N VAL A 86 3.07 7.11 -3.37
CA VAL A 86 3.65 6.73 -2.09
C VAL A 86 4.99 6.04 -2.27
N LEU A 87 5.02 5.02 -3.12
CA LEU A 87 6.18 4.14 -3.24
C LEU A 87 7.42 4.92 -3.66
N GLY A 88 7.21 5.94 -4.48
CA GLY A 88 8.32 6.71 -5.05
C GLY A 88 8.84 7.75 -4.06
N ARG A 89 8.15 7.88 -2.93
CA ARG A 89 8.54 8.84 -1.91
C ARG A 89 9.09 8.14 -0.68
N ILE A 90 8.50 6.99 -0.34
CA ILE A 90 8.94 6.23 0.81
C ILE A 90 10.21 5.45 0.51
N ASN A 91 10.49 5.26 -0.77
CA ASN A 91 11.80 4.76 -1.21
C ASN A 91 12.92 5.67 -0.75
N GLN A 92 12.63 6.97 -0.69
CA GLN A 92 13.60 7.95 -0.21
C GLN A 92 13.64 7.98 1.31
N GLU A 93 12.48 7.81 1.94
CA GLU A 93 12.38 7.87 3.39
C GLU A 93 12.95 6.62 4.04
N PHE A 94 12.73 5.48 3.40
CA PHE A 94 13.12 4.20 3.98
C PHE A 94 14.64 4.05 3.97
N PRO A 95 15.18 3.44 5.03
CA PRO A 95 16.59 3.08 5.07
C PRO A 95 16.90 1.94 4.12
N ARG A 96 18.18 1.66 3.92
CA ARG A 96 18.61 0.66 2.96
C ARG A 96 17.83 -0.64 3.11
N ASP A 97 17.75 -1.13 4.35
CA ASP A 97 17.15 -2.43 4.62
C ASP A 97 15.69 -2.46 4.20
N LEU A 98 14.97 -1.37 4.48
CA LEU A 98 13.55 -1.29 4.19
C LEU A 98 13.31 -0.95 2.71
N LYS A 99 14.30 -0.33 2.09
CA LYS A 99 14.27 -0.10 0.65
C LYS A 99 14.34 -1.41 -0.12
N LYS A 100 15.12 -2.36 0.40
CA LYS A 100 15.15 -3.70 -0.16
C LYS A 100 13.82 -4.42 0.04
N LYS A 101 13.27 -4.31 1.24
CA LYS A 101 11.96 -4.87 1.54
C LYS A 101 10.87 -4.17 0.74
N LEU A 102 11.06 -2.88 0.49
CA LEU A 102 10.14 -2.12 -0.36
C LEU A 102 10.09 -2.68 -1.78
N SER A 103 11.27 -2.88 -2.37
CA SER A 103 11.37 -3.40 -3.72
C SER A 103 10.77 -4.80 -3.81
N ARG A 104 10.86 -5.55 -2.73
CA ARG A 104 10.22 -6.86 -2.64
C ARG A 104 8.71 -6.74 -2.78
N VAL A 105 8.13 -5.82 -2.04
CA VAL A 105 6.68 -5.56 -2.13
C VAL A 105 6.29 -5.16 -3.54
N VAL A 106 7.06 -4.27 -4.14
CA VAL A 106 6.79 -3.81 -5.50
C VAL A 106 6.85 -4.96 -6.49
N ASN A 107 7.87 -5.81 -6.35
CA ASN A 107 8.04 -6.96 -7.23
C ASN A 107 6.86 -7.91 -7.11
N ILE A 108 6.37 -8.10 -5.89
CA ILE A 108 5.18 -8.92 -5.65
C ILE A 108 3.97 -8.35 -6.35
N LEU A 109 3.76 -7.04 -6.22
CA LEU A 109 2.63 -6.36 -6.84
C LEU A 109 2.65 -6.53 -8.36
N LYS A 110 3.85 -6.49 -8.92
CA LYS A 110 4.01 -6.63 -10.37
C LYS A 110 3.87 -8.09 -10.80
N GLU A 111 4.69 -8.96 -10.21
CA GLU A 111 4.82 -10.33 -10.70
C GLU A 111 3.54 -11.11 -10.49
N ARG A 112 2.82 -10.80 -9.41
CA ARG A 112 1.60 -11.52 -9.09
C ARG A 112 0.38 -10.91 -9.77
N ASN A 113 0.64 -9.90 -10.62
CA ASN A 113 -0.43 -9.25 -11.37
C ASN A 113 -1.47 -8.64 -10.44
N ILE A 114 -1.00 -8.07 -9.33
CA ILE A 114 -1.89 -7.46 -8.35
C ILE A 114 -2.31 -6.06 -8.80
N PHE A 115 -1.34 -5.28 -9.25
CA PHE A 115 -1.63 -4.00 -9.90
C PHE A 115 -1.51 -4.11 -11.41
N SER A 116 -2.27 -3.28 -12.12
CA SER A 116 -2.28 -3.31 -13.58
C SER A 116 -0.96 -2.81 -14.16
N LYS A 117 -0.72 -3.10 -15.43
CA LYS A 117 0.50 -2.69 -16.09
C LYS A 117 0.66 -1.18 -16.08
N GLN A 118 -0.47 -0.48 -16.23
CA GLN A 118 -0.48 0.98 -16.13
C GLN A 118 0.02 1.46 -14.78
N VAL A 119 -0.53 0.86 -13.72
CA VAL A 119 -0.13 1.22 -12.36
C VAL A 119 1.33 0.89 -12.10
N VAL A 120 1.75 -0.30 -12.52
CA VAL A 120 3.13 -0.73 -12.34
C VAL A 120 4.10 0.23 -13.02
N ASN A 121 3.78 0.61 -14.26
CA ASN A 121 4.61 1.55 -15.00
C ASN A 121 4.70 2.90 -14.29
N ASP A 122 3.58 3.34 -13.73
CA ASP A 122 3.54 4.59 -12.97
C ASP A 122 4.37 4.48 -11.69
N ILE A 123 4.30 3.31 -11.05
CA ILE A 123 5.11 3.05 -9.86
C ILE A 123 6.60 3.07 -10.19
N GLU A 124 6.97 2.35 -11.24
CA GLU A 124 8.38 2.22 -11.62
C GLU A 124 8.97 3.58 -12.01
N ARG A 125 8.14 4.41 -12.64
CA ARG A 125 8.56 5.75 -13.02
C ARG A 125 8.87 6.62 -11.81
N SER A 126 7.98 6.56 -10.82
CA SER A 126 8.15 7.33 -9.59
C SER A 126 9.31 6.80 -8.77
N LEU A 127 9.56 5.50 -8.86
CA LEU A 127 10.73 4.89 -8.23
C LEU A 127 12.01 5.32 -8.93
N ALA A 128 11.95 5.40 -10.26
CA ALA A 128 13.09 5.88 -11.03
C ALA A 128 13.42 7.33 -10.69
N ALA A 129 12.39 8.14 -10.50
CA ALA A 129 12.56 9.52 -10.08
C ALA A 129 13.25 9.59 -8.72
N ALA A 130 12.88 8.70 -7.82
CA ALA A 130 13.52 8.61 -6.52
C ALA A 130 15.00 8.24 -6.65
N LEU A 131 15.29 7.36 -7.59
CA LEU A 131 16.67 6.97 -7.87
C LEU A 131 17.47 8.13 -8.45
N GLU A 132 16.80 8.95 -9.27
CA GLU A 132 17.43 10.14 -9.84
C GLU A 132 17.65 11.20 -8.77
N HIS A 133 16.73 11.29 -7.82
CA HIS A 133 16.83 12.24 -6.73
C HIS A 133 18.09 12.00 -5.91
N SER A 1 -13.27 6.32 6.51
CA SER A 1 -13.46 5.17 7.39
C SER A 1 -12.70 5.35 8.70
N GLU A 2 -13.44 5.52 9.79
CA GLU A 2 -12.84 5.64 11.11
C GLU A 2 -12.30 4.30 11.59
N GLN A 3 -12.77 3.23 10.97
CA GLN A 3 -12.31 1.89 11.30
C GLN A 3 -10.94 1.60 10.68
N PHE A 4 -10.78 1.97 9.42
CA PHE A 4 -9.48 1.91 8.76
C PHE A 4 -8.49 2.84 9.44
N THR A 5 -8.90 4.07 9.70
CA THR A 5 -8.06 5.04 10.39
C THR A 5 -7.53 4.47 11.70
N THR A 6 -8.43 3.95 12.52
CA THR A 6 -8.07 3.42 13.83
C THR A 6 -7.17 2.21 13.70
N LYS A 7 -7.56 1.27 12.85
CA LYS A 7 -6.84 0.01 12.72
C LYS A 7 -5.45 0.23 12.13
N LEU A 8 -5.34 1.18 11.21
CA LEU A 8 -4.06 1.51 10.60
C LEU A 8 -3.15 2.23 11.59
N ASN A 9 -3.69 3.23 12.27
CA ASN A 9 -2.93 4.01 13.24
C ASN A 9 -2.39 3.11 14.34
N THR A 10 -3.18 2.12 14.74
CA THR A 10 -2.78 1.19 15.78
C THR A 10 -2.55 -0.21 15.22
N LEU A 11 -2.09 -0.26 13.97
CA LEU A 11 -1.85 -1.54 13.29
C LEU A 11 -0.70 -2.29 13.94
N GLU A 12 -0.98 -3.50 14.41
CA GLU A 12 0.00 -4.29 15.13
C GLU A 12 0.94 -5.01 14.18
N ASP A 13 2.15 -5.29 14.65
CA ASP A 13 3.16 -5.95 13.83
C ASP A 13 2.90 -7.45 13.74
N SER A 14 1.90 -7.83 12.95
CA SER A 14 1.56 -9.23 12.77
C SER A 14 0.51 -9.40 11.67
N GLN A 15 0.68 -10.45 10.86
CA GLN A 15 -0.22 -10.69 9.73
C GLN A 15 -1.62 -11.05 10.21
N GLU A 16 -1.71 -11.52 11.45
CA GLU A 16 -3.00 -11.82 12.06
C GLU A 16 -3.87 -10.57 12.16
N SER A 17 -3.33 -9.52 12.76
CA SER A 17 -4.06 -8.27 12.92
C SER A 17 -4.20 -7.53 11.60
N ILE A 18 -3.16 -7.62 10.77
CA ILE A 18 -3.17 -6.98 9.46
C ILE A 18 -4.24 -7.58 8.56
N SER A 19 -4.29 -8.90 8.50
CA SER A 19 -5.27 -9.60 7.67
C SER A 19 -6.68 -9.40 8.20
N SER A 20 -6.80 -9.24 9.51
CA SER A 20 -8.08 -8.92 10.13
C SER A 20 -8.59 -7.56 9.66
N ALA A 21 -7.69 -6.59 9.58
CA ALA A 21 -8.02 -5.27 9.06
C ALA A 21 -8.42 -5.34 7.60
N SER A 22 -7.69 -6.14 6.83
CA SER A 22 -7.94 -6.28 5.40
C SER A 22 -9.30 -6.94 5.15
N LYS A 23 -9.70 -7.82 6.06
CA LYS A 23 -11.00 -8.47 5.97
C LYS A 23 -12.13 -7.45 6.01
N TRP A 24 -12.08 -6.55 6.99
CA TRP A 24 -13.04 -5.47 7.09
C TRP A 24 -13.06 -4.61 5.83
N LEU A 25 -11.86 -4.33 5.32
CA LEU A 25 -11.72 -3.48 4.13
C LEU A 25 -12.34 -4.14 2.90
N LEU A 26 -12.19 -5.46 2.81
CA LEU A 26 -12.82 -6.23 1.74
C LEU A 26 -14.34 -6.14 1.82
N LEU A 27 -14.86 -6.10 3.05
CA LEU A 27 -16.29 -5.90 3.26
C LEU A 27 -16.72 -4.49 2.88
N GLN A 28 -15.83 -3.52 3.13
CA GLN A 28 -16.12 -2.13 2.81
C GLN A 28 -15.38 -1.70 1.54
N TYR A 29 -15.43 -2.54 0.53
CA TYR A 29 -14.71 -2.29 -0.72
C TYR A 29 -15.23 -1.03 -1.41
N ARG A 30 -16.47 -0.67 -1.11
CA ARG A 30 -17.13 0.44 -1.78
C ARG A 30 -16.53 1.78 -1.35
N ASP A 31 -15.79 1.76 -0.23
CA ASP A 31 -15.12 2.96 0.25
C ASP A 31 -13.62 2.88 0.01
N ALA A 32 -13.23 2.08 -0.98
CA ALA A 32 -11.82 1.87 -1.27
C ALA A 32 -11.11 3.17 -1.58
N PRO A 33 -11.75 4.01 -2.38
CA PRO A 33 -11.20 5.32 -2.72
C PRO A 33 -10.77 6.08 -1.47
N LYS A 34 -11.62 6.06 -0.45
CA LYS A 34 -11.34 6.74 0.80
C LYS A 34 -10.22 6.06 1.56
N VAL A 35 -10.20 4.73 1.52
CA VAL A 35 -9.15 3.96 2.16
C VAL A 35 -7.78 4.30 1.59
N ALA A 36 -7.72 4.37 0.26
CA ALA A 36 -6.46 4.67 -0.42
C ALA A 36 -5.96 6.06 -0.07
N GLU A 37 -6.88 7.01 0.03
CA GLU A 37 -6.54 8.39 0.37
C GLU A 37 -5.92 8.46 1.77
N MET A 38 -6.54 7.76 2.72
CA MET A 38 -6.05 7.71 4.09
C MET A 38 -4.74 6.95 4.17
N TRP A 39 -4.62 5.89 3.38
CA TRP A 39 -3.38 5.13 3.29
C TRP A 39 -2.24 6.01 2.78
N LYS A 40 -2.51 6.81 1.76
CA LYS A 40 -1.53 7.75 1.24
C LYS A 40 -1.04 8.69 2.33
N GLU A 41 -1.95 9.42 2.95
CA GLU A 41 -1.61 10.40 3.96
C GLU A 41 -0.81 9.76 5.09
N TYR A 42 -1.25 8.58 5.52
CA TYR A 42 -0.62 7.89 6.64
C TYR A 42 0.87 7.67 6.39
N MET A 43 1.19 7.07 5.25
CA MET A 43 2.56 6.69 4.95
C MET A 43 3.37 7.88 4.46
N LEU A 44 2.67 8.97 4.16
CA LEU A 44 3.34 10.23 3.84
C LEU A 44 3.27 11.21 5.01
N ARG A 45 2.94 10.69 6.18
CA ARG A 45 2.95 11.49 7.41
C ARG A 45 4.26 11.35 8.15
N PRO A 46 4.89 12.49 8.46
CA PRO A 46 6.22 12.50 9.05
C PRO A 46 6.17 12.08 10.51
N SER A 47 4.98 12.07 11.09
CA SER A 47 4.80 11.66 12.47
C SER A 47 4.71 10.15 12.59
N VAL A 48 4.71 9.47 11.45
CA VAL A 48 4.65 8.01 11.42
C VAL A 48 6.03 7.40 11.20
N ASN A 49 6.35 6.38 11.99
CA ASN A 49 7.65 5.73 11.90
C ASN A 49 7.73 4.85 10.66
N THR A 50 8.95 4.62 10.19
CA THR A 50 9.15 3.86 8.95
C THR A 50 8.74 2.40 9.12
N ARG A 51 8.84 1.90 10.35
CA ARG A 51 8.34 0.57 10.68
C ARG A 51 6.83 0.52 10.56
N ARG A 52 6.16 1.57 11.05
CA ARG A 52 4.71 1.67 10.94
C ARG A 52 4.27 1.87 9.49
N LYS A 53 5.09 2.57 8.73
CA LYS A 53 4.85 2.72 7.29
C LYS A 53 4.96 1.38 6.58
N LEU A 54 5.97 0.59 6.96
CA LEU A 54 6.12 -0.75 6.43
C LEU A 54 4.87 -1.59 6.67
N LEU A 55 4.32 -1.49 7.88
CA LEU A 55 3.10 -2.20 8.21
C LEU A 55 1.93 -1.75 7.36
N GLY A 56 1.85 -0.44 7.13
CA GLY A 56 0.84 0.12 6.23
C GLY A 56 1.02 -0.40 4.81
N LEU A 57 2.27 -0.48 4.37
CA LEU A 57 2.58 -1.07 3.07
C LEU A 57 2.10 -2.52 2.99
N TYR A 58 2.39 -3.29 4.03
CA TYR A 58 2.00 -4.69 4.09
C TYR A 58 0.48 -4.84 4.09
N LEU A 59 -0.19 -3.94 4.82
CA LEU A 59 -1.65 -3.94 4.88
C LEU A 59 -2.26 -3.83 3.49
N MET A 60 -1.82 -2.82 2.74
CA MET A 60 -2.24 -2.66 1.35
C MET A 60 -1.99 -3.93 0.55
N ASN A 61 -0.76 -4.46 0.65
CA ASN A 61 -0.38 -5.64 -0.11
C ASN A 61 -1.38 -6.78 0.09
N HIS A 62 -1.80 -6.98 1.33
CA HIS A 62 -2.75 -8.03 1.65
C HIS A 62 -4.12 -7.73 1.06
N VAL A 63 -4.53 -6.47 1.11
CA VAL A 63 -5.83 -6.05 0.61
C VAL A 63 -5.92 -6.23 -0.90
N VAL A 64 -4.89 -5.76 -1.61
CA VAL A 64 -4.90 -5.75 -3.06
C VAL A 64 -4.66 -7.15 -3.62
N GLN A 65 -3.97 -7.98 -2.83
CA GLN A 65 -3.81 -9.39 -3.15
C GLN A 65 -5.15 -10.13 -3.06
N GLN A 66 -5.93 -9.80 -2.05
CA GLN A 66 -7.27 -10.35 -1.91
C GLN A 66 -8.23 -9.74 -2.93
N ALA A 67 -8.00 -8.47 -3.26
CA ALA A 67 -8.76 -7.81 -4.30
C ALA A 67 -8.54 -8.46 -5.66
N LYS A 68 -7.31 -8.93 -5.88
CA LYS A 68 -7.01 -9.70 -7.08
C LYS A 68 -7.80 -11.01 -7.13
N GLY A 69 -7.86 -11.70 -6.00
CA GLY A 69 -8.60 -12.94 -5.89
C GLY A 69 -10.10 -12.70 -5.98
N GLN A 70 -10.56 -11.61 -5.39
CA GLN A 70 -11.97 -11.29 -5.35
C GLN A 70 -12.38 -10.42 -6.53
N LYS A 71 -11.41 -10.04 -7.34
CA LYS A 71 -11.66 -9.22 -8.52
C LYS A 71 -12.31 -7.90 -8.13
N ILE A 72 -11.76 -7.24 -7.12
CA ILE A 72 -12.26 -5.95 -6.67
C ILE A 72 -11.46 -4.81 -7.29
N ILE A 73 -12.02 -4.19 -8.33
CA ILE A 73 -11.32 -3.14 -9.06
C ILE A 73 -11.28 -1.85 -8.26
N GLN A 74 -12.12 -1.76 -7.23
CA GLN A 74 -12.19 -0.58 -6.39
C GLN A 74 -10.87 -0.34 -5.66
N PHE A 75 -10.29 -1.42 -5.14
CA PHE A 75 -9.01 -1.33 -4.43
C PHE A 75 -7.84 -1.27 -5.41
N GLN A 76 -7.94 -2.05 -6.49
CA GLN A 76 -6.88 -2.10 -7.49
C GLN A 76 -6.61 -0.71 -8.06
N ASP A 77 -7.67 -0.01 -8.45
CA ASP A 77 -7.54 1.32 -9.03
C ASP A 77 -7.18 2.34 -7.97
N SER A 78 -7.89 2.31 -6.85
CA SER A 78 -7.72 3.32 -5.80
C SER A 78 -6.30 3.31 -5.27
N PHE A 79 -5.82 2.14 -4.89
CA PHE A 79 -4.46 2.00 -4.34
C PHE A 79 -3.42 2.24 -5.42
N GLY A 80 -3.70 1.78 -6.63
CA GLY A 80 -2.79 1.97 -7.76
C GLY A 80 -2.46 3.44 -7.97
N LYS A 81 -3.48 4.28 -7.91
CA LYS A 81 -3.31 5.70 -8.16
C LYS A 81 -2.37 6.34 -7.13
N VAL A 82 -2.62 6.04 -5.86
CA VAL A 82 -1.87 6.65 -4.77
C VAL A 82 -0.52 5.96 -4.60
N ALA A 83 -0.45 4.68 -4.95
CA ALA A 83 0.77 3.90 -4.79
C ALA A 83 1.88 4.44 -5.70
N ALA A 84 1.51 4.83 -6.91
CA ALA A 84 2.48 5.36 -7.87
C ALA A 84 3.30 6.49 -7.26
N GLU A 85 2.65 7.32 -6.45
CA GLU A 85 3.33 8.43 -5.80
C GLU A 85 3.99 7.98 -4.50
N VAL A 86 3.23 7.31 -3.64
CA VAL A 86 3.69 6.98 -2.30
C VAL A 86 4.92 6.08 -2.36
N LEU A 87 4.85 5.04 -3.18
CA LEU A 87 5.91 4.03 -3.22
C LEU A 87 7.26 4.65 -3.56
N GLY A 88 7.23 5.65 -4.44
CA GLY A 88 8.44 6.38 -4.81
C GLY A 88 8.95 7.22 -3.64
N ARG A 89 8.04 7.93 -2.98
CA ARG A 89 8.40 8.83 -1.89
C ARG A 89 9.02 8.06 -0.73
N ILE A 90 8.40 6.92 -0.38
CA ILE A 90 8.84 6.13 0.75
C ILE A 90 10.11 5.35 0.42
N ASN A 91 10.35 5.13 -0.87
CA ASN A 91 11.60 4.56 -1.33
C ASN A 91 12.78 5.47 -1.02
N GLN A 92 12.55 6.78 -1.12
CA GLN A 92 13.55 7.77 -0.70
C GLN A 92 13.72 7.77 0.80
N GLU A 93 12.61 7.69 1.53
CA GLU A 93 12.62 7.79 2.99
C GLU A 93 13.21 6.54 3.61
N PHE A 94 12.88 5.39 3.04
CA PHE A 94 13.26 4.11 3.61
C PHE A 94 14.77 3.87 3.48
N PRO A 95 15.35 3.27 4.51
CA PRO A 95 16.73 2.79 4.43
C PRO A 95 16.84 1.59 3.51
N ARG A 96 18.07 1.18 3.21
CA ARG A 96 18.32 0.10 2.27
C ARG A 96 17.54 -1.15 2.66
N ASP A 97 17.47 -1.43 3.95
CA ASP A 97 16.79 -2.62 4.46
C ASP A 97 15.32 -2.62 4.06
N LEU A 98 14.66 -1.49 4.27
CA LEU A 98 13.23 -1.38 4.00
C LEU A 98 12.96 -1.13 2.52
N LYS A 99 13.94 -0.58 1.83
CA LYS A 99 13.87 -0.42 0.38
C LYS A 99 13.83 -1.76 -0.32
N LYS A 100 14.58 -2.72 0.21
CA LYS A 100 14.55 -4.10 -0.29
C LYS A 100 13.18 -4.72 -0.07
N LYS A 101 12.65 -4.57 1.15
CA LYS A 101 11.32 -5.06 1.46
C LYS A 101 10.26 -4.36 0.62
N LEU A 102 10.46 -3.08 0.37
CA LEU A 102 9.56 -2.31 -0.49
C LEU A 102 9.54 -2.89 -1.89
N SER A 103 10.71 -3.13 -2.46
CA SER A 103 10.82 -3.62 -3.83
C SER A 103 10.19 -4.99 -3.98
N ARG A 104 10.21 -5.76 -2.90
CA ARG A 104 9.56 -7.07 -2.89
C ARG A 104 8.04 -6.93 -3.03
N VAL A 105 7.47 -5.98 -2.32
CA VAL A 105 6.04 -5.69 -2.43
C VAL A 105 5.68 -5.22 -3.83
N VAL A 106 6.51 -4.34 -4.39
CA VAL A 106 6.30 -3.85 -5.74
C VAL A 106 6.35 -4.97 -6.76
N ASN A 107 7.31 -5.88 -6.59
CA ASN A 107 7.44 -7.03 -7.46
C ASN A 107 6.19 -7.90 -7.42
N ILE A 108 5.63 -8.06 -6.24
CA ILE A 108 4.38 -8.80 -6.08
C ILE A 108 3.25 -8.15 -6.85
N LEU A 109 3.14 -6.82 -6.73
CA LEU A 109 2.09 -6.08 -7.41
C LEU A 109 2.17 -6.28 -8.92
N LYS A 110 3.38 -6.35 -9.45
CA LYS A 110 3.59 -6.51 -10.88
C LYS A 110 3.42 -7.97 -11.29
N GLU A 111 4.15 -8.86 -10.63
CA GLU A 111 4.23 -10.25 -11.05
C GLU A 111 2.88 -10.95 -10.92
N ARG A 112 2.13 -10.58 -9.88
CA ARG A 112 0.83 -11.19 -9.62
C ARG A 112 -0.28 -10.49 -10.40
N ASN A 113 0.09 -9.50 -11.20
CA ASN A 113 -0.87 -8.78 -12.03
C ASN A 113 -1.96 -8.15 -11.18
N ILE A 114 -1.57 -7.61 -10.03
CA ILE A 114 -2.51 -6.96 -9.13
C ILE A 114 -2.88 -5.57 -9.64
N PHE A 115 -1.87 -4.78 -9.98
CA PHE A 115 -2.08 -3.47 -10.57
C PHE A 115 -1.92 -3.50 -12.08
N SER A 116 -2.60 -2.58 -12.77
CA SER A 116 -2.55 -2.53 -14.23
C SER A 116 -1.18 -2.09 -14.72
N LYS A 117 -0.90 -2.35 -16.00
CA LYS A 117 0.39 -2.00 -16.59
C LYS A 117 0.63 -0.50 -16.50
N GLN A 118 -0.43 0.29 -16.64
CA GLN A 118 -0.35 1.73 -16.47
C GLN A 118 0.14 2.09 -15.07
N VAL A 119 -0.48 1.51 -14.06
CA VAL A 119 -0.12 1.77 -12.67
C VAL A 119 1.30 1.33 -12.37
N VAL A 120 1.64 0.12 -12.82
CA VAL A 120 2.96 -0.44 -12.58
C VAL A 120 4.04 0.44 -13.19
N ASN A 121 3.82 0.88 -14.42
CA ASN A 121 4.75 1.76 -15.11
C ASN A 121 4.93 3.08 -14.36
N ASP A 122 3.82 3.60 -13.84
CA ASP A 122 3.85 4.83 -13.07
C ASP A 122 4.62 4.64 -11.75
N ILE A 123 4.44 3.48 -11.14
CA ILE A 123 5.19 3.13 -9.94
C ILE A 123 6.68 3.04 -10.23
N GLU A 124 7.04 2.33 -11.30
CA GLU A 124 8.43 2.13 -11.65
C GLU A 124 9.12 3.44 -11.98
N ARG A 125 8.38 4.35 -12.63
CA ARG A 125 8.91 5.65 -12.99
C ARG A 125 9.27 6.45 -11.75
N SER A 126 8.39 6.45 -10.76
CA SER A 126 8.61 7.19 -9.53
C SER A 126 9.71 6.55 -8.69
N LEU A 127 9.84 5.23 -8.81
CA LEU A 127 10.94 4.51 -8.16
C LEU A 127 12.27 4.83 -8.83
N ALA A 128 12.25 4.98 -10.15
CA ALA A 128 13.44 5.39 -10.88
C ALA A 128 13.87 6.80 -10.50
N ALA A 129 12.89 7.69 -10.33
CA ALA A 129 13.16 9.05 -9.86
C ALA A 129 13.75 9.02 -8.45
N ALA A 130 13.21 8.16 -7.61
CA ALA A 130 13.73 7.99 -6.26
C ALA A 130 15.16 7.44 -6.28
N LEU A 131 15.44 6.55 -7.22
CA LEU A 131 16.78 6.03 -7.42
C LEU A 131 17.75 7.14 -7.79
N GLU A 132 17.35 7.98 -8.73
CA GLU A 132 18.17 9.10 -9.16
C GLU A 132 18.33 10.13 -8.05
N HIS A 133 17.29 10.30 -7.24
CA HIS A 133 17.32 11.24 -6.13
C HIS A 133 18.40 10.87 -5.13
N SER A 1 -15.93 2.84 5.61
CA SER A 1 -14.80 2.29 6.34
C SER A 1 -13.85 3.39 6.80
N GLU A 2 -14.41 4.44 7.41
CA GLU A 2 -13.62 5.59 7.82
C GLU A 2 -12.77 5.26 9.04
N GLN A 3 -13.12 4.18 9.73
CA GLN A 3 -12.34 3.73 10.88
C GLN A 3 -10.96 3.26 10.45
N PHE A 4 -10.79 2.99 9.17
CA PHE A 4 -9.49 2.65 8.62
C PHE A 4 -8.41 3.61 9.10
N THR A 5 -8.77 4.89 9.21
CA THR A 5 -7.83 5.91 9.66
C THR A 5 -7.13 5.47 10.95
N THR A 6 -7.91 4.96 11.89
CA THR A 6 -7.39 4.65 13.23
C THR A 6 -6.90 3.21 13.31
N LYS A 7 -7.49 2.35 12.48
CA LYS A 7 -7.09 0.95 12.43
C LYS A 7 -5.69 0.80 11.82
N LEU A 8 -5.40 1.61 10.82
CA LEU A 8 -4.05 1.69 10.27
C LEU A 8 -3.10 2.41 11.23
N ASN A 9 -3.55 3.54 11.75
CA ASN A 9 -2.74 4.32 12.68
C ASN A 9 -2.25 3.47 13.84
N THR A 10 -3.12 2.61 14.36
CA THR A 10 -2.78 1.71 15.45
C THR A 10 -2.78 0.26 15.00
N LEU A 11 -2.35 0.03 13.77
CA LEU A 11 -2.28 -1.32 13.22
C LEU A 11 -1.34 -2.21 14.02
N GLU A 12 -1.86 -3.32 14.52
CA GLU A 12 -1.09 -4.22 15.35
C GLU A 12 -0.01 -4.93 14.55
N ASP A 13 1.18 -5.04 15.13
CA ASP A 13 2.29 -5.76 14.50
C ASP A 13 2.03 -7.26 14.51
N SER A 14 1.13 -7.71 13.64
CA SER A 14 0.79 -9.12 13.54
C SER A 14 0.04 -9.42 12.26
N GLN A 15 0.53 -10.40 11.50
CA GLN A 15 -0.01 -10.71 10.18
C GLN A 15 -1.48 -11.12 10.28
N GLU A 16 -1.82 -11.82 11.35
CA GLU A 16 -3.19 -12.26 11.56
C GLU A 16 -4.14 -11.07 11.73
N SER A 17 -3.70 -10.09 12.51
CA SER A 17 -4.50 -8.89 12.75
C SER A 17 -4.55 -8.01 11.50
N ILE A 18 -3.44 -7.95 10.78
CA ILE A 18 -3.35 -7.16 9.56
C ILE A 18 -4.28 -7.72 8.48
N SER A 19 -4.23 -9.02 8.28
CA SER A 19 -5.06 -9.68 7.29
C SER A 19 -6.54 -9.63 7.67
N SER A 20 -6.79 -9.60 8.98
CA SER A 20 -8.15 -9.43 9.49
C SER A 20 -8.67 -8.03 9.16
N ALA A 21 -7.80 -7.03 9.31
CA ALA A 21 -8.15 -5.66 8.96
C ALA A 21 -8.47 -5.53 7.48
N SER A 22 -7.68 -6.21 6.64
CA SER A 22 -7.87 -6.17 5.20
C SER A 22 -9.21 -6.80 4.81
N LYS A 23 -9.57 -7.87 5.50
CA LYS A 23 -10.87 -8.52 5.29
C LYS A 23 -12.01 -7.54 5.56
N TRP A 24 -11.91 -6.81 6.66
CA TRP A 24 -12.91 -5.81 7.01
C TRP A 24 -13.02 -4.74 5.92
N LEU A 25 -11.87 -4.29 5.43
CA LEU A 25 -11.84 -3.24 4.43
C LEU A 25 -12.53 -3.67 3.15
N LEU A 26 -12.40 -4.95 2.82
CA LEU A 26 -12.93 -5.47 1.56
C LEU A 26 -14.43 -5.70 1.64
N LEU A 27 -15.01 -5.40 2.79
CA LEU A 27 -16.46 -5.44 2.96
C LEU A 27 -17.13 -4.21 2.35
N GLN A 28 -16.33 -3.18 2.11
CA GLN A 28 -16.85 -1.94 1.51
C GLN A 28 -15.91 -1.44 0.43
N TYR A 29 -15.98 -2.05 -0.75
CA TYR A 29 -15.13 -1.67 -1.87
C TYR A 29 -15.37 -0.21 -2.28
N ARG A 30 -16.56 0.28 -1.99
CA ARG A 30 -16.95 1.63 -2.40
C ARG A 30 -16.17 2.69 -1.62
N ASP A 31 -15.56 2.27 -0.51
CA ASP A 31 -14.74 3.17 0.29
C ASP A 31 -13.26 2.94 0.04
N ALA A 32 -12.95 2.30 -1.08
CA ALA A 32 -11.56 2.03 -1.44
C ALA A 32 -10.79 3.33 -1.66
N PRO A 33 -11.42 4.29 -2.33
CA PRO A 33 -10.84 5.61 -2.52
C PRO A 33 -10.41 6.21 -1.19
N LYS A 34 -11.23 6.04 -0.18
CA LYS A 34 -10.91 6.53 1.16
C LYS A 34 -9.70 5.81 1.74
N VAL A 35 -9.67 4.50 1.57
CA VAL A 35 -8.55 3.68 2.06
C VAL A 35 -7.24 4.13 1.43
N ALA A 36 -7.26 4.37 0.12
CA ALA A 36 -6.06 4.74 -0.61
C ALA A 36 -5.54 6.09 -0.15
N GLU A 37 -6.44 7.06 -0.03
CA GLU A 37 -6.06 8.41 0.35
C GLU A 37 -5.59 8.48 1.79
N MET A 38 -6.26 7.74 2.66
CA MET A 38 -5.83 7.61 4.05
C MET A 38 -4.50 6.88 4.17
N TRP A 39 -4.34 5.85 3.34
CA TRP A 39 -3.07 5.12 3.28
C TRP A 39 -1.93 6.03 2.86
N LYS A 40 -2.19 6.89 1.87
CA LYS A 40 -1.22 7.89 1.46
C LYS A 40 -0.76 8.74 2.63
N GLU A 41 -1.71 9.38 3.30
CA GLU A 41 -1.41 10.26 4.41
C GLU A 41 -0.59 9.55 5.48
N TYR A 42 -1.02 8.36 5.86
CA TYR A 42 -0.33 7.57 6.87
C TYR A 42 1.11 7.29 6.46
N MET A 43 1.29 6.78 5.26
CA MET A 43 2.61 6.40 4.77
C MET A 43 3.51 7.63 4.62
N LEU A 44 2.90 8.78 4.40
CA LEU A 44 3.65 10.02 4.21
C LEU A 44 3.56 10.90 5.45
N ARG A 45 3.21 10.30 6.58
CA ARG A 45 3.17 11.02 7.85
C ARG A 45 4.49 10.90 8.59
N PRO A 46 5.05 12.06 8.96
CA PRO A 46 6.39 12.10 9.55
C PRO A 46 6.38 11.63 10.99
N SER A 47 5.17 11.52 11.56
CA SER A 47 5.02 11.07 12.94
C SER A 47 4.93 9.54 13.00
N VAL A 48 5.02 8.90 11.84
CA VAL A 48 4.97 7.45 11.76
C VAL A 48 6.35 6.86 11.52
N ASN A 49 6.69 5.81 12.27
CA ASN A 49 7.99 5.17 12.15
C ASN A 49 8.05 4.31 10.89
N THR A 50 9.26 4.04 10.42
CA THR A 50 9.46 3.32 9.16
C THR A 50 8.98 1.88 9.26
N ARG A 51 9.05 1.32 10.47
CA ARG A 51 8.49 0.00 10.74
C ARG A 51 6.97 0.04 10.73
N ARG A 52 6.40 1.11 11.26
CA ARG A 52 4.96 1.30 11.25
C ARG A 52 4.44 1.54 9.83
N LYS A 53 5.27 2.20 9.03
CA LYS A 53 4.98 2.35 7.60
C LYS A 53 5.03 1.01 6.88
N LEU A 54 6.01 0.19 7.26
CA LEU A 54 6.11 -1.17 6.72
C LEU A 54 4.84 -1.96 7.00
N LEU A 55 4.30 -1.81 8.21
CA LEU A 55 3.05 -2.46 8.56
C LEU A 55 1.91 -2.00 7.66
N GLY A 56 1.87 -0.71 7.37
CA GLY A 56 0.89 -0.15 6.44
C GLY A 56 1.08 -0.72 5.04
N LEU A 57 2.34 -0.85 4.62
CA LEU A 57 2.67 -1.49 3.35
C LEU A 57 2.12 -2.91 3.29
N TYR A 58 2.32 -3.66 4.36
CA TYR A 58 1.86 -5.05 4.42
C TYR A 58 0.34 -5.13 4.36
N LEU A 59 -0.33 -4.21 5.04
CA LEU A 59 -1.78 -4.16 5.03
C LEU A 59 -2.31 -3.90 3.63
N MET A 60 -1.76 -2.89 2.98
CA MET A 60 -2.12 -2.58 1.60
C MET A 60 -1.99 -3.81 0.71
N ASN A 61 -0.85 -4.51 0.83
CA ASN A 61 -0.61 -5.71 0.05
C ASN A 61 -1.72 -6.73 0.26
N HIS A 62 -2.09 -6.95 1.52
CA HIS A 62 -3.11 -7.94 1.85
C HIS A 62 -4.45 -7.56 1.26
N VAL A 63 -4.78 -6.27 1.31
CA VAL A 63 -6.04 -5.78 0.78
C VAL A 63 -6.15 -6.03 -0.72
N VAL A 64 -5.13 -5.60 -1.46
CA VAL A 64 -5.19 -5.61 -2.91
C VAL A 64 -4.99 -7.02 -3.46
N GLN A 65 -4.26 -7.84 -2.72
CA GLN A 65 -4.06 -9.24 -3.09
C GLN A 65 -5.34 -10.05 -2.92
N GLN A 66 -6.01 -9.85 -1.79
CA GLN A 66 -7.29 -10.48 -1.53
C GLN A 66 -8.37 -9.91 -2.44
N ALA A 67 -8.27 -8.62 -2.72
CA ALA A 67 -9.20 -7.96 -3.65
C ALA A 67 -9.16 -8.61 -5.02
N LYS A 68 -7.97 -8.95 -5.48
CA LYS A 68 -7.80 -9.71 -6.72
C LYS A 68 -8.59 -11.01 -6.68
N GLY A 69 -8.43 -11.74 -5.58
CA GLY A 69 -9.14 -13.01 -5.39
C GLY A 69 -10.65 -12.79 -5.37
N GLN A 70 -11.07 -11.64 -4.86
CA GLN A 70 -12.49 -11.31 -4.77
C GLN A 70 -12.97 -10.59 -6.02
N LYS A 71 -12.07 -10.45 -7.00
CA LYS A 71 -12.43 -9.81 -8.26
C LYS A 71 -12.91 -8.38 -8.04
N ILE A 72 -12.18 -7.64 -7.21
CA ILE A 72 -12.49 -6.23 -6.98
C ILE A 72 -11.45 -5.33 -7.65
N ILE A 73 -11.92 -4.50 -8.58
CA ILE A 73 -11.03 -3.63 -9.34
C ILE A 73 -11.03 -2.21 -8.80
N GLN A 74 -11.89 -1.97 -7.81
CA GLN A 74 -12.02 -0.64 -7.23
C GLN A 74 -10.77 -0.25 -6.47
N PHE A 75 -10.15 -1.22 -5.80
CA PHE A 75 -8.94 -0.98 -5.03
C PHE A 75 -7.73 -0.83 -5.94
N GLN A 76 -7.79 -1.44 -7.11
CA GLN A 76 -6.73 -1.32 -8.11
C GLN A 76 -6.57 0.12 -8.56
N ASP A 77 -7.69 0.74 -8.95
CA ASP A 77 -7.67 2.12 -9.41
C ASP A 77 -7.42 3.08 -8.26
N SER A 78 -8.04 2.82 -7.12
CA SER A 78 -7.88 3.65 -5.93
C SER A 78 -6.44 3.65 -5.46
N PHE A 79 -5.82 2.48 -5.45
CA PHE A 79 -4.41 2.35 -5.09
C PHE A 79 -3.52 3.12 -6.07
N GLY A 80 -3.72 2.88 -7.36
CA GLY A 80 -2.90 3.49 -8.39
C GLY A 80 -2.89 5.01 -8.27
N LYS A 81 -4.01 5.57 -7.80
CA LYS A 81 -4.11 7.01 -7.61
C LYS A 81 -2.95 7.55 -6.78
N VAL A 82 -2.59 6.80 -5.73
CA VAL A 82 -1.59 7.27 -4.77
C VAL A 82 -0.34 6.42 -4.82
N ALA A 83 -0.44 5.28 -5.49
CA ALA A 83 0.64 4.29 -5.47
C ALA A 83 1.97 4.92 -5.91
N ALA A 84 1.97 5.51 -7.11
CA ALA A 84 3.19 6.02 -7.70
C ALA A 84 3.90 7.00 -6.76
N GLU A 85 3.15 7.98 -6.28
CA GLU A 85 3.71 9.04 -5.44
C GLU A 85 4.22 8.48 -4.12
N VAL A 86 3.35 7.76 -3.41
CA VAL A 86 3.67 7.28 -2.08
C VAL A 86 4.88 6.35 -2.10
N LEU A 87 4.84 5.36 -2.98
CA LEU A 87 5.89 4.34 -3.03
C LEU A 87 7.24 4.98 -3.35
N GLY A 88 7.24 5.98 -4.20
CA GLY A 88 8.47 6.71 -4.53
C GLY A 88 9.01 7.45 -3.31
N ARG A 89 8.11 8.14 -2.60
CA ARG A 89 8.52 8.97 -1.47
C ARG A 89 9.08 8.11 -0.34
N ILE A 90 8.38 7.03 -0.03
CA ILE A 90 8.77 6.18 1.09
C ILE A 90 9.99 5.34 0.74
N ASN A 91 10.22 5.13 -0.54
CA ASN A 91 11.45 4.50 -1.02
C ASN A 91 12.67 5.30 -0.60
N GLN A 92 12.58 6.61 -0.69
CA GLN A 92 13.66 7.50 -0.25
C GLN A 92 13.72 7.57 1.27
N GLU A 93 12.56 7.59 1.91
CA GLU A 93 12.47 7.69 3.36
C GLU A 93 13.03 6.44 4.03
N PHE A 94 12.75 5.28 3.44
CA PHE A 94 13.16 4.02 4.01
C PHE A 94 14.67 3.85 3.96
N PRO A 95 15.23 3.22 4.99
CA PRO A 95 16.64 2.84 4.99
C PRO A 95 16.92 1.76 3.96
N ARG A 96 18.20 1.40 3.82
CA ARG A 96 18.62 0.46 2.80
C ARG A 96 17.85 -0.85 2.90
N ASP A 97 17.64 -1.31 4.13
CA ASP A 97 16.97 -2.58 4.37
C ASP A 97 15.53 -2.55 3.88
N LEU A 98 14.78 -1.54 4.32
CA LEU A 98 13.37 -1.43 3.96
C LEU A 98 13.19 -0.95 2.54
N LYS A 99 14.17 -0.20 2.04
CA LYS A 99 14.19 0.21 0.64
C LYS A 99 14.19 -1.00 -0.28
N LYS A 100 15.06 -1.96 0.01
CA LYS A 100 15.14 -3.20 -0.76
C LYS A 100 13.85 -4.01 -0.62
N LYS A 101 13.38 -4.14 0.62
CA LYS A 101 12.17 -4.91 0.90
C LYS A 101 10.96 -4.30 0.20
N LEU A 102 10.91 -2.97 0.16
CA LEU A 102 9.84 -2.26 -0.55
C LEU A 102 9.82 -2.65 -2.03
N SER A 103 10.98 -2.59 -2.67
CA SER A 103 11.09 -2.91 -4.08
C SER A 103 10.71 -4.37 -4.35
N ARG A 104 10.97 -5.23 -3.36
CA ARG A 104 10.58 -6.63 -3.45
C ARG A 104 9.06 -6.77 -3.44
N VAL A 105 8.41 -6.01 -2.57
CA VAL A 105 6.95 -6.00 -2.51
C VAL A 105 6.36 -5.53 -3.83
N VAL A 106 6.93 -4.47 -4.39
CA VAL A 106 6.48 -3.96 -5.68
C VAL A 106 6.65 -5.01 -6.78
N ASN A 107 7.78 -5.70 -6.77
CA ASN A 107 8.03 -6.76 -7.73
C ASN A 107 7.01 -7.88 -7.60
N ILE A 108 6.67 -8.22 -6.36
CA ILE A 108 5.66 -9.23 -6.10
C ILE A 108 4.30 -8.80 -6.65
N LEU A 109 3.94 -7.55 -6.40
CA LEU A 109 2.68 -7.01 -6.90
C LEU A 109 2.61 -7.07 -8.42
N LYS A 110 3.74 -6.84 -9.07
CA LYS A 110 3.83 -6.94 -10.52
C LYS A 110 3.73 -8.39 -10.97
N GLU A 111 4.58 -9.25 -10.41
CA GLU A 111 4.70 -10.62 -10.87
C GLU A 111 3.41 -11.40 -10.64
N ARG A 112 2.69 -11.04 -9.57
CA ARG A 112 1.46 -11.72 -9.21
C ARG A 112 0.27 -11.12 -9.95
N ASN A 113 0.55 -10.16 -10.83
CA ASN A 113 -0.50 -9.55 -11.64
C ASN A 113 -1.61 -8.97 -10.76
N ILE A 114 -1.22 -8.24 -9.72
CA ILE A 114 -2.17 -7.67 -8.78
C ILE A 114 -2.89 -6.46 -9.38
N PHE A 115 -2.16 -5.69 -10.17
CA PHE A 115 -2.70 -4.47 -10.76
C PHE A 115 -2.57 -4.48 -12.28
N SER A 116 -3.17 -3.50 -12.93
CA SER A 116 -3.05 -3.34 -14.38
C SER A 116 -1.64 -2.90 -14.76
N LYS A 117 -1.31 -3.05 -16.04
CA LYS A 117 0.01 -2.68 -16.54
C LYS A 117 0.27 -1.19 -16.35
N GLN A 118 -0.78 -0.39 -16.48
CA GLN A 118 -0.66 1.05 -16.33
C GLN A 118 -0.27 1.43 -14.91
N VAL A 119 -0.90 0.79 -13.93
CA VAL A 119 -0.59 1.03 -12.53
C VAL A 119 0.86 0.66 -12.22
N VAL A 120 1.29 -0.49 -12.72
CA VAL A 120 2.66 -0.94 -12.52
C VAL A 120 3.66 0.02 -13.16
N ASN A 121 3.36 0.45 -14.39
CA ASN A 121 4.24 1.37 -15.11
C ASN A 121 4.35 2.70 -14.39
N ASP A 122 3.23 3.18 -13.85
CA ASP A 122 3.21 4.41 -13.09
C ASP A 122 4.10 4.31 -11.85
N ILE A 123 4.02 3.18 -11.17
CA ILE A 123 4.84 2.94 -9.98
C ILE A 123 6.32 2.90 -10.33
N GLU A 124 6.66 2.14 -11.37
CA GLU A 124 8.05 1.98 -11.78
C GLU A 124 8.65 3.30 -12.21
N ARG A 125 7.86 4.10 -12.93
CA ARG A 125 8.32 5.41 -13.38
C ARG A 125 8.65 6.32 -12.20
N SER A 126 7.76 6.35 -11.21
CA SER A 126 7.98 7.15 -10.01
C SER A 126 9.21 6.67 -9.24
N LEU A 127 9.35 5.37 -9.10
CA LEU A 127 10.48 4.79 -8.40
C LEU A 127 11.78 5.13 -9.10
N ALA A 128 11.78 5.10 -10.42
CA ALA A 128 12.93 5.48 -11.22
C ALA A 128 13.29 6.95 -10.98
N ALA A 129 12.28 7.81 -10.96
CA ALA A 129 12.48 9.22 -10.69
C ALA A 129 13.04 9.44 -9.28
N ALA A 130 12.57 8.63 -8.33
CA ALA A 130 13.06 8.69 -6.97
C ALA A 130 14.53 8.32 -6.89
N LEU A 131 14.94 7.38 -7.74
CA LEU A 131 16.35 6.99 -7.82
C LEU A 131 17.19 8.07 -8.50
N GLU A 132 16.59 8.73 -9.48
CA GLU A 132 17.28 9.80 -10.22
C GLU A 132 17.48 11.02 -9.33
N HIS A 133 16.43 11.41 -8.62
CA HIS A 133 16.48 12.60 -7.78
C HIS A 133 15.88 12.33 -6.41
#